data_8WX0
#
_entry.id   8WX0
#
_cell.length_a   1.00
_cell.length_b   1.00
_cell.length_c   1.00
_cell.angle_alpha   90.00
_cell.angle_beta   90.00
_cell.angle_gamma   90.00
#
_symmetry.space_group_name_H-M   'P 1'
#
loop_
_entity.id
_entity.type
_entity.pdbx_description
1 polymer 'Bifunctional guanosine pentaphosphate synthetase/polyribonucleotide nucleotidyltransferase'
2 polymer 'RNA (24-mer)'
3 polymer 'RNA (24-mer)'
#
loop_
_entity_poly.entity_id
_entity_poly.type
_entity_poly.pdbx_seq_one_letter_code
_entity_poly.pdbx_strand_id
1 'polypeptide(L)'
;MGSSHHHHHHSSGLVPRGSHMMSAAEIDEGVFETTATIDNGSFGTRTIRFETGRLALQAAGAVVAYLDDDNMLLSATTAS
KNPKEHFDFFPLTVDVEERMYAAGRIPGSFFRREGRPSTDAILTCRLIDRPLRPSFVDGLRNEIQIVVTILSLDPGDLYD
VLAINAASASTQLGGLPFSGPIGGVRVALIDGTWVGFPTVDQIERAVFDMVVAGRIVEGDVAIMMVEAEATENVVELVEG
GAQAPTESVVAAGLEAAKPFIAALCTAQQELADAAGKSGKPTVDFPVFPDYGEDVYYSVSSVATDELAAALTIGGKAERD
QRIDEIKTQVVQRLADTYEGREKEVGAALRALTKKLVRQRILTDHFRIDGRGITDIRALSAEVAVVPRAHGSALFERGET
QILGVTTLDMIKMAQQIDSLGPETSKRYMHHYNFPPFSTGETGRVGSPKRREIGHGALAERALVPVLPSVEEFPYAIRQV
SEALGSNGSTSMGSVCASTLALLNAGVPLKAPVAGIAMGLVSDDIQVEGAVDGVVERRFVTLTDILGAEDAFGDMDFKVA
GTKDFVTALQLDTKLDGIPSQVLAGALEQAKDARLTILEVMAEAIDRPDEMSPYAPRVTTIKVPVDKIGEVIGPKGKVIN
AITEETGAQISIEDDGTVFVGATDGPSAQAAIDKINAIANPQLPTVGERFLGTVVKTTDFGAFVSLLPGRDGLVHISKLG
KGKRIAKVEDVVNVGDKLRVEIADIDKRGKISLILVADEDSTAAATDAATVTS
;
A,B,C
2 'polyribonucleotide' GGGUCGCAAUUGAUUCCCUUAGUG E
3 'polyribonucleotide' GGGUCGCAAUUUAUUCCGAUAGUG F,G,D
#
loop_
_chem_comp.id
_chem_comp.type
_chem_comp.name
_chem_comp.formula
A RNA linking ADENOSINE-5'-MONOPHOSPHATE 'C10 H14 N5 O7 P'
C RNA linking CYTIDINE-5'-MONOPHOSPHATE 'C9 H14 N3 O8 P'
G RNA linking GUANOSINE-5'-MONOPHOSPHATE 'C10 H14 N5 O8 P'
U RNA linking URIDINE-5'-MONOPHOSPHATE 'C9 H13 N2 O9 P'
#
# COMPACT_ATOMS: atom_id res chain seq x y z
N MET A 22 15.88 25.76 -34.81
CA MET A 22 15.62 24.38 -35.21
C MET A 22 14.15 24.02 -35.01
N SER A 23 13.63 24.33 -33.82
CA SER A 23 12.25 24.06 -33.46
C SER A 23 11.88 22.60 -33.69
N ALA A 24 11.01 22.35 -34.67
CA ALA A 24 10.59 20.99 -35.01
C ALA A 24 11.17 20.53 -36.35
N ALA A 25 12.26 21.16 -36.79
CA ALA A 25 12.92 20.82 -38.05
C ALA A 25 11.96 20.95 -39.24
N GLU A 26 11.09 21.97 -39.18
CA GLU A 26 10.16 22.28 -40.26
C GLU A 26 9.26 21.09 -40.59
N ILE A 27 8.45 20.70 -39.60
CA ILE A 27 7.47 19.61 -39.68
C ILE A 27 7.98 18.48 -40.56
N ASP A 28 7.39 18.28 -41.75
CA ASP A 28 7.89 17.34 -42.75
C ASP A 28 8.01 15.92 -42.20
N GLU A 29 7.17 15.57 -41.24
CA GLU A 29 7.19 14.25 -40.63
C GLU A 29 5.75 13.82 -40.38
N GLY A 30 5.58 12.75 -39.60
CA GLY A 30 4.26 12.33 -39.19
C GLY A 30 3.58 13.26 -38.22
N VAL A 31 4.30 14.26 -37.70
CA VAL A 31 3.72 15.22 -36.76
C VAL A 31 2.64 16.03 -37.46
N PHE A 32 1.46 16.07 -36.86
CA PHE A 32 0.31 16.79 -37.38
C PHE A 32 -0.17 17.80 -36.34
N GLU A 33 -0.54 18.99 -36.81
CA GLU A 33 -0.93 20.09 -35.94
C GLU A 33 -2.31 20.60 -36.32
N THR A 34 -3.11 20.93 -35.32
CA THR A 34 -4.40 21.56 -35.51
C THR A 34 -4.59 22.60 -34.42
N THR A 35 -5.33 23.66 -34.74
CA THR A 35 -5.54 24.74 -33.80
C THR A 35 -7.02 25.11 -33.75
N ALA A 36 -7.47 25.53 -32.57
CA ALA A 36 -8.81 26.04 -32.35
C ALA A 36 -8.71 27.39 -31.68
N THR A 37 -9.41 28.39 -32.24
CA THR A 37 -9.37 29.75 -31.75
C THR A 37 -10.65 30.03 -30.97
N ILE A 38 -10.51 30.22 -29.66
CA ILE A 38 -11.62 30.60 -28.80
C ILE A 38 -11.66 32.12 -28.75
N ASP A 39 -12.64 32.70 -29.42
CA ASP A 39 -12.79 34.15 -29.53
C ASP A 39 -13.47 34.66 -28.26
N ASN A 40 -12.65 34.94 -27.26
CA ASN A 40 -13.15 35.49 -26.01
C ASN A 40 -13.90 36.79 -26.23
N GLY A 41 -13.30 37.71 -26.97
CA GLY A 41 -13.90 39.01 -27.21
C GLY A 41 -13.07 40.16 -26.69
N SER A 42 -13.61 40.89 -25.72
CA SER A 42 -12.88 42.05 -25.18
C SER A 42 -11.73 41.62 -24.28
N PHE A 43 -11.96 40.60 -23.45
CA PHE A 43 -10.96 40.23 -22.44
C PHE A 43 -9.75 39.54 -23.04
N GLY A 44 -9.86 39.01 -24.25
CA GLY A 44 -8.70 38.36 -24.87
C GLY A 44 -9.13 37.44 -26.00
N THR A 45 -8.30 36.43 -26.23
CA THR A 45 -8.56 35.39 -27.22
C THR A 45 -7.59 34.23 -27.00
N ARG A 46 -8.10 33.01 -26.95
CA ARG A 46 -7.27 31.86 -26.62
C ARG A 46 -7.08 30.96 -27.84
N THR A 47 -5.98 30.21 -27.83
CA THR A 47 -5.63 29.30 -28.92
C THR A 47 -5.23 27.97 -28.33
N ILE A 48 -5.99 26.92 -28.66
CA ILE A 48 -5.73 25.57 -28.18
C ILE A 48 -5.20 24.75 -29.34
N ARG A 49 -3.99 24.21 -29.20
CA ARG A 49 -3.30 23.53 -30.28
C ARG A 49 -3.07 22.07 -29.92
N PHE A 50 -3.48 21.17 -30.82
CA PHE A 50 -3.26 19.74 -30.66
C PHE A 50 -2.20 19.28 -31.65
N GLU A 51 -1.18 18.60 -31.15
CA GLU A 51 -0.07 18.12 -31.97
C GLU A 51 0.10 16.63 -31.74
N THR A 52 0.46 15.90 -32.79
CA THR A 52 0.66 14.46 -32.69
C THR A 52 1.83 14.03 -33.53
N GLY A 53 2.31 12.81 -33.27
CA GLY A 53 3.35 12.20 -34.06
C GLY A 53 4.77 12.46 -33.63
N ARG A 54 4.99 13.33 -32.64
CA ARG A 54 6.34 13.67 -32.20
C ARG A 54 6.71 12.98 -30.89
N LEU A 55 5.82 13.01 -29.90
CA LEU A 55 6.09 12.47 -28.57
C LEU A 55 5.27 11.21 -28.33
N ALA A 56 5.90 10.23 -27.69
CA ALA A 56 5.26 8.99 -27.28
C ALA A 56 4.64 8.26 -28.47
N LEU A 57 5.49 7.92 -29.43
CA LEU A 57 5.03 7.18 -30.60
C LEU A 57 4.60 5.77 -30.24
N GLN A 58 5.15 5.20 -29.18
CA GLN A 58 4.90 3.80 -28.86
C GLN A 58 3.50 3.56 -28.29
N ALA A 59 2.88 4.58 -27.72
CA ALA A 59 1.54 4.42 -27.17
C ALA A 59 0.52 4.23 -28.29
N ALA A 60 -0.64 3.70 -27.91
CA ALA A 60 -1.72 3.53 -28.88
C ALA A 60 -2.16 4.87 -29.45
N GLY A 61 -2.27 5.89 -28.60
CA GLY A 61 -2.52 7.24 -29.07
C GLY A 61 -1.82 8.26 -28.20
N ALA A 62 -1.30 9.33 -28.79
CA ALA A 62 -0.58 10.33 -28.02
C ALA A 62 -0.82 11.70 -28.64
N VAL A 63 -1.22 12.66 -27.81
CA VAL A 63 -1.49 14.02 -28.24
C VAL A 63 -0.87 14.98 -27.24
N VAL A 64 -0.11 15.95 -27.75
CA VAL A 64 0.43 17.03 -26.93
C VAL A 64 -0.44 18.25 -27.14
N ALA A 65 -0.94 18.82 -26.05
CA ALA A 65 -1.87 19.94 -26.10
C ALA A 65 -1.19 21.19 -25.56
N TYR A 66 -1.28 22.27 -26.32
CA TYR A 66 -0.71 23.56 -25.98
C TYR A 66 -1.83 24.58 -25.82
N LEU A 67 -1.67 25.48 -24.86
CA LEU A 67 -2.59 26.59 -24.65
C LEU A 67 -1.75 27.85 -24.47
N ASP A 68 -2.01 28.86 -25.31
CA ASP A 68 -1.29 30.14 -25.27
C ASP A 68 0.21 29.96 -25.48
N ASP A 69 0.61 28.89 -26.16
CA ASP A 69 2.00 28.57 -26.44
C ASP A 69 2.86 28.53 -25.17
N ASP A 70 2.23 28.38 -24.01
CA ASP A 70 2.95 28.33 -22.75
C ASP A 70 2.46 27.25 -21.80
N ASN A 71 1.30 26.65 -22.04
CA ASN A 71 0.78 25.58 -21.19
C ASN A 71 0.73 24.31 -22.03
N MET A 72 1.74 23.45 -21.88
CA MET A 72 1.86 22.24 -22.67
C MET A 72 1.71 21.03 -21.76
N LEU A 73 0.91 20.06 -22.20
CA LEU A 73 0.81 18.79 -21.50
C LEU A 73 0.70 17.66 -22.51
N LEU A 74 0.97 16.44 -22.04
CA LEU A 74 0.93 15.25 -22.87
C LEU A 74 -0.24 14.39 -22.44
N SER A 75 -0.84 13.68 -23.39
CA SER A 75 -1.91 12.75 -23.09
C SER A 75 -1.69 11.49 -23.92
N ALA A 76 -1.54 10.36 -23.23
CA ALA A 76 -1.29 9.08 -23.89
C ALA A 76 -2.35 8.08 -23.48
N THR A 77 -3.02 7.49 -24.46
CA THR A 77 -4.05 6.49 -24.25
C THR A 77 -3.55 5.15 -24.78
N THR A 78 -3.67 4.12 -23.95
CA THR A 78 -3.20 2.79 -24.30
C THR A 78 -4.24 1.75 -23.92
N ALA A 79 -4.25 0.64 -24.63
CA ALA A 79 -5.19 -0.44 -24.40
C ALA A 79 -4.46 -1.78 -24.36
N SER A 80 -4.97 -2.69 -23.55
CA SER A 80 -4.36 -4.00 -23.42
C SER A 80 -4.59 -4.84 -24.68
N LYS A 81 -3.73 -5.83 -24.86
CA LYS A 81 -3.80 -6.72 -26.01
C LYS A 81 -4.71 -7.91 -25.79
N ASN A 82 -5.27 -8.07 -24.58
CA ASN A 82 -6.17 -9.17 -24.27
C ASN A 82 -7.13 -8.76 -23.16
N PRO A 83 -8.44 -8.79 -23.41
CA PRO A 83 -9.39 -8.31 -22.41
C PRO A 83 -9.32 -9.13 -21.12
N LYS A 84 -9.50 -8.44 -20.01
CA LYS A 84 -9.52 -9.06 -18.68
C LYS A 84 -10.93 -9.55 -18.40
N GLU A 85 -11.07 -10.85 -18.15
CA GLU A 85 -12.39 -11.48 -18.09
C GLU A 85 -13.04 -11.41 -16.72
N HIS A 86 -12.26 -11.40 -15.64
CA HIS A 86 -12.86 -11.47 -14.31
C HIS A 86 -13.62 -10.19 -13.96
N PHE A 87 -13.19 -9.05 -14.50
CA PHE A 87 -13.89 -7.79 -14.25
C PHE A 87 -15.28 -7.85 -14.87
N ASP A 88 -16.31 -7.58 -14.07
CA ASP A 88 -17.67 -7.53 -14.57
C ASP A 88 -18.03 -6.17 -15.16
N PHE A 89 -17.13 -5.19 -15.08
CA PHE A 89 -17.39 -3.84 -15.56
C PHE A 89 -16.32 -3.38 -16.54
N PHE A 90 -16.35 -2.10 -16.88
CA PHE A 90 -15.37 -1.53 -17.81
C PHE A 90 -14.16 -1.05 -17.01
N PRO A 91 -12.99 -1.64 -17.19
CA PRO A 91 -11.80 -1.27 -16.40
C PRO A 91 -11.00 -0.11 -17.02
N LEU A 92 -11.53 1.09 -16.91
CA LEU A 92 -10.88 2.29 -17.40
C LEU A 92 -10.14 2.98 -16.26
N THR A 93 -8.90 3.37 -16.50
CA THR A 93 -8.09 4.08 -15.52
C THR A 93 -7.62 5.40 -16.09
N VAL A 94 -7.67 6.46 -15.29
CA VAL A 94 -7.23 7.78 -15.68
C VAL A 94 -6.24 8.29 -14.64
N ASP A 95 -5.05 8.67 -15.07
CA ASP A 95 -4.00 9.13 -14.18
C ASP A 95 -3.50 10.49 -14.63
N VAL A 96 -3.59 11.48 -13.76
CA VAL A 96 -3.10 12.83 -14.03
C VAL A 96 -1.76 12.96 -13.30
N GLU A 97 -0.68 12.64 -14.02
CA GLU A 97 0.67 12.80 -13.48
C GLU A 97 1.02 14.28 -13.58
N GLU A 98 0.78 15.01 -12.49
CA GLU A 98 1.11 16.43 -12.44
C GLU A 98 2.54 16.55 -11.94
N ARG A 99 3.49 16.45 -12.87
CA ARG A 99 4.90 16.53 -12.52
C ARG A 99 5.23 17.91 -11.97
N MET A 100 6.11 17.94 -10.97
CA MET A 100 6.35 19.17 -10.23
C MET A 100 7.20 20.15 -11.04
N TYR A 101 8.08 19.66 -11.91
CA TYR A 101 8.95 20.54 -12.68
C TYR A 101 8.16 21.49 -13.58
N ALA A 102 6.91 21.13 -13.90
CA ALA A 102 6.07 22.03 -14.68
C ALA A 102 5.86 23.36 -13.99
N ALA A 103 5.89 23.38 -12.67
CA ALA A 103 5.78 24.62 -11.91
C ALA A 103 7.14 25.22 -11.58
N GLY A 104 8.23 24.61 -12.05
CA GLY A 104 9.55 25.15 -11.82
C GLY A 104 10.03 25.08 -10.39
N ARG A 105 9.49 24.17 -9.59
CA ARG A 105 9.90 24.02 -8.20
C ARG A 105 10.13 22.54 -7.90
N ILE A 106 11.17 22.27 -7.12
CA ILE A 106 11.40 20.91 -6.61
C ILE A 106 10.29 20.56 -5.62
N PRO A 107 9.80 19.33 -5.60
CA PRO A 107 8.78 18.98 -4.59
C PRO A 107 9.29 19.21 -3.18
N GLY A 108 8.39 19.65 -2.32
CA GLY A 108 8.73 19.89 -0.93
C GLY A 108 8.76 18.66 -0.06
N SER A 109 8.50 17.50 -0.64
CA SER A 109 8.52 16.25 0.12
C SER A 109 9.95 15.96 0.60
N PHE A 110 10.03 15.18 1.68
CA PHE A 110 11.33 14.79 2.20
C PHE A 110 12.09 13.92 1.23
N PHE A 111 11.40 13.20 0.35
CA PHE A 111 12.04 12.38 -0.66
C PHE A 111 12.20 13.11 -1.99
N ARG A 112 11.76 14.36 -2.07
CA ARG A 112 11.95 15.22 -3.24
C ARG A 112 11.46 14.55 -4.52
N ARG A 113 10.32 13.86 -4.42
CA ARG A 113 9.74 13.18 -5.57
C ARG A 113 8.23 13.35 -5.55
N GLU A 114 7.62 13.20 -6.73
CA GLU A 114 6.17 13.27 -6.84
C GLU A 114 5.56 12.06 -6.15
N GLY A 115 4.99 12.28 -4.98
CA GLY A 115 4.43 11.19 -4.20
C GLY A 115 3.04 10.81 -4.62
N ARG A 116 2.14 10.67 -3.64
CA ARG A 116 0.76 10.31 -3.96
C ARG A 116 0.08 11.45 -4.71
N PRO A 117 -0.90 11.13 -5.55
CA PRO A 117 -1.60 12.18 -6.31
C PRO A 117 -2.28 13.16 -5.37
N SER A 118 -2.21 14.44 -5.73
CA SER A 118 -2.80 15.48 -4.91
C SER A 118 -4.33 15.47 -5.05
N THR A 119 -4.99 16.23 -4.18
CA THR A 119 -6.45 16.30 -4.23
C THR A 119 -6.93 16.89 -5.55
N ASP A 120 -6.27 17.95 -6.03
CA ASP A 120 -6.66 18.55 -7.29
C ASP A 120 -6.39 17.61 -8.46
N ALA A 121 -5.32 16.82 -8.39
CA ALA A 121 -5.09 15.81 -9.42
C ALA A 121 -6.21 14.79 -9.44
N ILE A 122 -6.66 14.35 -8.26
CA ILE A 122 -7.77 13.40 -8.18
C ILE A 122 -9.04 14.00 -8.78
N LEU A 123 -9.30 15.28 -8.46
CA LEU A 123 -10.46 15.95 -9.03
C LEU A 123 -10.35 16.04 -10.54
N THR A 124 -9.14 16.26 -11.06
CA THR A 124 -8.96 16.31 -12.52
C THR A 124 -9.21 14.95 -13.16
N CYS A 125 -8.75 13.87 -12.52
CA CYS A 125 -9.08 12.54 -13.02
C CYS A 125 -10.59 12.32 -13.02
N ARG A 126 -11.28 12.77 -11.97
CA ARG A 126 -12.73 12.64 -11.93
C ARG A 126 -13.38 13.42 -13.06
N LEU A 127 -12.90 14.64 -13.30
CA LEU A 127 -13.47 15.48 -14.36
C LEU A 127 -13.28 14.84 -15.74
N ILE A 128 -12.12 14.23 -15.96
CA ILE A 128 -11.89 13.55 -17.23
C ILE A 128 -12.73 12.28 -17.32
N ASP A 129 -12.89 11.56 -16.21
CA ASP A 129 -13.58 10.28 -16.24
C ASP A 129 -15.07 10.42 -16.41
N ARG A 130 -15.66 11.50 -15.89
CA ARG A 130 -17.12 11.62 -15.91
C ARG A 130 -17.72 11.55 -17.30
N PRO A 131 -17.24 12.30 -18.31
CA PRO A 131 -17.85 12.19 -19.64
C PRO A 131 -17.25 11.08 -20.49
N LEU A 132 -16.00 10.72 -20.21
CA LEU A 132 -15.31 9.72 -21.03
C LEU A 132 -15.91 8.32 -20.84
N ARG A 133 -16.24 7.97 -19.60
CA ARG A 133 -16.70 6.61 -19.31
C ARG A 133 -17.94 6.21 -20.10
N PRO A 134 -18.99 7.03 -20.22
CA PRO A 134 -20.14 6.61 -21.05
C PRO A 134 -19.87 6.66 -22.53
N SER A 135 -18.82 7.34 -22.98
CA SER A 135 -18.55 7.43 -24.41
C SER A 135 -18.07 6.10 -24.98
N PHE A 136 -17.31 5.33 -24.21
CA PHE A 136 -16.86 4.02 -24.66
C PHE A 136 -18.05 3.09 -24.85
N VAL A 137 -17.91 2.19 -25.83
CA VAL A 137 -19.00 1.26 -26.14
C VAL A 137 -19.27 0.36 -24.94
N ASP A 138 -20.55 0.09 -24.68
CA ASP A 138 -20.93 -0.71 -23.53
C ASP A 138 -20.42 -2.14 -23.67
N GLY A 139 -20.09 -2.75 -22.54
CA GLY A 139 -19.63 -4.12 -22.51
C GLY A 139 -18.15 -4.30 -22.79
N LEU A 140 -17.38 -3.23 -22.93
CA LEU A 140 -15.96 -3.37 -23.21
C LEU A 140 -15.23 -3.90 -21.98
N ARG A 141 -14.28 -4.82 -22.22
CA ARG A 141 -13.51 -5.42 -21.15
C ARG A 141 -12.02 -5.12 -21.22
N ASN A 142 -11.51 -4.65 -22.35
CA ASN A 142 -10.09 -4.31 -22.45
C ASN A 142 -9.75 -3.18 -21.50
N GLU A 143 -8.57 -3.28 -20.88
CA GLU A 143 -8.13 -2.26 -19.93
C GLU A 143 -7.62 -1.05 -20.70
N ILE A 144 -8.28 0.09 -20.50
CA ILE A 144 -7.92 1.34 -21.17
C ILE A 144 -7.32 2.27 -20.14
N GLN A 145 -6.06 2.66 -20.33
CA GLN A 145 -5.38 3.57 -19.43
C GLN A 145 -5.10 4.88 -20.17
N ILE A 146 -5.57 5.98 -19.61
CA ILE A 146 -5.28 7.31 -20.11
C ILE A 146 -4.39 8.00 -19.08
N VAL A 147 -3.22 8.46 -19.51
CA VAL A 147 -2.27 9.14 -18.65
C VAL A 147 -2.01 10.52 -19.23
N VAL A 148 -2.32 11.55 -18.46
CA VAL A 148 -2.04 12.92 -18.86
C VAL A 148 -0.94 13.47 -17.95
N THR A 149 0.18 13.85 -18.57
CA THR A 149 1.35 14.35 -17.85
C THR A 149 1.43 15.86 -18.02
N ILE A 150 1.56 16.56 -16.90
CA ILE A 150 1.60 18.02 -16.90
C ILE A 150 3.05 18.44 -17.02
N LEU A 151 3.46 18.81 -18.23
CA LEU A 151 4.84 19.18 -18.51
C LEU A 151 5.12 20.66 -18.27
N SER A 152 4.17 21.53 -18.59
CA SER A 152 4.34 22.96 -18.37
C SER A 152 3.00 23.57 -18.01
N LEU A 153 3.07 24.71 -17.32
CA LEU A 153 1.85 25.39 -16.88
C LEU A 153 2.18 26.83 -16.52
N ASP A 154 1.34 27.75 -16.96
CA ASP A 154 1.45 29.14 -16.53
C ASP A 154 1.22 29.22 -15.01
N PRO A 155 1.90 30.12 -14.30
CA PRO A 155 1.68 30.21 -12.85
C PRO A 155 0.37 30.89 -12.50
N GLY A 156 -0.48 31.10 -13.51
CA GLY A 156 -1.79 31.67 -13.27
C GLY A 156 -2.88 31.07 -14.13
N ASP A 157 -2.68 29.83 -14.57
CA ASP A 157 -3.63 29.16 -15.44
C ASP A 157 -3.95 27.77 -14.89
N LEU A 158 -5.11 27.26 -15.27
CA LEU A 158 -5.56 25.93 -14.90
C LEU A 158 -5.39 24.97 -16.06
N TYR A 159 -5.51 23.67 -15.78
CA TYR A 159 -5.21 22.65 -16.77
C TYR A 159 -6.25 21.54 -16.89
N ASP A 160 -7.21 21.43 -15.98
CA ASP A 160 -8.12 20.30 -15.99
C ASP A 160 -8.96 20.25 -17.27
N VAL A 161 -9.44 21.41 -17.71
CA VAL A 161 -10.21 21.46 -18.95
C VAL A 161 -9.33 21.15 -20.15
N LEU A 162 -8.12 21.71 -20.19
CA LEU A 162 -7.19 21.34 -21.24
C LEU A 162 -6.81 19.87 -21.11
N ALA A 163 -6.83 19.33 -19.89
CA ALA A 163 -6.53 17.92 -19.68
C ALA A 163 -7.61 17.03 -20.30
N ILE A 164 -8.89 17.36 -20.10
CA ILE A 164 -9.93 16.53 -20.71
C ILE A 164 -9.91 16.67 -22.23
N ASN A 165 -9.62 17.88 -22.74
CA ASN A 165 -9.47 18.04 -24.18
C ASN A 165 -8.38 17.12 -24.72
N ALA A 166 -7.20 17.13 -24.07
CA ALA A 166 -6.09 16.32 -24.54
C ALA A 166 -6.40 14.84 -24.43
N ALA A 167 -7.05 14.42 -23.34
CA ALA A 167 -7.38 13.01 -23.17
C ALA A 167 -8.35 12.55 -24.25
N SER A 168 -9.37 13.36 -24.55
CA SER A 168 -10.29 13.01 -25.61
C SER A 168 -9.58 12.92 -26.96
N ALA A 169 -8.70 13.87 -27.24
CA ALA A 169 -7.97 13.83 -28.52
C ALA A 169 -7.11 12.58 -28.63
N SER A 170 -6.38 12.25 -27.57
CA SER A 170 -5.51 11.07 -27.59
C SER A 170 -6.32 9.79 -27.74
N THR A 171 -7.46 9.71 -27.05
CA THR A 171 -8.30 8.51 -27.19
C THR A 171 -8.89 8.43 -28.59
N GLN A 172 -9.20 9.57 -29.20
CA GLN A 172 -9.68 9.56 -30.57
C GLN A 172 -8.60 9.05 -31.53
N LEU A 173 -7.35 9.47 -31.32
CA LEU A 173 -6.27 9.03 -32.20
C LEU A 173 -5.91 7.56 -32.02
N GLY A 174 -6.35 6.93 -30.94
CA GLY A 174 -5.95 5.56 -30.65
C GLY A 174 -6.64 4.50 -31.47
N GLY A 175 -7.70 4.85 -32.20
CA GLY A 175 -8.44 3.85 -32.94
C GLY A 175 -9.34 2.97 -32.10
N LEU A 176 -9.53 3.32 -30.83
CA LEU A 176 -10.37 2.53 -29.94
C LEU A 176 -11.85 2.69 -30.33
N PRO A 177 -12.70 1.76 -29.90
CA PRO A 177 -14.14 1.92 -30.12
C PRO A 177 -14.74 3.12 -29.40
N PHE A 178 -13.94 3.88 -28.67
CA PHE A 178 -14.37 5.16 -28.12
C PHE A 178 -14.96 6.03 -29.21
N SER A 179 -16.23 6.40 -29.05
CA SER A 179 -17.01 7.03 -30.10
C SER A 179 -17.20 8.50 -29.78
N GLY A 180 -16.79 9.37 -30.70
CA GLY A 180 -17.07 10.78 -30.60
C GLY A 180 -15.99 11.54 -29.86
N PRO A 181 -15.35 12.48 -30.53
CA PRO A 181 -14.44 13.40 -29.83
C PRO A 181 -15.20 14.18 -28.79
N ILE A 182 -14.55 14.43 -27.66
CA ILE A 182 -15.16 15.13 -26.53
C ILE A 182 -14.47 16.47 -26.36
N GLY A 183 -15.25 17.54 -26.35
CA GLY A 183 -14.73 18.87 -26.12
C GLY A 183 -15.04 19.32 -24.70
N GLY A 184 -14.13 20.08 -24.12
CA GLY A 184 -14.31 20.61 -22.79
C GLY A 184 -13.90 22.06 -22.72
N VAL A 185 -14.73 22.86 -22.06
CA VAL A 185 -14.47 24.29 -21.90
C VAL A 185 -14.72 24.63 -20.44
N ARG A 186 -14.10 25.71 -19.98
CA ARG A 186 -14.39 26.28 -18.66
C ARG A 186 -14.86 27.71 -18.88
N VAL A 187 -16.16 27.93 -18.75
CA VAL A 187 -16.74 29.25 -18.97
C VAL A 187 -17.05 29.88 -17.62
N ALA A 188 -16.57 31.10 -17.40
CA ALA A 188 -16.85 31.85 -16.20
C ALA A 188 -17.36 33.22 -16.61
N LEU A 189 -18.33 33.75 -15.88
CA LEU A 189 -18.90 35.04 -16.30
C LEU A 189 -18.40 36.18 -15.43
N ILE A 190 -18.00 37.26 -16.07
CA ILE A 190 -17.65 38.52 -15.42
C ILE A 190 -18.50 39.62 -16.02
N ASP A 191 -19.13 40.41 -15.16
CA ASP A 191 -20.03 41.51 -15.53
C ASP A 191 -20.92 41.13 -16.71
N GLY A 192 -21.52 39.95 -16.62
CA GLY A 192 -22.51 39.51 -17.59
C GLY A 192 -21.97 38.87 -18.85
N THR A 193 -20.65 38.82 -19.03
CA THR A 193 -20.04 38.21 -20.20
C THR A 193 -19.42 36.88 -19.82
N TRP A 194 -19.75 35.84 -20.57
CA TRP A 194 -19.27 34.48 -20.29
C TRP A 194 -18.01 34.22 -21.09
N VAL A 195 -16.87 34.25 -20.43
CA VAL A 195 -15.60 34.02 -21.10
C VAL A 195 -15.25 32.54 -21.00
N GLY A 196 -14.41 32.08 -21.92
CA GLY A 196 -13.93 30.72 -21.94
C GLY A 196 -12.46 30.65 -21.55
N PHE A 197 -12.12 29.65 -20.76
CA PHE A 197 -10.76 29.43 -20.27
C PHE A 197 -10.21 30.66 -19.54
N PRO A 198 -10.85 31.08 -18.46
CA PRO A 198 -10.39 32.30 -17.77
C PRO A 198 -9.08 32.10 -17.03
N THR A 199 -8.33 33.19 -16.93
CA THR A 199 -7.15 33.23 -16.09
C THR A 199 -7.58 33.30 -14.62
N VAL A 200 -6.67 32.96 -13.72
CA VAL A 200 -6.98 32.94 -12.29
C VAL A 200 -7.51 34.31 -11.83
N ASP A 201 -6.92 35.39 -12.34
CA ASP A 201 -7.42 36.72 -12.02
C ASP A 201 -8.84 36.92 -12.56
N GLN A 202 -9.11 36.43 -13.77
CA GLN A 202 -10.44 36.56 -14.34
C GLN A 202 -11.48 35.82 -13.52
N ILE A 203 -11.13 34.63 -13.03
CA ILE A 203 -12.07 33.89 -12.20
C ILE A 203 -12.17 34.51 -10.81
N GLU A 204 -11.13 35.26 -10.39
CA GLU A 204 -11.25 36.05 -9.18
C GLU A 204 -12.26 37.17 -9.35
N ARG A 205 -12.28 37.79 -10.53
CA ARG A 205 -13.25 38.84 -10.83
C ARG A 205 -14.59 38.28 -11.30
N ALA A 206 -14.69 36.98 -11.55
CA ALA A 206 -15.93 36.38 -12.01
C ALA A 206 -16.88 36.18 -10.84
N VAL A 207 -18.11 35.75 -11.15
CA VAL A 207 -19.10 35.43 -10.13
C VAL A 207 -19.74 34.06 -10.34
N PHE A 208 -19.30 33.30 -11.33
CA PHE A 208 -19.74 31.91 -11.50
C PHE A 208 -18.84 31.23 -12.52
N ASP A 209 -18.43 30.00 -12.21
CA ASP A 209 -17.55 29.21 -13.05
C ASP A 209 -18.22 27.88 -13.38
N MET A 210 -18.03 27.43 -14.62
CA MET A 210 -18.83 26.36 -15.19
C MET A 210 -17.90 25.51 -16.05
N VAL A 211 -17.45 24.38 -15.53
CA VAL A 211 -16.61 23.46 -16.30
C VAL A 211 -17.54 22.53 -17.06
N VAL A 212 -17.65 22.74 -18.37
CA VAL A 212 -18.59 22.03 -19.21
C VAL A 212 -17.83 21.13 -20.17
N ALA A 213 -18.51 20.08 -20.63
CA ALA A 213 -17.91 19.12 -21.56
C ALA A 213 -19.03 18.44 -22.33
N GLY A 214 -18.88 18.40 -23.65
CA GLY A 214 -19.89 17.80 -24.50
C GLY A 214 -19.32 17.40 -25.84
N ARG A 215 -20.18 16.81 -26.66
CA ARG A 215 -19.78 16.32 -27.97
C ARG A 215 -20.78 16.77 -29.03
N ILE A 216 -20.30 16.82 -30.27
CA ILE A 216 -21.13 17.19 -31.42
C ILE A 216 -21.79 15.93 -31.98
N VAL A 217 -23.10 15.99 -32.16
CA VAL A 217 -23.89 14.84 -32.62
C VAL A 217 -24.37 15.02 -34.06
N GLU A 218 -25.11 16.10 -34.33
CA GLU A 218 -25.71 16.35 -35.64
C GLU A 218 -25.48 17.80 -36.05
N GLY A 219 -24.23 18.25 -35.93
CA GLY A 219 -23.91 19.65 -36.15
C GLY A 219 -24.20 20.55 -34.98
N ASP A 220 -24.63 19.99 -33.85
CA ASP A 220 -24.89 20.74 -32.64
C ASP A 220 -24.32 19.98 -31.45
N VAL A 221 -23.97 20.71 -30.40
CA VAL A 221 -23.38 20.07 -29.23
C VAL A 221 -24.42 19.23 -28.51
N ALA A 222 -23.97 18.13 -27.92
CA ALA A 222 -24.80 17.25 -27.11
C ALA A 222 -24.11 17.18 -25.75
N ILE A 223 -24.55 18.03 -24.83
CA ILE A 223 -23.82 18.23 -23.58
C ILE A 223 -23.82 16.94 -22.77
N MET A 224 -22.72 16.70 -22.05
CA MET A 224 -22.54 15.42 -21.37
C MET A 224 -22.19 15.57 -19.90
N MET A 225 -21.41 16.60 -19.55
CA MET A 225 -21.00 16.76 -18.16
C MET A 225 -20.77 18.23 -17.89
N VAL A 226 -21.08 18.65 -16.66
CA VAL A 226 -20.65 19.98 -16.23
C VAL A 226 -20.69 20.11 -14.71
N GLU A 227 -19.61 20.65 -14.15
CA GLU A 227 -19.52 20.97 -12.73
C GLU A 227 -19.41 22.47 -12.56
N ALA A 228 -20.22 23.02 -11.66
CA ALA A 228 -20.35 24.46 -11.51
C ALA A 228 -20.04 24.87 -10.08
N GLU A 229 -19.22 25.90 -9.94
CA GLU A 229 -18.88 26.45 -8.63
C GLU A 229 -19.01 27.97 -8.67
N ALA A 230 -19.63 28.52 -7.63
CA ALA A 230 -19.62 29.96 -7.43
C ALA A 230 -18.32 30.34 -6.73
N THR A 231 -17.68 31.39 -7.20
CA THR A 231 -16.37 31.77 -6.70
C THR A 231 -16.47 32.25 -5.25
N GLU A 232 -15.30 32.52 -4.66
CA GLU A 232 -15.25 32.87 -3.24
C GLU A 232 -15.89 34.22 -2.97
N ASN A 233 -15.82 35.14 -3.93
CA ASN A 233 -16.31 36.52 -3.74
C ASN A 233 -17.65 36.74 -4.43
N VAL A 234 -18.51 35.73 -4.45
CA VAL A 234 -19.77 35.84 -5.19
C VAL A 234 -20.69 36.85 -4.52
N VAL A 235 -20.77 36.82 -3.20
CA VAL A 235 -21.69 37.71 -2.49
C VAL A 235 -21.30 39.17 -2.69
N GLU A 236 -20.02 39.48 -2.56
CA GLU A 236 -19.56 40.85 -2.71
C GLU A 236 -19.72 41.34 -4.15
N LEU A 237 -19.42 40.46 -5.13
CA LEU A 237 -19.62 40.84 -6.53
C LEU A 237 -21.10 41.09 -6.83
N VAL A 238 -21.99 40.25 -6.31
CA VAL A 238 -23.42 40.45 -6.53
C VAL A 238 -23.89 41.75 -5.90
N GLU A 239 -23.45 42.02 -4.65
CA GLU A 239 -23.79 43.28 -4.02
C GLU A 239 -23.14 44.47 -4.73
N GLY A 240 -22.07 44.23 -5.49
CA GLY A 240 -21.43 45.27 -6.27
C GLY A 240 -22.09 45.60 -7.58
N GLY A 241 -23.18 44.91 -7.93
CA GLY A 241 -23.93 45.18 -9.14
C GLY A 241 -24.00 44.00 -10.10
N ALA A 242 -23.13 43.01 -9.95
CA ALA A 242 -23.14 41.86 -10.85
C ALA A 242 -24.42 41.06 -10.69
N GLN A 243 -24.88 40.47 -11.80
CA GLN A 243 -26.07 39.64 -11.77
C GLN A 243 -25.80 38.36 -11.00
N ALA A 244 -26.68 38.05 -10.05
CA ALA A 244 -26.48 36.86 -9.23
C ALA A 244 -26.63 35.59 -10.07
N PRO A 245 -25.85 34.56 -9.79
CA PRO A 245 -25.93 33.31 -10.57
C PRO A 245 -27.17 32.47 -10.23
N THR A 246 -28.32 32.95 -10.70
CA THR A 246 -29.58 32.23 -10.53
C THR A 246 -29.66 31.11 -11.56
N GLU A 247 -30.82 30.46 -11.64
CA GLU A 247 -30.99 29.36 -12.59
C GLU A 247 -30.99 29.86 -14.02
N SER A 248 -31.57 31.03 -14.27
CA SER A 248 -31.55 31.61 -15.62
C SER A 248 -30.13 31.92 -16.05
N VAL A 249 -29.32 32.50 -15.14
CA VAL A 249 -27.92 32.77 -15.45
C VAL A 249 -27.18 31.46 -15.70
N VAL A 250 -27.52 30.42 -14.94
CA VAL A 250 -26.88 29.12 -15.14
C VAL A 250 -27.20 28.58 -16.53
N ALA A 251 -28.46 28.69 -16.95
CA ALA A 251 -28.84 28.23 -18.28
C ALA A 251 -28.17 29.05 -19.36
N ALA A 252 -28.01 30.36 -19.13
CA ALA A 252 -27.28 31.20 -20.07
C ALA A 252 -25.83 30.75 -20.19
N GLY A 253 -25.21 30.39 -19.07
CA GLY A 253 -23.86 29.86 -19.13
C GLY A 253 -23.79 28.53 -19.84
N LEU A 254 -24.80 27.68 -19.67
CA LEU A 254 -24.87 26.43 -20.42
C LEU A 254 -24.95 26.70 -21.91
N GLU A 255 -25.71 27.72 -22.30
CA GLU A 255 -25.88 28.04 -23.71
C GLU A 255 -24.65 28.72 -24.30
N ALA A 256 -23.90 29.49 -23.50
CA ALA A 256 -22.75 30.21 -24.00
C ALA A 256 -21.56 29.30 -24.28
N ALA A 257 -21.50 28.13 -23.65
CA ALA A 257 -20.38 27.21 -23.83
C ALA A 257 -20.52 26.33 -25.05
N LYS A 258 -21.67 26.36 -25.72
CA LYS A 258 -21.87 25.51 -26.89
C LYS A 258 -20.92 25.83 -28.05
N PRO A 259 -20.73 27.10 -28.45
CA PRO A 259 -19.75 27.35 -29.53
C PRO A 259 -18.34 26.93 -29.20
N PHE A 260 -17.92 27.11 -27.94
CA PHE A 260 -16.57 26.71 -27.56
C PHE A 260 -16.40 25.20 -27.63
N ILE A 261 -17.41 24.44 -27.18
CA ILE A 261 -17.36 22.99 -27.30
C ILE A 261 -17.33 22.59 -28.77
N ALA A 262 -18.11 23.29 -29.61
CA ALA A 262 -18.11 22.99 -31.03
C ALA A 262 -16.72 23.20 -31.63
N ALA A 263 -16.06 24.31 -31.28
CA ALA A 263 -14.73 24.58 -31.80
C ALA A 263 -13.72 23.55 -31.31
N LEU A 264 -13.72 23.26 -30.01
CA LEU A 264 -12.75 22.33 -29.45
C LEU A 264 -13.03 20.88 -29.82
N CYS A 265 -14.21 20.58 -30.35
CA CYS A 265 -14.47 19.26 -30.91
C CYS A 265 -14.12 19.19 -32.39
N THR A 266 -14.38 20.26 -33.13
CA THR A 266 -14.00 20.30 -34.53
C THR A 266 -12.48 20.25 -34.68
N ALA A 267 -11.76 20.91 -33.79
CA ALA A 267 -10.30 20.86 -33.84
C ALA A 267 -9.77 19.44 -33.70
N GLN A 268 -10.33 18.69 -32.75
CA GLN A 268 -9.89 17.30 -32.57
C GLN A 268 -10.40 16.41 -33.70
N GLN A 269 -11.52 16.78 -34.33
CA GLN A 269 -12.01 16.00 -35.46
C GLN A 269 -11.18 16.20 -36.71
N GLU A 270 -10.47 17.33 -36.82
CA GLU A 270 -9.65 17.59 -38.00
C GLU A 270 -8.49 16.61 -38.12
N LEU A 271 -8.10 15.96 -37.02
CA LEU A 271 -7.11 14.88 -37.07
C LEU A 271 -7.79 13.64 -37.64
N ALA A 272 -8.02 13.69 -38.96
CA ALA A 272 -8.92 12.78 -39.65
C ALA A 272 -8.44 11.33 -39.53
N ASP A 273 -9.36 10.42 -39.87
CA ASP A 273 -9.12 8.99 -39.78
C ASP A 273 -9.27 8.35 -41.15
N ALA A 274 -8.39 7.39 -41.44
CA ALA A 274 -8.40 6.67 -42.73
C ALA A 274 -8.26 7.62 -43.91
N ALA A 275 -7.48 8.69 -43.72
CA ALA A 275 -7.24 9.66 -44.78
C ALA A 275 -5.78 10.11 -44.84
N GLY A 276 -4.86 9.32 -44.29
CA GLY A 276 -3.47 9.71 -44.22
C GLY A 276 -3.08 10.54 -43.02
N LYS A 277 -4.04 10.93 -42.19
CA LYS A 277 -3.77 11.70 -40.99
C LYS A 277 -3.46 10.75 -39.83
N SER A 278 -3.36 11.30 -38.62
CA SER A 278 -3.01 10.50 -37.45
C SER A 278 -4.09 9.49 -37.07
N GLY A 279 -5.29 9.61 -37.63
CA GLY A 279 -6.33 8.63 -37.37
C GLY A 279 -5.98 7.28 -37.98
N LYS A 280 -5.64 6.31 -37.14
CA LYS A 280 -5.20 5.00 -37.57
C LYS A 280 -6.39 4.07 -37.77
N PRO A 281 -6.22 3.02 -38.60
CA PRO A 281 -7.27 2.02 -38.73
C PRO A 281 -7.55 1.33 -37.41
N THR A 282 -8.81 0.95 -37.21
CA THR A 282 -9.26 0.31 -35.99
C THR A 282 -9.27 -1.20 -36.17
N VAL A 283 -8.53 -1.91 -35.32
CA VAL A 283 -8.48 -3.36 -35.34
C VAL A 283 -9.66 -3.91 -34.54
N ASP A 284 -9.93 -5.21 -34.69
CA ASP A 284 -11.04 -5.83 -33.98
C ASP A 284 -10.87 -5.67 -32.47
N PHE A 285 -11.94 -5.25 -31.81
CA PHE A 285 -11.93 -4.94 -30.38
C PHE A 285 -13.09 -5.68 -29.74
N PRO A 286 -12.86 -6.88 -29.22
CA PRO A 286 -13.96 -7.71 -28.72
C PRO A 286 -14.72 -7.04 -27.58
N VAL A 287 -16.03 -7.24 -27.56
CA VAL A 287 -16.93 -6.67 -26.58
C VAL A 287 -17.71 -7.79 -25.92
N PHE A 288 -17.73 -7.82 -24.58
CA PHE A 288 -18.44 -8.86 -23.84
C PHE A 288 -19.77 -8.31 -23.36
N PRO A 289 -20.90 -8.80 -23.86
CA PRO A 289 -22.20 -8.30 -23.39
C PRO A 289 -22.72 -9.07 -22.19
N ASP A 290 -23.86 -8.65 -21.66
CA ASP A 290 -24.50 -9.31 -20.52
C ASP A 290 -25.65 -10.22 -20.94
N TYR A 291 -26.60 -9.68 -21.69
CA TYR A 291 -27.75 -10.43 -22.20
C TYR A 291 -27.87 -10.09 -23.68
N GLY A 292 -27.20 -10.88 -24.52
CA GLY A 292 -27.02 -10.47 -25.90
C GLY A 292 -28.27 -10.43 -26.76
N GLU A 293 -28.79 -11.60 -27.14
CA GLU A 293 -29.96 -11.64 -28.02
C GLU A 293 -31.01 -12.65 -27.63
N ASP A 294 -30.69 -13.70 -26.88
CA ASP A 294 -31.60 -14.82 -26.67
C ASP A 294 -32.20 -14.84 -25.27
N VAL A 295 -31.38 -14.71 -24.23
CA VAL A 295 -31.91 -14.73 -22.86
C VAL A 295 -32.84 -13.55 -22.63
N TYR A 296 -32.49 -12.38 -23.17
CA TYR A 296 -33.35 -11.21 -23.02
C TYR A 296 -34.71 -11.44 -23.65
N TYR A 297 -34.74 -12.05 -24.83
CA TYR A 297 -36.00 -12.32 -25.51
C TYR A 297 -36.87 -13.26 -24.68
N SER A 298 -36.27 -14.33 -24.14
CA SER A 298 -37.04 -15.28 -23.34
C SER A 298 -37.59 -14.62 -22.09
N VAL A 299 -36.76 -13.81 -21.41
CA VAL A 299 -37.23 -13.14 -20.19
C VAL A 299 -38.34 -12.15 -20.52
N SER A 300 -38.17 -11.37 -21.58
CA SER A 300 -39.19 -10.39 -21.97
C SER A 300 -40.43 -11.03 -22.57
N SER A 301 -40.38 -12.32 -22.91
CA SER A 301 -41.56 -13.00 -23.39
C SER A 301 -42.32 -13.73 -22.28
N VAL A 302 -41.60 -14.36 -21.34
CA VAL A 302 -42.25 -15.16 -20.31
C VAL A 302 -42.44 -14.43 -18.99
N ALA A 303 -41.81 -13.27 -18.81
CA ALA A 303 -41.88 -12.56 -17.53
C ALA A 303 -42.13 -11.08 -17.74
N THR A 304 -43.03 -10.75 -18.67
CA THR A 304 -43.40 -9.36 -18.93
C THR A 304 -44.75 -8.98 -18.36
N ASP A 305 -45.76 -9.84 -18.49
CA ASP A 305 -47.09 -9.51 -18.01
C ASP A 305 -47.14 -9.50 -16.49
N GLU A 306 -46.59 -10.55 -15.86
CA GLU A 306 -46.61 -10.62 -14.40
C GLU A 306 -45.74 -9.53 -13.78
N LEU A 307 -44.57 -9.26 -14.37
CA LEU A 307 -43.72 -8.20 -13.85
C LEU A 307 -44.40 -6.84 -13.95
N ALA A 308 -45.07 -6.57 -15.08
CA ALA A 308 -45.79 -5.31 -15.22
C ALA A 308 -46.94 -5.21 -14.23
N ALA A 309 -47.69 -6.30 -14.05
CA ALA A 309 -48.80 -6.29 -13.11
C ALA A 309 -48.34 -6.20 -11.66
N ALA A 310 -47.09 -6.58 -11.37
CA ALA A 310 -46.58 -6.52 -10.01
C ALA A 310 -46.41 -5.09 -9.50
N LEU A 311 -46.34 -4.11 -10.41
CA LEU A 311 -46.12 -2.72 -10.03
C LEU A 311 -47.42 -1.98 -9.72
N THR A 312 -48.57 -2.67 -9.79
CA THR A 312 -49.85 -2.01 -9.57
C THR A 312 -50.10 -1.69 -8.10
N ILE A 313 -49.62 -2.55 -7.19
CA ILE A 313 -49.95 -2.38 -5.78
C ILE A 313 -49.32 -1.10 -5.23
N GLY A 314 -48.02 -0.90 -5.49
CA GLY A 314 -47.32 0.27 -5.01
C GLY A 314 -46.80 0.19 -3.59
N GLY A 315 -47.07 -0.90 -2.88
CA GLY A 315 -46.56 -1.07 -1.53
C GLY A 315 -45.09 -1.50 -1.54
N LYS A 316 -44.25 -0.74 -0.84
CA LYS A 316 -42.81 -0.99 -0.91
C LYS A 316 -42.44 -2.37 -0.37
N ALA A 317 -43.06 -2.77 0.74
CA ALA A 317 -42.84 -4.13 1.24
C ALA A 317 -43.37 -5.16 0.26
N GLU A 318 -44.51 -4.88 -0.37
CA GLU A 318 -45.03 -5.77 -1.41
C GLU A 318 -44.07 -5.86 -2.58
N ARG A 319 -43.33 -4.79 -2.87
CA ARG A 319 -42.34 -4.85 -3.95
C ARG A 319 -41.28 -5.90 -3.66
N ASP A 320 -40.75 -5.91 -2.44
CA ASP A 320 -39.78 -6.93 -2.06
C ASP A 320 -40.43 -8.32 -2.08
N GLN A 321 -41.63 -8.43 -1.52
CA GLN A 321 -42.30 -9.72 -1.43
C GLN A 321 -42.56 -10.32 -2.81
N ARG A 322 -42.76 -9.47 -3.82
CA ARG A 322 -42.98 -9.95 -5.17
C ARG A 322 -41.67 -10.18 -5.92
N ILE A 323 -40.68 -9.28 -5.76
CA ILE A 323 -39.45 -9.39 -6.52
C ILE A 323 -38.62 -10.57 -6.04
N ASP A 324 -38.66 -10.90 -4.74
CA ASP A 324 -37.95 -12.08 -4.26
C ASP A 324 -38.52 -13.34 -4.90
N GLU A 325 -39.86 -13.45 -4.91
CA GLU A 325 -40.49 -14.60 -5.54
C GLU A 325 -40.17 -14.68 -7.02
N ILE A 326 -40.18 -13.53 -7.70
CA ILE A 326 -39.89 -13.51 -9.13
C ILE A 326 -38.45 -13.97 -9.39
N LYS A 327 -37.49 -13.36 -8.69
CA LYS A 327 -36.09 -13.71 -8.90
C LYS A 327 -35.77 -15.13 -8.47
N THR A 328 -36.60 -15.73 -7.62
CA THR A 328 -36.38 -17.13 -7.26
C THR A 328 -37.06 -18.11 -8.19
N GLN A 329 -38.21 -17.75 -8.78
CA GLN A 329 -39.00 -18.70 -9.54
C GLN A 329 -38.80 -18.60 -11.05
N VAL A 330 -38.64 -17.39 -11.61
CA VAL A 330 -38.41 -17.30 -13.05
C VAL A 330 -37.03 -17.85 -13.39
N VAL A 331 -36.06 -17.70 -12.49
CA VAL A 331 -34.74 -18.28 -12.72
C VAL A 331 -34.83 -19.80 -12.79
N GLN A 332 -35.55 -20.40 -11.84
CA GLN A 332 -35.70 -21.85 -11.85
C GLN A 332 -36.48 -22.32 -13.08
N ARG A 333 -37.52 -21.58 -13.47
CA ARG A 333 -38.27 -21.95 -14.66
C ARG A 333 -37.40 -21.88 -15.91
N LEU A 334 -36.54 -20.86 -16.00
CA LEU A 334 -35.68 -20.71 -17.17
C LEU A 334 -34.42 -21.55 -17.07
N ALA A 335 -34.09 -22.08 -15.88
CA ALA A 335 -32.89 -22.90 -15.74
C ALA A 335 -33.15 -24.32 -16.24
N ASP A 336 -33.66 -24.43 -17.46
CA ASP A 336 -33.86 -25.71 -18.13
C ASP A 336 -33.41 -25.71 -19.58
N THR A 337 -33.29 -24.55 -20.22
CA THR A 337 -32.81 -24.44 -21.58
C THR A 337 -31.53 -23.61 -21.72
N TYR A 338 -31.31 -22.64 -20.83
CA TYR A 338 -30.14 -21.77 -20.86
C TYR A 338 -29.36 -22.04 -19.57
N GLU A 339 -28.47 -23.02 -19.62
CA GLU A 339 -27.77 -23.50 -18.43
C GLU A 339 -26.40 -22.84 -18.31
N GLY A 340 -25.98 -22.61 -17.07
CA GLY A 340 -24.70 -21.99 -16.80
C GLY A 340 -24.66 -20.50 -16.96
N ARG A 341 -25.81 -19.84 -17.08
CA ARG A 341 -25.89 -18.40 -17.30
C ARG A 341 -26.87 -17.76 -16.32
N GLU A 342 -26.81 -18.17 -15.05
CA GLU A 342 -27.74 -17.64 -14.05
C GLU A 342 -27.55 -16.14 -13.86
N LYS A 343 -26.30 -15.68 -13.82
CA LYS A 343 -26.06 -14.25 -13.71
C LYS A 343 -26.58 -13.51 -14.93
N GLU A 344 -26.53 -14.14 -16.11
CA GLU A 344 -27.08 -13.52 -17.31
C GLU A 344 -28.59 -13.35 -17.21
N VAL A 345 -29.30 -14.37 -16.72
CA VAL A 345 -30.75 -14.24 -16.58
C VAL A 345 -31.09 -13.23 -15.49
N GLY A 346 -30.26 -13.14 -14.45
CA GLY A 346 -30.46 -12.08 -13.47
C GLY A 346 -30.28 -10.70 -14.07
N ALA A 347 -29.28 -10.54 -14.94
CA ALA A 347 -29.08 -9.27 -15.64
C ALA A 347 -30.29 -8.94 -16.50
N ALA A 348 -30.82 -9.92 -17.22
CA ALA A 348 -32.01 -9.69 -18.03
C ALA A 348 -33.19 -9.29 -17.16
N LEU A 349 -33.35 -9.94 -16.01
CA LEU A 349 -34.45 -9.60 -15.11
C LEU A 349 -34.33 -8.18 -14.61
N ARG A 350 -33.14 -7.76 -14.16
CA ARG A 350 -33.02 -6.39 -13.68
C ARG A 350 -33.18 -5.38 -14.80
N ALA A 351 -32.74 -5.72 -16.02
CA ALA A 351 -32.98 -4.82 -17.15
C ALA A 351 -34.46 -4.67 -17.43
N LEU A 352 -35.21 -5.77 -17.39
CA LEU A 352 -36.66 -5.69 -17.57
C LEU A 352 -37.30 -4.85 -16.48
N THR A 353 -36.90 -5.05 -15.23
CA THR A 353 -37.48 -4.26 -14.15
C THR A 353 -37.20 -2.77 -14.34
N LYS A 354 -35.97 -2.43 -14.73
CA LYS A 354 -35.64 -1.03 -14.96
C LYS A 354 -36.46 -0.46 -16.12
N LYS A 355 -36.67 -1.25 -17.18
CA LYS A 355 -37.42 -0.75 -18.32
C LYS A 355 -38.89 -0.51 -17.98
N LEU A 356 -39.52 -1.45 -17.28
CA LEU A 356 -40.91 -1.26 -16.88
C LEU A 356 -41.05 -0.10 -15.90
N VAL A 357 -40.10 0.05 -14.98
CA VAL A 357 -40.16 1.18 -14.05
C VAL A 357 -40.05 2.49 -14.81
N ARG A 358 -39.14 2.55 -15.78
CA ARG A 358 -39.00 3.76 -16.59
C ARG A 358 -40.29 4.09 -17.33
N GLN A 359 -40.88 3.09 -18.01
CA GLN A 359 -42.09 3.38 -18.77
C GLN A 359 -43.25 3.76 -17.86
N ARG A 360 -43.31 3.18 -16.66
CA ARG A 360 -44.30 3.60 -15.68
C ARG A 360 -44.10 5.07 -15.29
N ILE A 361 -42.84 5.47 -15.09
CA ILE A 361 -42.55 6.86 -14.73
C ILE A 361 -42.99 7.79 -15.84
N LEU A 362 -42.68 7.44 -17.09
CA LEU A 362 -43.12 8.28 -18.22
C LEU A 362 -44.64 8.33 -18.31
N THR A 363 -45.32 7.20 -18.06
CA THR A 363 -46.76 7.16 -18.30
C THR A 363 -47.55 7.84 -17.18
N ASP A 364 -47.48 7.31 -15.96
CA ASP A 364 -48.41 7.73 -14.91
C ASP A 364 -47.76 8.47 -13.75
N HIS A 365 -46.50 8.88 -13.88
CA HIS A 365 -45.83 9.75 -12.91
C HIS A 365 -45.84 9.14 -11.50
N PHE A 366 -45.34 7.92 -11.40
CA PHE A 366 -45.20 7.23 -10.12
C PHE A 366 -43.80 6.66 -10.00
N ARG A 367 -43.22 6.77 -8.80
CA ARG A 367 -41.87 6.32 -8.54
C ARG A 367 -41.87 4.97 -7.84
N ILE A 368 -40.68 4.42 -7.65
CA ILE A 368 -40.53 3.17 -6.93
C ILE A 368 -40.67 3.35 -5.42
N ASP A 369 -40.64 4.58 -4.94
CA ASP A 369 -40.83 4.87 -3.52
C ASP A 369 -42.29 5.08 -3.14
N GLY A 370 -43.19 5.14 -4.12
CA GLY A 370 -44.58 5.44 -3.85
C GLY A 370 -44.90 6.92 -3.69
N ARG A 371 -43.96 7.80 -4.01
CA ARG A 371 -44.16 9.23 -3.91
C ARG A 371 -44.49 9.82 -5.27
N GLY A 372 -44.84 11.10 -5.27
CA GLY A 372 -45.07 11.84 -6.50
C GLY A 372 -43.79 12.37 -7.10
N ILE A 373 -43.93 13.06 -8.23
CA ILE A 373 -42.78 13.55 -8.97
C ILE A 373 -41.96 14.52 -8.12
N THR A 374 -42.64 15.43 -7.43
CA THR A 374 -41.98 16.47 -6.65
C THR A 374 -42.05 16.24 -5.14
N ASP A 375 -42.37 15.03 -4.73
CA ASP A 375 -42.50 14.72 -3.30
C ASP A 375 -41.12 14.58 -2.67
N ILE A 376 -40.79 15.48 -1.75
CA ILE A 376 -39.53 15.43 -1.01
C ILE A 376 -39.61 14.32 0.04
N ARG A 377 -38.46 13.94 0.60
CA ARG A 377 -38.39 12.83 1.54
C ARG A 377 -38.71 13.30 2.96
N ALA A 378 -38.49 12.42 3.93
CA ALA A 378 -38.83 12.67 5.33
C ALA A 378 -37.72 13.53 5.95
N LEU A 379 -37.90 14.84 5.89
CA LEU A 379 -36.92 15.77 6.40
C LEU A 379 -36.80 15.68 7.91
N SER A 380 -35.56 15.71 8.40
CA SER A 380 -35.29 15.87 9.83
C SER A 380 -33.91 16.48 9.98
N ALA A 381 -33.77 17.40 10.93
CA ALA A 381 -32.51 18.11 11.12
C ALA A 381 -32.34 18.38 12.61
N GLU A 382 -31.46 17.63 13.26
CA GLU A 382 -31.15 17.85 14.66
C GLU A 382 -29.81 18.54 14.78
N VAL A 383 -29.70 19.45 15.74
CA VAL A 383 -28.49 20.24 15.92
C VAL A 383 -27.91 19.94 17.28
N ALA A 384 -26.59 20.09 17.40
CA ALA A 384 -25.84 19.82 18.63
C ALA A 384 -26.10 18.40 19.12
N VAL A 385 -25.70 17.43 18.29
CA VAL A 385 -25.85 16.02 18.63
C VAL A 385 -24.65 15.50 19.41
N VAL A 386 -23.45 15.71 18.89
CA VAL A 386 -22.22 15.19 19.51
C VAL A 386 -21.77 16.19 20.57
N PRO A 387 -21.69 15.79 21.83
CA PRO A 387 -21.19 16.69 22.87
C PRO A 387 -19.68 16.85 22.79
N ARG A 388 -19.21 17.95 23.39
CA ARG A 388 -17.80 18.32 23.50
C ARG A 388 -17.17 18.69 22.16
N ALA A 389 -17.89 18.58 21.06
CA ALA A 389 -17.39 19.00 19.76
C ALA A 389 -17.69 20.49 19.55
N HIS A 390 -16.86 21.13 18.75
CA HIS A 390 -17.04 22.56 18.50
C HIS A 390 -18.35 22.83 17.78
N GLY A 391 -18.72 21.98 16.84
CA GLY A 391 -20.04 22.04 16.26
C GLY A 391 -20.47 20.70 15.70
N SER A 392 -21.74 20.32 15.89
CA SER A 392 -22.21 19.03 15.42
C SER A 392 -23.65 19.15 14.93
N ALA A 393 -23.97 18.37 13.90
CA ALA A 393 -25.31 18.35 13.35
C ALA A 393 -25.60 16.96 12.79
N LEU A 394 -26.89 16.66 12.66
CA LEU A 394 -27.34 15.35 12.19
C LEU A 394 -28.52 15.59 11.26
N PHE A 395 -28.34 15.29 9.98
CA PHE A 395 -29.36 15.53 8.97
C PHE A 395 -29.87 14.20 8.45
N GLU A 396 -31.18 14.01 8.49
CA GLU A 396 -31.82 12.76 8.09
C GLU A 396 -32.84 13.07 7.00
N ARG A 397 -32.51 12.69 5.77
CA ARG A 397 -33.39 12.83 4.62
C ARG A 397 -33.74 11.43 4.15
N GLY A 398 -35.00 11.05 4.34
CA GLY A 398 -35.40 9.69 4.02
C GLY A 398 -34.62 8.70 4.87
N GLU A 399 -34.06 7.68 4.23
CA GLU A 399 -33.19 6.75 4.92
C GLU A 399 -31.77 7.28 5.09
N THR A 400 -31.40 8.34 4.37
CA THR A 400 -30.06 8.89 4.49
C THR A 400 -29.90 9.63 5.81
N GLN A 401 -28.83 9.33 6.53
CA GLN A 401 -28.51 10.00 7.78
C GLN A 401 -27.04 10.36 7.77
N ILE A 402 -26.74 11.65 7.87
CA ILE A 402 -25.39 12.17 7.76
C ILE A 402 -25.09 12.99 9.01
N LEU A 403 -23.98 12.68 9.67
CA LEU A 403 -23.52 13.43 10.82
C LEU A 403 -22.34 14.30 10.42
N GLY A 404 -22.42 15.59 10.74
CA GLY A 404 -21.36 16.51 10.40
C GLY A 404 -20.81 17.23 11.61
N VAL A 405 -19.50 17.11 11.83
CA VAL A 405 -18.83 17.75 12.95
C VAL A 405 -17.81 18.75 12.40
N THR A 406 -17.95 20.00 12.80
CA THR A 406 -17.02 21.06 12.44
C THR A 406 -16.16 21.44 13.64
N THR A 407 -14.86 21.59 13.40
CA THR A 407 -13.87 21.82 14.44
C THR A 407 -13.16 23.14 14.15
N LEU A 408 -13.50 24.17 14.90
CA LEU A 408 -12.84 25.46 14.77
C LEU A 408 -11.47 25.41 15.43
N ASP A 409 -10.49 26.07 14.81
CA ASP A 409 -9.14 26.05 15.36
C ASP A 409 -8.36 27.25 14.84
N MET A 410 -7.20 27.48 15.44
CA MET A 410 -6.37 28.63 15.10
C MET A 410 -5.89 28.54 13.66
N ILE A 411 -5.72 29.70 13.03
CA ILE A 411 -5.40 29.81 11.61
C ILE A 411 -4.09 29.12 11.27
N LYS A 412 -3.20 28.92 12.24
CA LYS A 412 -1.95 28.23 11.96
C LYS A 412 -2.17 26.79 11.51
N MET A 413 -3.35 26.23 11.77
CA MET A 413 -3.65 24.84 11.44
C MET A 413 -4.43 24.71 10.14
N ALA A 414 -4.14 25.56 9.15
CA ALA A 414 -4.72 25.41 7.82
C ALA A 414 -3.99 24.29 7.08
N GLN A 415 -4.19 24.19 5.78
CA GLN A 415 -3.53 23.18 4.95
C GLN A 415 -2.51 23.88 4.06
N GLN A 416 -1.22 23.76 4.40
CA GLN A 416 -0.15 24.41 3.64
C GLN A 416 0.24 23.55 2.44
N ILE A 417 -0.72 23.37 1.53
CA ILE A 417 -0.48 22.54 0.36
C ILE A 417 0.40 23.29 -0.64
N ASP A 418 1.08 22.53 -1.48
CA ASP A 418 1.81 23.07 -2.62
C ASP A 418 1.54 22.21 -3.86
N SER A 419 1.30 22.89 -4.98
CA SER A 419 0.99 22.23 -6.24
C SER A 419 1.00 23.29 -7.33
N LEU A 420 0.83 22.83 -8.58
CA LEU A 420 0.82 23.74 -9.71
C LEU A 420 -0.32 24.73 -9.67
N GLY A 421 -1.41 24.39 -8.98
CA GLY A 421 -2.57 25.24 -8.92
C GLY A 421 -2.30 26.57 -8.24
N PRO A 422 -3.14 27.56 -8.50
CA PRO A 422 -2.93 28.88 -7.90
C PRO A 422 -2.99 28.90 -6.39
N GLU A 423 -3.78 28.02 -5.78
CA GLU A 423 -3.99 28.08 -4.34
C GLU A 423 -2.73 27.67 -3.59
N THR A 424 -2.62 28.16 -2.35
CA THR A 424 -1.50 27.84 -1.49
C THR A 424 -1.91 27.45 -0.07
N SER A 425 -3.17 27.63 0.31
CA SER A 425 -3.61 27.28 1.66
C SER A 425 -5.12 27.09 1.63
N LYS A 426 -5.57 25.88 1.97
CA LYS A 426 -7.00 25.57 2.04
C LYS A 426 -7.48 25.94 3.45
N ARG A 427 -8.01 27.15 3.59
CA ARG A 427 -8.46 27.62 4.89
C ARG A 427 -9.66 26.80 5.38
N TYR A 428 -10.58 26.46 4.48
CA TYR A 428 -11.73 25.63 4.81
C TYR A 428 -11.57 24.28 4.12
N MET A 429 -11.60 23.21 4.90
CA MET A 429 -11.37 21.87 4.38
C MET A 429 -12.52 20.96 4.80
N HIS A 430 -13.13 20.28 3.83
CA HIS A 430 -14.25 19.38 4.07
C HIS A 430 -13.83 17.96 3.74
N HIS A 431 -13.95 17.07 4.72
CA HIS A 431 -13.60 15.67 4.57
C HIS A 431 -14.87 14.83 4.71
N TYR A 432 -15.15 14.03 3.70
CA TYR A 432 -16.39 13.26 3.58
C TYR A 432 -16.03 11.79 3.79
N ASN A 433 -16.32 11.28 4.99
CA ASN A 433 -16.04 9.90 5.33
C ASN A 433 -17.25 9.03 5.02
N PHE A 434 -17.00 7.89 4.41
CA PHE A 434 -18.04 6.96 3.96
C PHE A 434 -17.70 5.57 4.48
N PRO A 435 -18.01 5.30 5.75
CA PRO A 435 -17.70 3.98 6.31
C PRO A 435 -18.53 2.90 5.63
N PRO A 436 -18.00 1.68 5.52
CA PRO A 436 -18.71 0.63 4.77
C PRO A 436 -20.02 0.19 5.38
N PHE A 437 -20.25 0.46 6.67
CA PHE A 437 -21.51 0.06 7.28
C PHE A 437 -22.64 1.02 6.93
N SER A 438 -22.35 2.12 6.24
CA SER A 438 -23.40 3.06 5.85
C SER A 438 -24.44 2.40 4.96
N THR A 439 -23.99 1.61 3.99
CA THR A 439 -24.92 0.92 3.09
C THR A 439 -25.26 -0.48 3.57
N GLY A 440 -24.66 -0.95 4.65
CA GLY A 440 -24.92 -2.26 5.21
C GLY A 440 -23.91 -3.33 4.85
N GLU A 441 -23.10 -3.10 3.82
CA GLU A 441 -22.10 -4.07 3.41
C GLU A 441 -20.86 -3.93 4.28
N THR A 442 -19.78 -4.61 3.90
CA THR A 442 -18.53 -4.59 4.64
C THR A 442 -17.37 -4.22 3.71
N GLY A 443 -16.31 -3.69 4.30
CA GLY A 443 -15.16 -3.31 3.52
C GLY A 443 -13.98 -2.95 4.40
N ARG A 444 -13.14 -2.08 3.87
CA ARG A 444 -11.96 -1.59 4.59
C ARG A 444 -12.14 -0.11 4.89
N VAL A 445 -11.86 0.29 6.12
CA VAL A 445 -11.91 1.69 6.53
C VAL A 445 -10.46 2.17 6.51
N GLY A 446 -10.03 2.67 5.36
CA GLY A 446 -8.66 3.12 5.20
C GLY A 446 -8.58 4.42 4.45
N SER A 447 -7.76 4.44 3.40
CA SER A 447 -7.61 5.64 2.60
C SER A 447 -8.93 5.97 1.90
N PRO A 448 -9.31 7.24 1.82
CA PRO A 448 -10.52 7.58 1.08
C PRO A 448 -10.35 7.38 -0.41
N LYS A 449 -11.36 6.78 -1.04
CA LYS A 449 -11.30 6.50 -2.47
C LYS A 449 -11.50 7.78 -3.27
N ARG A 450 -11.53 7.63 -4.59
CA ARG A 450 -11.75 8.78 -5.46
C ARG A 450 -13.12 9.41 -5.23
N ARG A 451 -14.14 8.56 -5.04
CA ARG A 451 -15.50 9.06 -4.91
C ARG A 451 -15.67 9.93 -3.67
N GLU A 452 -15.07 9.53 -2.55
CA GLU A 452 -15.14 10.33 -1.35
C GLU A 452 -14.46 11.68 -1.53
N ILE A 453 -13.33 11.69 -2.23
CA ILE A 453 -12.63 12.94 -2.51
C ILE A 453 -13.50 13.85 -3.35
N GLY A 454 -14.13 13.30 -4.38
CA GLY A 454 -15.01 14.10 -5.23
C GLY A 454 -16.19 14.66 -4.48
N HIS A 455 -16.83 13.85 -3.63
CA HIS A 455 -17.98 14.31 -2.86
C HIS A 455 -17.58 15.39 -1.87
N GLY A 456 -16.44 15.20 -1.19
CA GLY A 456 -15.95 16.23 -0.29
C GLY A 456 -15.64 17.53 -0.99
N ALA A 457 -15.04 17.44 -2.19
CA ALA A 457 -14.77 18.64 -2.96
C ALA A 457 -16.06 19.34 -3.37
N LEU A 458 -17.07 18.56 -3.77
CA LEU A 458 -18.36 19.16 -4.12
C LEU A 458 -18.98 19.88 -2.94
N ALA A 459 -18.95 19.27 -1.75
CA ALA A 459 -19.49 19.93 -0.57
C ALA A 459 -18.71 21.18 -0.22
N GLU A 460 -17.39 21.11 -0.29
CA GLU A 460 -16.57 22.27 0.03
C GLU A 460 -16.83 23.42 -0.93
N ARG A 461 -16.95 23.12 -2.23
CA ARG A 461 -17.26 24.14 -3.21
C ARG A 461 -18.67 24.70 -3.02
N ALA A 462 -19.60 23.86 -2.56
CA ALA A 462 -20.93 24.36 -2.24
C ALA A 462 -20.90 25.30 -1.05
N LEU A 463 -19.96 25.12 -0.13
CA LEU A 463 -19.95 25.93 1.08
C LEU A 463 -19.01 27.13 1.02
N VAL A 464 -18.08 27.18 0.06
CA VAL A 464 -17.15 28.32 -0.01
C VAL A 464 -17.85 29.67 -0.19
N PRO A 465 -18.82 29.83 -1.12
CA PRO A 465 -19.34 31.19 -1.35
C PRO A 465 -20.01 31.83 -0.14
N VAL A 466 -20.46 31.05 0.83
CA VAL A 466 -21.17 31.60 1.98
C VAL A 466 -20.31 31.51 3.23
N LEU A 467 -19.02 31.50 3.05
CA LEU A 467 -18.22 31.41 4.27
C LEU A 467 -17.61 32.77 4.61
N PRO A 468 -17.47 33.07 5.91
CA PRO A 468 -16.90 34.35 6.30
C PRO A 468 -15.42 34.44 5.91
N SER A 469 -14.97 35.68 5.72
CA SER A 469 -13.59 35.94 5.38
C SER A 469 -12.70 35.75 6.62
N VAL A 470 -11.38 35.83 6.40
CA VAL A 470 -10.43 35.67 7.49
C VAL A 470 -10.58 36.80 8.50
N GLU A 471 -10.77 38.04 8.03
CA GLU A 471 -10.80 39.18 8.94
C GLU A 471 -11.99 39.10 9.90
N GLU A 472 -13.16 38.68 9.40
CA GLU A 472 -14.33 38.64 10.26
C GLU A 472 -14.27 37.47 11.24
N PHE A 473 -13.83 36.30 10.76
CA PHE A 473 -13.73 35.11 11.61
C PHE A 473 -12.38 34.45 11.35
N PRO A 474 -11.35 34.83 12.11
CA PRO A 474 -9.98 34.36 11.84
C PRO A 474 -9.69 32.98 12.42
N TYR A 475 -10.42 31.97 11.93
CA TYR A 475 -10.19 30.60 12.33
C TYR A 475 -10.26 29.68 11.11
N ALA A 476 -9.38 28.69 11.08
CA ALA A 476 -9.49 27.64 10.08
C ALA A 476 -10.68 26.75 10.40
N ILE A 477 -11.39 26.31 9.36
CA ILE A 477 -12.61 25.53 9.51
C ILE A 477 -12.41 24.19 8.84
N ARG A 478 -12.65 23.11 9.59
CA ARG A 478 -12.61 21.76 9.07
C ARG A 478 -13.95 21.09 9.33
N GLN A 479 -14.57 20.58 8.27
CA GLN A 479 -15.84 19.88 8.35
C GLN A 479 -15.59 18.39 8.17
N VAL A 480 -16.22 17.59 9.01
CA VAL A 480 -16.08 16.13 8.97
C VAL A 480 -17.48 15.57 8.82
N SER A 481 -17.82 15.12 7.61
CA SER A 481 -19.15 14.60 7.31
C SER A 481 -19.06 13.09 7.18
N GLU A 482 -19.50 12.38 8.21
CA GLU A 482 -19.51 10.92 8.19
C GLU A 482 -20.89 10.44 7.78
N ALA A 483 -20.94 9.62 6.73
CA ALA A 483 -22.20 9.06 6.25
C ALA A 483 -22.56 7.89 7.16
N LEU A 484 -23.34 8.16 8.21
CA LEU A 484 -23.75 7.10 9.12
C LEU A 484 -24.72 6.14 8.46
N GLY A 485 -25.52 6.62 7.51
CA GLY A 485 -26.37 5.75 6.73
C GLY A 485 -26.64 6.35 5.36
N SER A 486 -26.46 5.58 4.30
CA SER A 486 -26.51 6.12 2.95
C SER A 486 -27.39 5.27 2.06
N ASN A 487 -28.10 5.95 1.16
CA ASN A 487 -28.88 5.30 0.11
C ASN A 487 -28.67 6.03 -1.21
N GLY A 488 -27.44 6.48 -1.44
CA GLY A 488 -27.09 7.17 -2.67
C GLY A 488 -27.33 8.67 -2.60
N SER A 489 -26.54 9.42 -3.37
CA SER A 489 -26.69 10.87 -3.51
C SER A 489 -26.59 11.57 -2.15
N THR A 490 -25.54 11.24 -1.41
CA THR A 490 -25.34 11.76 -0.07
C THR A 490 -24.51 13.03 -0.02
N SER A 491 -24.01 13.51 -1.16
CA SER A 491 -23.21 14.73 -1.18
C SER A 491 -24.02 15.92 -0.70
N MET A 492 -25.27 16.03 -1.17
CA MET A 492 -26.08 17.20 -0.84
C MET A 492 -26.57 17.14 0.60
N GLY A 493 -26.87 15.93 1.10
CA GLY A 493 -27.13 15.78 2.52
C GLY A 493 -25.94 16.21 3.35
N SER A 494 -24.73 15.91 2.86
CA SER A 494 -23.52 16.38 3.53
C SER A 494 -23.43 17.89 3.50
N VAL A 495 -23.86 18.51 2.39
CA VAL A 495 -23.85 19.98 2.30
C VAL A 495 -24.78 20.58 3.36
N CYS A 496 -26.00 20.06 3.44
CA CYS A 496 -26.97 20.57 4.41
C CYS A 496 -26.48 20.34 5.84
N ALA A 497 -25.93 19.15 6.12
CA ALA A 497 -25.45 18.86 7.46
C ALA A 497 -24.26 19.74 7.83
N SER A 498 -23.38 20.01 6.86
CA SER A 498 -22.26 20.91 7.11
C SER A 498 -22.74 22.32 7.40
N THR A 499 -23.77 22.78 6.68
CA THR A 499 -24.32 24.10 6.96
C THR A 499 -24.90 24.16 8.37
N LEU A 500 -25.67 23.14 8.76
CA LEU A 500 -26.24 23.11 10.10
C LEU A 500 -25.16 23.07 11.17
N ALA A 501 -24.13 22.24 10.97
CA ALA A 501 -23.04 22.15 11.94
C ALA A 501 -22.28 23.45 12.06
N LEU A 502 -22.05 24.12 10.92
CA LEU A 502 -21.38 25.42 10.94
C LEU A 502 -22.22 26.44 11.70
N LEU A 503 -23.53 26.44 11.48
CA LEU A 503 -24.40 27.33 12.25
C LEU A 503 -24.31 27.04 13.74
N ASN A 504 -24.27 25.75 14.09
CA ASN A 504 -24.14 25.38 15.50
C ASN A 504 -22.83 25.88 16.10
N ALA A 505 -21.73 25.74 15.36
CA ALA A 505 -20.44 26.18 15.86
C ALA A 505 -20.36 27.69 16.03
N GLY A 506 -21.21 28.44 15.34
CA GLY A 506 -21.25 29.87 15.48
C GLY A 506 -20.49 30.66 14.43
N VAL A 507 -20.01 30.01 13.37
CA VAL A 507 -19.35 30.78 12.31
C VAL A 507 -20.37 31.66 11.61
N PRO A 508 -20.10 32.95 11.42
CA PRO A 508 -21.10 33.81 10.77
C PRO A 508 -21.22 33.53 9.28
N LEU A 509 -22.30 32.87 8.89
CA LEU A 509 -22.55 32.56 7.49
C LEU A 509 -23.27 33.70 6.80
N LYS A 510 -22.98 33.88 5.50
CA LYS A 510 -23.71 34.87 4.72
C LYS A 510 -25.18 34.50 4.62
N ALA A 511 -25.47 33.23 4.38
CA ALA A 511 -26.83 32.71 4.31
C ALA A 511 -26.79 31.19 4.29
N PRO A 512 -27.78 30.51 4.87
CA PRO A 512 -27.80 29.05 4.83
C PRO A 512 -27.86 28.53 3.40
N VAL A 513 -27.19 27.40 3.17
CA VAL A 513 -27.12 26.76 1.87
C VAL A 513 -27.64 25.35 1.98
N ALA A 514 -28.54 24.97 1.08
CA ALA A 514 -29.09 23.62 1.06
C ALA A 514 -28.91 23.03 -0.32
N GLY A 515 -28.72 21.71 -0.36
CA GLY A 515 -28.54 21.01 -1.61
C GLY A 515 -29.55 19.90 -1.77
N ILE A 516 -29.70 19.44 -3.01
CA ILE A 516 -30.68 18.40 -3.31
C ILE A 516 -30.30 17.78 -4.66
N ALA A 517 -30.41 16.46 -4.73
CA ALA A 517 -30.03 15.68 -5.91
C ALA A 517 -31.30 15.18 -6.59
N MET A 518 -31.53 15.62 -7.82
CA MET A 518 -32.70 15.27 -8.60
C MET A 518 -32.36 14.22 -9.64
N GLY A 519 -33.33 13.94 -10.51
CA GLY A 519 -33.09 13.10 -11.68
C GLY A 519 -33.82 13.63 -12.89
N LEU A 520 -33.76 12.90 -13.99
CA LEU A 520 -34.50 13.25 -15.20
C LEU A 520 -34.59 12.01 -16.06
N VAL A 521 -35.82 11.62 -16.42
CA VAL A 521 -36.05 10.45 -17.24
C VAL A 521 -36.68 10.92 -18.55
N SER A 522 -36.01 10.68 -19.66
CA SER A 522 -36.48 11.08 -20.98
C SER A 522 -36.57 9.86 -21.86
N ASP A 523 -37.71 9.70 -22.53
CA ASP A 523 -37.88 8.57 -23.45
C ASP A 523 -38.85 8.99 -24.54
N ASP A 524 -39.26 8.04 -25.38
CA ASP A 524 -40.11 8.35 -26.51
C ASP A 524 -41.27 7.38 -26.60
N ILE A 525 -42.43 7.90 -26.99
CA ILE A 525 -43.62 7.09 -27.22
C ILE A 525 -44.23 7.51 -28.55
N GLN A 526 -44.95 6.58 -29.17
CA GLN A 526 -45.57 6.80 -30.47
C GLN A 526 -47.03 7.19 -30.26
N VAL A 527 -47.37 8.44 -30.53
CA VAL A 527 -48.76 8.88 -30.49
C VAL A 527 -49.42 8.49 -31.80
N GLU A 528 -50.52 7.73 -31.70
CA GLU A 528 -51.25 7.24 -32.86
C GLU A 528 -52.64 7.86 -32.97
N GLY A 529 -52.92 8.91 -32.21
CA GLY A 529 -54.24 9.53 -32.28
C GLY A 529 -54.54 10.13 -33.64
N ALA A 530 -53.52 10.67 -34.30
CA ALA A 530 -53.66 11.23 -35.64
C ALA A 530 -53.53 10.17 -36.73
N VAL A 531 -53.50 8.89 -36.35
CA VAL A 531 -53.27 7.77 -37.25
C VAL A 531 -52.02 8.04 -38.08
N ASP A 532 -51.00 8.61 -37.44
CA ASP A 532 -49.71 8.84 -38.08
C ASP A 532 -48.60 8.24 -37.21
N GLY A 533 -48.79 8.30 -35.89
CA GLY A 533 -47.86 7.69 -34.97
C GLY A 533 -46.52 8.40 -34.86
N VAL A 534 -46.52 9.62 -34.33
CA VAL A 534 -45.30 10.39 -34.17
C VAL A 534 -44.56 9.88 -32.94
N VAL A 535 -43.26 9.61 -33.10
CA VAL A 535 -42.44 9.17 -31.97
C VAL A 535 -41.91 10.40 -31.25
N GLU A 536 -42.63 10.84 -30.23
CA GLU A 536 -42.29 12.05 -29.50
C GLU A 536 -41.58 11.70 -28.20
N ARG A 537 -40.56 12.49 -27.86
CA ARG A 537 -39.74 12.28 -26.67
C ARG A 537 -40.27 13.16 -25.54
N ARG A 538 -40.72 12.53 -24.47
CA ARG A 538 -41.20 13.21 -23.28
C ARG A 538 -40.21 13.07 -22.12
N PHE A 539 -40.25 14.06 -21.24
CA PHE A 539 -39.33 14.21 -20.12
C PHE A 539 -40.11 14.28 -18.82
N VAL A 540 -39.59 13.64 -17.78
CA VAL A 540 -40.14 13.75 -16.44
C VAL A 540 -39.01 14.06 -15.48
N THR A 541 -39.18 15.11 -14.67
CA THR A 541 -38.19 15.54 -13.68
C THR A 541 -38.71 15.17 -12.30
N LEU A 542 -37.86 14.50 -11.52
CA LEU A 542 -38.24 14.06 -10.19
C LEU A 542 -37.18 14.49 -9.19
N THR A 543 -37.63 14.79 -7.98
CA THR A 543 -36.76 15.26 -6.91
C THR A 543 -36.52 14.16 -5.89
N ASP A 544 -35.44 14.34 -5.11
CA ASP A 544 -35.01 13.37 -4.10
C ASP A 544 -34.77 12.00 -4.75
N ILE A 545 -33.75 11.98 -5.63
CA ILE A 545 -33.34 10.74 -6.25
C ILE A 545 -32.93 9.75 -5.17
N LEU A 546 -33.06 8.46 -5.49
CA LEU A 546 -32.76 7.39 -4.55
C LEU A 546 -31.58 6.56 -5.09
N GLY A 547 -31.23 5.52 -4.34
CA GLY A 547 -30.14 4.65 -4.76
C GLY A 547 -30.50 3.87 -6.02
N ALA A 548 -31.75 3.44 -6.14
CA ALA A 548 -32.20 2.67 -7.30
C ALA A 548 -32.72 3.55 -8.43
N GLU A 549 -33.27 4.72 -8.11
CA GLU A 549 -33.78 5.59 -9.17
C GLU A 549 -32.66 6.15 -10.04
N ASP A 550 -31.42 6.17 -9.54
CA ASP A 550 -30.31 6.65 -10.35
C ASP A 550 -30.07 5.74 -11.55
N ALA A 551 -30.11 4.43 -11.34
CA ALA A 551 -29.89 3.48 -12.42
C ALA A 551 -31.00 3.51 -13.47
N PHE A 552 -32.14 4.12 -13.15
CA PHE A 552 -33.24 4.25 -14.12
C PHE A 552 -33.17 5.55 -14.88
N GLY A 553 -32.78 6.64 -14.22
CA GLY A 553 -32.73 7.95 -14.83
C GLY A 553 -31.80 8.06 -16.01
N ASP A 554 -32.29 8.69 -17.09
CA ASP A 554 -31.45 9.00 -18.25
C ASP A 554 -30.56 10.20 -18.02
N MET A 555 -30.75 10.91 -16.91
CA MET A 555 -29.95 12.08 -16.57
C MET A 555 -30.00 12.25 -15.07
N ASP A 556 -28.86 12.66 -14.49
CA ASP A 556 -28.77 12.84 -13.06
C ASP A 556 -28.00 14.13 -12.77
N PHE A 557 -28.51 14.92 -11.83
CA PHE A 557 -27.86 16.17 -11.46
C PHE A 557 -28.18 16.51 -10.02
N LYS A 558 -27.33 17.34 -9.43
CA LYS A 558 -27.47 17.77 -8.05
C LYS A 558 -27.23 19.27 -7.99
N VAL A 559 -28.14 19.99 -7.35
CA VAL A 559 -28.08 21.45 -7.28
C VAL A 559 -28.01 21.86 -5.81
N ALA A 560 -27.08 22.74 -5.48
CA ALA A 560 -26.95 23.29 -4.13
C ALA A 560 -26.95 24.80 -4.23
N GLY A 561 -27.71 25.45 -3.36
CA GLY A 561 -27.75 26.90 -3.39
C GLY A 561 -28.24 27.48 -2.09
N THR A 562 -28.07 28.79 -1.98
CA THR A 562 -28.57 29.55 -0.85
C THR A 562 -29.99 30.02 -1.16
N LYS A 563 -30.55 30.88 -0.30
CA LYS A 563 -31.88 31.41 -0.54
C LYS A 563 -31.99 32.12 -1.89
N ASP A 564 -30.90 32.75 -2.34
CA ASP A 564 -30.92 33.57 -3.55
C ASP A 564 -30.33 32.84 -4.76
N PHE A 565 -29.07 32.40 -4.66
CA PHE A 565 -28.31 31.98 -5.83
C PHE A 565 -27.71 30.60 -5.62
N VAL A 566 -27.55 29.88 -6.74
CA VAL A 566 -26.94 28.55 -6.71
C VAL A 566 -25.44 28.68 -6.48
N THR A 567 -24.92 27.92 -5.52
CA THR A 567 -23.50 27.95 -5.20
C THR A 567 -22.75 26.72 -5.68
N ALA A 568 -23.44 25.67 -6.12
CA ALA A 568 -22.77 24.50 -6.66
C ALA A 568 -23.73 23.77 -7.59
N LEU A 569 -23.17 23.03 -8.54
CA LEU A 569 -24.00 22.29 -9.48
C LEU A 569 -23.20 21.15 -10.06
N GLN A 570 -23.88 20.04 -10.33
CA GLN A 570 -23.28 18.91 -11.01
C GLN A 570 -24.25 18.39 -12.06
N LEU A 571 -23.71 17.86 -13.15
CA LEU A 571 -24.51 17.33 -14.24
C LEU A 571 -23.72 16.24 -14.96
N ASP A 572 -24.33 15.08 -15.10
CA ASP A 572 -23.74 13.95 -15.82
C ASP A 572 -24.87 13.30 -16.61
N THR A 573 -24.96 13.62 -17.89
CA THR A 573 -26.10 13.27 -18.73
C THR A 573 -25.71 12.20 -19.76
N LYS A 574 -26.73 11.74 -20.49
CA LYS A 574 -26.53 10.85 -21.63
C LYS A 574 -27.31 11.28 -22.87
N LEU A 575 -28.36 12.07 -22.73
CA LEU A 575 -29.19 12.45 -23.87
C LEU A 575 -28.42 13.37 -24.82
N ASP A 576 -28.81 13.32 -26.08
CA ASP A 576 -28.17 14.13 -27.13
C ASP A 576 -28.76 15.53 -27.18
N GLY A 577 -28.76 16.22 -26.05
CA GLY A 577 -29.27 17.58 -26.00
C GLY A 577 -30.71 17.65 -25.53
N ILE A 578 -31.01 18.62 -24.68
CA ILE A 578 -32.37 18.81 -24.17
C ILE A 578 -32.77 20.26 -24.41
N PRO A 579 -34.06 20.54 -24.63
CA PRO A 579 -34.48 21.94 -24.80
C PRO A 579 -34.30 22.74 -23.52
N SER A 580 -34.09 24.05 -23.70
CA SER A 580 -33.89 24.92 -22.54
C SER A 580 -35.12 24.97 -21.64
N GLN A 581 -36.30 24.65 -22.18
CA GLN A 581 -37.52 24.69 -21.37
C GLN A 581 -37.45 23.66 -20.23
N VAL A 582 -37.08 22.42 -20.57
CA VAL A 582 -37.04 21.37 -19.55
C VAL A 582 -35.92 21.63 -18.56
N LEU A 583 -34.79 22.18 -19.02
CA LEU A 583 -33.71 22.53 -18.10
C LEU A 583 -34.14 23.61 -17.12
N ALA A 584 -34.82 24.64 -17.62
CA ALA A 584 -35.31 25.70 -16.74
C ALA A 584 -36.33 25.16 -15.75
N GLY A 585 -37.21 24.27 -16.21
CA GLY A 585 -38.18 23.66 -15.30
C GLY A 585 -37.52 22.83 -14.21
N ALA A 586 -36.51 22.05 -14.59
CA ALA A 586 -35.79 21.25 -13.59
C ALA A 586 -35.06 22.15 -12.59
N LEU A 587 -34.49 23.25 -13.07
CA LEU A 587 -33.80 24.16 -12.16
C LEU A 587 -34.79 24.86 -11.22
N GLU A 588 -35.99 25.19 -11.71
CA GLU A 588 -37.02 25.75 -10.85
C GLU A 588 -37.48 24.73 -9.80
N GLN A 589 -37.62 23.47 -10.21
CA GLN A 589 -37.90 22.41 -9.25
C GLN A 589 -36.80 22.32 -8.19
N ALA A 590 -35.56 22.49 -8.62
CA ALA A 590 -34.44 22.51 -7.68
C ALA A 590 -34.60 23.65 -6.69
N LYS A 591 -34.98 24.84 -7.18
CA LYS A 591 -35.19 25.97 -6.28
C LYS A 591 -36.28 25.66 -5.26
N ASP A 592 -37.38 25.05 -5.69
CA ASP A 592 -38.48 24.76 -4.78
C ASP A 592 -38.04 23.78 -3.70
N ALA A 593 -37.38 22.68 -4.11
CA ALA A 593 -36.94 21.68 -3.14
C ALA A 593 -35.92 22.28 -2.16
N ARG A 594 -34.98 23.07 -2.68
CA ARG A 594 -33.99 23.71 -1.82
C ARG A 594 -34.66 24.67 -0.84
N LEU A 595 -35.69 25.40 -1.28
CA LEU A 595 -36.37 26.32 -0.38
C LEU A 595 -37.08 25.57 0.74
N THR A 596 -37.73 24.45 0.42
CA THR A 596 -38.37 23.66 1.46
C THR A 596 -37.34 23.14 2.46
N ILE A 597 -36.22 22.61 1.96
CA ILE A 597 -35.18 22.12 2.86
C ILE A 597 -34.62 23.25 3.71
N LEU A 598 -34.43 24.43 3.10
CA LEU A 598 -33.90 25.58 3.83
C LEU A 598 -34.84 26.00 4.94
N GLU A 599 -36.15 25.99 4.67
CA GLU A 599 -37.11 26.29 5.72
C GLU A 599 -37.02 25.27 6.85
N VAL A 600 -36.85 23.99 6.52
CA VAL A 600 -36.71 22.97 7.55
C VAL A 600 -35.49 23.26 8.43
N MET A 601 -34.34 23.51 7.79
CA MET A 601 -33.12 23.77 8.57
C MET A 601 -33.25 25.04 9.40
N ALA A 602 -33.85 26.09 8.84
CA ALA A 602 -34.06 27.32 9.60
C ALA A 602 -34.96 27.08 10.80
N GLU A 603 -35.94 26.18 10.67
CA GLU A 603 -36.72 25.75 11.82
C GLU A 603 -35.83 25.05 12.85
N ALA A 604 -34.90 24.22 12.37
CA ALA A 604 -33.95 23.58 13.28
C ALA A 604 -33.01 24.61 13.91
N ILE A 605 -32.39 25.45 13.09
CA ILE A 605 -31.53 26.52 13.56
C ILE A 605 -31.31 27.50 12.42
N ASP A 606 -31.33 28.80 12.74
CA ASP A 606 -31.28 29.84 11.72
C ASP A 606 -30.22 30.91 11.96
N ARG A 607 -29.66 31.02 13.16
CA ARG A 607 -28.76 32.11 13.48
C ARG A 607 -27.44 31.57 13.99
N PRO A 608 -26.36 32.33 13.82
CA PRO A 608 -25.07 31.92 14.40
C PRO A 608 -25.07 32.10 15.90
N ASP A 609 -25.15 30.99 16.64
CA ASP A 609 -25.20 31.05 18.09
C ASP A 609 -23.80 31.22 18.67
N GLU A 610 -23.73 31.34 20.00
CA GLU A 610 -22.46 31.53 20.67
C GLU A 610 -21.57 30.30 20.50
N MET A 611 -20.26 30.56 20.40
CA MET A 611 -19.31 29.47 20.22
C MET A 611 -19.25 28.59 21.47
N SER A 612 -18.92 27.32 21.25
CA SER A 612 -18.73 26.40 22.36
C SER A 612 -17.55 26.87 23.22
N PRO A 613 -17.61 26.63 24.53
CA PRO A 613 -16.51 27.10 25.40
C PRO A 613 -15.16 26.48 25.06
N TYR A 614 -15.14 25.26 24.52
CA TYR A 614 -13.89 24.58 24.20
C TYR A 614 -13.25 25.08 22.91
N ALA A 615 -13.95 25.92 22.14
CA ALA A 615 -13.35 26.49 20.95
C ALA A 615 -12.31 27.54 21.33
N PRO A 616 -11.20 27.61 20.60
CA PRO A 616 -10.21 28.66 20.88
C PRO A 616 -10.67 30.01 20.37
N ARG A 617 -10.42 31.04 21.17
CA ARG A 617 -10.84 32.41 20.85
C ARG A 617 -9.60 33.20 20.45
N VAL A 618 -9.36 33.29 19.14
CA VAL A 618 -8.19 34.00 18.62
C VAL A 618 -8.47 35.50 18.58
N GLU B 26 -36.63 10.45 21.12
CA GLU B 26 -37.44 9.64 22.03
C GLU B 26 -38.78 9.32 21.39
N ILE B 27 -38.85 9.47 20.07
CA ILE B 27 -40.10 9.24 19.35
C ILE B 27 -40.34 7.74 19.16
N ASP B 28 -39.42 7.06 18.48
CA ASP B 28 -39.54 5.64 18.26
C ASP B 28 -38.15 5.04 18.06
N GLU B 29 -37.95 3.87 18.66
CA GLU B 29 -36.73 3.07 18.50
C GLU B 29 -35.53 3.73 19.15
N GLY B 30 -35.71 4.95 19.67
CA GLY B 30 -34.66 5.68 20.36
C GLY B 30 -34.76 5.67 21.87
N VAL B 31 -35.74 4.92 22.40
CA VAL B 31 -35.98 4.90 23.86
C VAL B 31 -35.30 3.69 24.52
N PHE B 32 -34.67 2.79 23.76
CA PHE B 32 -33.90 1.68 24.40
C PHE B 32 -33.25 2.32 25.62
N GLU B 33 -32.22 3.14 25.42
CA GLU B 33 -31.71 3.96 26.52
C GLU B 33 -31.47 3.14 27.79
N THR B 34 -30.54 2.19 27.70
CA THR B 34 -30.12 1.42 28.86
C THR B 34 -29.04 2.17 29.62
N THR B 35 -29.02 2.00 30.94
CA THR B 35 -28.05 2.67 31.79
C THR B 35 -27.47 1.68 32.80
N ALA B 36 -26.16 1.79 33.03
CA ALA B 36 -25.46 1.03 34.05
C ALA B 36 -24.64 1.98 34.90
N THR B 37 -24.47 1.62 36.17
CA THR B 37 -23.76 2.46 37.12
C THR B 37 -22.56 1.71 37.69
N ILE B 38 -21.44 2.43 37.82
CA ILE B 38 -20.24 1.90 38.45
C ILE B 38 -19.98 2.75 39.68
N ASP B 39 -20.09 2.14 40.86
CA ASP B 39 -19.97 2.84 42.14
C ASP B 39 -18.57 2.61 42.69
N ASN B 40 -17.74 3.65 42.64
CA ASN B 40 -16.36 3.57 43.10
C ASN B 40 -16.19 3.97 44.56
N GLY B 41 -17.27 4.25 45.26
CA GLY B 41 -17.20 4.60 46.69
C GLY B 41 -16.95 6.10 46.88
N SER B 42 -15.77 6.45 47.35
CA SER B 42 -15.41 7.84 47.62
C SER B 42 -14.93 8.57 46.38
N PHE B 43 -14.83 7.89 45.24
CA PHE B 43 -14.35 8.48 44.01
C PHE B 43 -15.47 8.85 43.04
N GLY B 44 -16.72 8.80 43.51
CA GLY B 44 -17.85 9.11 42.65
C GLY B 44 -18.32 7.91 41.86
N THR B 45 -19.43 8.12 41.16
CA THR B 45 -20.07 7.08 40.35
C THR B 45 -19.95 7.43 38.88
N ARG B 46 -19.63 6.43 38.06
CA ARG B 46 -19.53 6.60 36.62
C ARG B 46 -20.77 5.99 35.96
N THR B 47 -21.42 6.76 35.11
CA THR B 47 -22.70 6.38 34.52
C THR B 47 -22.47 5.98 33.06
N ILE B 48 -22.39 4.69 32.80
CA ILE B 48 -22.30 4.19 31.44
C ILE B 48 -23.70 4.10 30.87
N ARG B 49 -23.86 4.46 29.60
CA ARG B 49 -25.16 4.52 28.98
C ARG B 49 -25.08 4.01 27.55
N PHE B 50 -26.04 3.19 27.17
CA PHE B 50 -26.10 2.63 25.82
C PHE B 50 -27.43 3.04 25.18
N GLU B 51 -27.35 3.56 23.95
CA GLU B 51 -28.56 3.90 23.23
C GLU B 51 -28.44 3.40 21.79
N THR B 52 -29.60 3.15 21.17
CA THR B 52 -29.61 2.60 19.83
C THR B 52 -30.88 3.03 19.12
N GLY B 53 -30.96 2.69 17.83
CA GLY B 53 -32.11 3.03 17.02
C GLY B 53 -32.13 4.44 16.48
N ARG B 54 -31.14 5.26 16.81
CA ARG B 54 -31.05 6.63 16.32
C ARG B 54 -29.95 6.83 15.30
N LEU B 55 -28.77 6.29 15.53
CA LEU B 55 -27.63 6.46 14.65
C LEU B 55 -27.31 5.14 13.95
N ALA B 56 -26.95 5.24 12.67
CA ALA B 56 -26.53 4.08 11.88
C ALA B 56 -27.60 2.99 11.86
N LEU B 57 -28.77 3.34 11.31
CA LEU B 57 -29.86 2.39 11.24
C LEU B 57 -29.63 1.31 10.19
N GLN B 58 -28.71 1.54 9.25
CA GLN B 58 -28.46 0.57 8.19
C GLN B 58 -27.65 -0.63 8.67
N ALA B 59 -26.73 -0.41 9.61
CA ALA B 59 -25.86 -1.48 10.06
C ALA B 59 -26.65 -2.56 10.80
N ALA B 60 -26.07 -3.76 10.85
CA ALA B 60 -26.70 -4.86 11.57
C ALA B 60 -26.86 -4.54 13.04
N GLY B 61 -25.85 -3.95 13.66
CA GLY B 61 -25.96 -3.48 15.02
C GLY B 61 -25.31 -2.13 15.20
N ALA B 62 -25.92 -1.24 15.96
CA ALA B 62 -25.38 0.11 16.14
C ALA B 62 -25.71 0.57 17.56
N VAL B 63 -24.69 0.76 18.37
CA VAL B 63 -24.85 1.17 19.77
C VAL B 63 -23.96 2.37 20.03
N VAL B 64 -24.55 3.43 20.58
CA VAL B 64 -23.81 4.61 20.98
C VAL B 64 -23.64 4.54 22.49
N ALA B 65 -22.39 4.60 22.95
CA ALA B 65 -22.04 4.45 24.36
C ALA B 65 -21.56 5.77 24.91
N TYR B 66 -22.10 6.16 26.06
CA TYR B 66 -21.73 7.38 26.77
C TYR B 66 -21.12 7.01 28.11
N LEU B 67 -20.05 7.72 28.46
CA LEU B 67 -19.42 7.63 29.76
C LEU B 67 -19.47 9.00 30.41
N ASP B 68 -20.14 9.10 31.55
CA ASP B 68 -20.31 10.35 32.29
C ASP B 68 -20.87 11.45 31.39
N ASP B 69 -21.84 11.07 30.54
CA ASP B 69 -22.60 11.97 29.67
C ASP B 69 -21.69 12.85 28.82
N ASP B 70 -20.41 12.53 28.74
CA ASP B 70 -19.46 13.33 27.99
C ASP B 70 -18.71 12.51 26.96
N ASN B 71 -18.27 11.30 27.30
CA ASN B 71 -17.48 10.48 26.38
C ASN B 71 -18.43 9.64 25.54
N MET B 72 -18.72 10.09 24.33
CA MET B 72 -19.67 9.41 23.44
C MET B 72 -18.91 8.77 22.29
N LEU B 73 -19.19 7.50 22.04
CA LEU B 73 -18.59 6.81 20.90
C LEU B 73 -19.57 5.82 20.29
N LEU B 74 -19.55 5.75 18.96
CA LEU B 74 -20.42 4.87 18.21
C LEU B 74 -19.73 3.54 17.95
N SER B 75 -20.52 2.47 17.90
CA SER B 75 -20.01 1.16 17.52
C SER B 75 -21.01 0.52 16.58
N ALA B 76 -20.55 0.17 15.37
CA ALA B 76 -21.41 -0.41 14.35
C ALA B 76 -20.81 -1.72 13.89
N THR B 77 -21.58 -2.80 14.01
CA THR B 77 -21.15 -4.12 13.57
C THR B 77 -22.00 -4.56 12.38
N THR B 78 -21.34 -5.11 11.38
CA THR B 78 -22.01 -5.53 10.16
C THR B 78 -21.43 -6.85 9.68
N ALA B 79 -22.20 -7.56 8.87
CA ALA B 79 -21.84 -8.87 8.37
C ALA B 79 -22.01 -8.93 6.86
N SER B 80 -21.12 -9.65 6.20
CA SER B 80 -21.21 -9.82 4.76
C SER B 80 -22.42 -10.65 4.39
N LYS B 81 -23.07 -10.29 3.29
CA LYS B 81 -24.27 -11.01 2.86
C LYS B 81 -23.92 -12.42 2.40
N ASN B 82 -22.90 -12.55 1.54
CA ASN B 82 -22.63 -13.87 0.97
C ASN B 82 -21.66 -14.65 1.84
N PRO B 83 -21.94 -15.92 2.13
CA PRO B 83 -20.99 -16.76 2.84
C PRO B 83 -19.67 -16.87 2.08
N LYS B 84 -18.58 -16.99 2.83
CA LYS B 84 -17.26 -17.18 2.24
C LYS B 84 -16.83 -18.64 2.43
N GLU B 85 -16.18 -19.19 1.41
CA GLU B 85 -15.66 -20.55 1.46
C GLU B 85 -14.17 -20.64 1.25
N HIS B 86 -13.57 -19.68 0.52
CA HIS B 86 -12.14 -19.72 0.29
C HIS B 86 -11.36 -19.54 1.59
N PHE B 87 -11.85 -18.67 2.47
CA PHE B 87 -11.16 -18.40 3.73
C PHE B 87 -11.16 -19.63 4.63
N ASP B 88 -10.02 -19.88 5.27
CA ASP B 88 -9.84 -21.04 6.15
C ASP B 88 -9.91 -20.66 7.63
N PHE B 89 -10.26 -19.42 7.95
CA PHE B 89 -10.33 -18.98 9.34
C PHE B 89 -11.36 -17.87 9.45
N PHE B 90 -11.79 -17.61 10.68
CA PHE B 90 -12.85 -16.63 10.93
C PHE B 90 -12.36 -15.24 10.57
N PRO B 91 -12.96 -14.57 9.56
CA PRO B 91 -12.46 -13.27 9.09
C PRO B 91 -13.05 -12.08 9.85
N LEU B 92 -12.98 -12.12 11.18
CA LEU B 92 -13.43 -10.99 11.97
C LEU B 92 -12.42 -9.85 11.85
N THR B 93 -12.91 -8.65 11.57
CA THR B 93 -12.07 -7.47 11.46
C THR B 93 -12.62 -6.37 12.36
N VAL B 94 -11.76 -5.83 13.22
CA VAL B 94 -12.13 -4.78 14.15
C VAL B 94 -11.29 -3.55 13.83
N ASP B 95 -11.96 -2.44 13.54
CA ASP B 95 -11.28 -1.17 13.28
C ASP B 95 -11.87 -0.12 14.21
N VAL B 96 -11.01 0.53 14.98
CA VAL B 96 -11.41 1.71 15.75
C VAL B 96 -10.83 2.92 15.05
N GLU B 97 -11.58 4.02 15.05
CA GLU B 97 -11.23 5.22 14.31
C GLU B 97 -11.31 6.40 15.26
N GLU B 98 -10.17 6.71 15.89
CA GLU B 98 -10.09 7.88 16.77
C GLU B 98 -10.03 9.13 15.91
N ARG B 99 -11.21 9.59 15.51
CA ARG B 99 -11.31 10.82 14.72
C ARG B 99 -10.85 12.00 15.56
N MET B 100 -10.01 12.86 14.96
CA MET B 100 -9.32 13.86 15.74
C MET B 100 -10.26 14.95 16.26
N TYR B 101 -11.40 15.17 15.60
CA TYR B 101 -12.33 16.19 16.08
C TYR B 101 -12.86 15.87 17.47
N ALA B 102 -12.80 14.60 17.87
CA ALA B 102 -13.22 14.23 19.22
C ALA B 102 -12.37 14.91 20.28
N ALA B 103 -11.14 15.28 19.94
CA ALA B 103 -10.29 16.01 20.85
C ALA B 103 -10.38 17.52 20.67
N GLY B 104 -11.19 17.99 19.73
CA GLY B 104 -11.31 19.41 19.48
C GLY B 104 -10.05 20.04 18.93
N ARG B 105 -9.38 19.37 18.00
CA ARG B 105 -8.16 19.90 17.43
C ARG B 105 -8.08 19.49 15.96
N ILE B 106 -7.34 20.30 15.20
CA ILE B 106 -7.06 20.00 13.79
C ILE B 106 -6.02 18.90 13.74
N PRO B 107 -6.19 17.88 12.90
CA PRO B 107 -5.17 16.83 12.81
C PRO B 107 -3.82 17.41 12.42
N GLY B 108 -2.77 16.88 13.05
CA GLY B 108 -1.43 17.40 12.82
C GLY B 108 -0.75 16.92 11.57
N SER B 109 -1.39 16.03 10.81
CA SER B 109 -0.78 15.54 9.58
C SER B 109 -0.65 16.67 8.56
N PHE B 110 0.31 16.50 7.66
CA PHE B 110 0.52 17.51 6.62
C PHE B 110 -0.69 17.64 5.72
N PHE B 111 -1.49 16.57 5.58
CA PHE B 111 -2.70 16.61 4.80
C PHE B 111 -3.94 16.88 5.65
N ARG B 112 -3.74 17.18 6.93
CA ARG B 112 -4.83 17.56 7.83
C ARG B 112 -5.94 16.52 7.87
N ARG B 113 -5.58 15.24 7.75
CA ARG B 113 -6.55 14.16 7.75
C ARG B 113 -6.06 13.03 8.65
N GLU B 114 -7.01 12.26 9.18
CA GLU B 114 -6.68 11.10 9.99
C GLU B 114 -6.19 9.99 9.07
N GLY B 115 -4.90 9.68 9.13
CA GLY B 115 -4.31 8.70 8.24
C GLY B 115 -4.41 7.28 8.77
N ARG B 116 -3.29 6.57 8.80
CA ARG B 116 -3.30 5.19 9.23
C ARG B 116 -3.52 5.11 10.74
N PRO B 117 -4.06 3.99 11.23
CA PRO B 117 -4.34 3.89 12.67
C PRO B 117 -3.08 4.05 13.50
N SER B 118 -3.22 4.72 14.64
CA SER B 118 -2.10 4.97 15.53
C SER B 118 -1.81 3.74 16.38
N THR B 119 -0.81 3.84 17.25
CA THR B 119 -0.45 2.72 18.10
C THR B 119 -1.53 2.45 19.16
N ASP B 120 -2.12 3.51 19.71
CA ASP B 120 -3.20 3.32 20.67
C ASP B 120 -4.44 2.74 20.01
N ALA B 121 -4.74 3.19 18.78
CA ALA B 121 -5.89 2.69 18.04
C ALA B 121 -5.69 1.31 17.48
N ILE B 122 -4.50 0.72 17.61
CA ILE B 122 -4.29 -0.66 17.18
C ILE B 122 -4.33 -1.54 18.42
N LEU B 123 -3.84 -1.02 19.54
CA LEU B 123 -3.95 -1.73 20.81
C LEU B 123 -5.41 -1.85 21.23
N THR B 124 -6.20 -0.81 20.99
CA THR B 124 -7.61 -0.87 21.35
C THR B 124 -8.34 -1.96 20.57
N CYS B 125 -8.08 -2.07 19.27
CA CYS B 125 -8.77 -3.11 18.50
C CYS B 125 -8.21 -4.49 18.82
N ARG B 126 -6.94 -4.59 19.22
CA ARG B 126 -6.44 -5.85 19.74
C ARG B 126 -7.19 -6.26 21.01
N LEU B 127 -7.38 -5.30 21.92
CA LEU B 127 -8.09 -5.57 23.17
C LEU B 127 -9.54 -5.96 22.89
N ILE B 128 -10.15 -5.38 21.87
CA ILE B 128 -11.51 -5.76 21.50
C ILE B 128 -11.52 -7.17 20.89
N ASP B 129 -10.57 -7.45 19.99
CA ASP B 129 -10.59 -8.70 19.26
C ASP B 129 -10.30 -9.90 20.15
N ARG B 130 -9.44 -9.73 21.16
CA ARG B 130 -9.00 -10.90 21.93
C ARG B 130 -10.13 -11.64 22.63
N PRO B 131 -11.08 -10.97 23.33
CA PRO B 131 -12.18 -11.74 23.94
C PRO B 131 -13.36 -11.95 23.00
N LEU B 132 -13.54 -11.06 22.03
CA LEU B 132 -14.70 -11.15 21.16
C LEU B 132 -14.57 -12.31 20.17
N ARG B 133 -13.34 -12.59 19.72
CA ARG B 133 -13.15 -13.66 18.74
C ARG B 133 -13.56 -15.04 19.25
N PRO B 134 -13.17 -15.47 20.46
CA PRO B 134 -13.69 -16.75 20.96
C PRO B 134 -15.19 -16.75 21.21
N SER B 135 -15.80 -15.58 21.37
CA SER B 135 -17.23 -15.49 21.64
C SER B 135 -18.08 -15.76 20.41
N PHE B 136 -17.48 -15.85 19.23
CA PHE B 136 -18.19 -16.24 18.03
C PHE B 136 -18.14 -17.75 17.87
N VAL B 137 -19.23 -18.32 17.35
CA VAL B 137 -19.30 -19.77 17.21
C VAL B 137 -18.24 -20.23 16.19
N ASP B 138 -17.71 -21.42 16.41
CA ASP B 138 -16.66 -21.95 15.55
C ASP B 138 -17.23 -22.32 14.18
N GLY B 139 -16.36 -22.25 13.17
CA GLY B 139 -16.75 -22.55 11.81
C GLY B 139 -17.44 -21.44 11.07
N LEU B 140 -17.62 -20.28 11.70
CA LEU B 140 -18.25 -19.14 11.02
C LEU B 140 -17.33 -18.61 9.93
N ARG B 141 -17.88 -18.43 8.73
CA ARG B 141 -17.10 -17.99 7.58
C ARG B 141 -17.78 -16.83 6.87
N ASN B 142 -18.47 -15.98 7.61
CA ASN B 142 -19.05 -14.75 7.09
C ASN B 142 -18.30 -13.57 7.68
N GLU B 143 -17.87 -12.66 6.81
CA GLU B 143 -17.09 -11.51 7.27
C GLU B 143 -17.88 -10.70 8.29
N ILE B 144 -17.25 -10.39 9.41
CA ILE B 144 -17.86 -9.61 10.47
C ILE B 144 -16.94 -8.43 10.77
N GLN B 145 -17.43 -7.22 10.53
CA GLN B 145 -16.64 -6.01 10.70
C GLN B 145 -17.24 -5.17 11.81
N ILE B 146 -16.40 -4.75 12.75
CA ILE B 146 -16.80 -3.92 13.87
C ILE B 146 -16.06 -2.61 13.75
N VAL B 147 -16.79 -1.53 13.49
CA VAL B 147 -16.23 -0.19 13.34
C VAL B 147 -16.61 0.61 14.57
N VAL B 148 -15.61 1.02 15.34
CA VAL B 148 -15.82 1.76 16.58
C VAL B 148 -15.28 3.17 16.37
N THR B 149 -16.18 4.13 16.22
CA THR B 149 -15.81 5.51 15.94
C THR B 149 -15.90 6.33 17.22
N ILE B 150 -14.80 6.98 17.59
CA ILE B 150 -14.78 7.82 18.79
C ILE B 150 -15.32 9.19 18.43
N LEU B 151 -16.63 9.37 18.61
CA LEU B 151 -17.27 10.62 18.22
C LEU B 151 -16.95 11.75 19.20
N SER B 152 -16.68 11.43 20.46
CA SER B 152 -16.36 12.46 21.44
C SER B 152 -15.64 11.81 22.61
N LEU B 153 -14.75 12.57 23.25
CA LEU B 153 -13.97 12.05 24.36
C LEU B 153 -13.35 13.16 25.19
N ASP B 154 -13.54 13.11 26.50
CA ASP B 154 -12.96 14.10 27.40
C ASP B 154 -11.43 14.00 27.38
N PRO B 155 -10.73 15.13 27.57
CA PRO B 155 -9.27 15.07 27.65
C PRO B 155 -8.74 14.33 28.88
N GLY B 156 -9.61 13.79 29.72
CA GLY B 156 -9.17 13.07 30.90
C GLY B 156 -9.81 11.70 31.05
N ASP B 157 -10.03 11.00 29.93
CA ASP B 157 -10.66 9.69 29.99
C ASP B 157 -10.14 8.83 28.85
N LEU B 158 -10.29 7.52 29.00
CA LEU B 158 -9.83 6.55 28.03
C LEU B 158 -11.01 5.78 27.45
N TYR B 159 -10.85 5.31 26.21
CA TYR B 159 -11.97 4.78 25.45
C TYR B 159 -11.88 3.28 25.16
N ASP B 160 -10.73 2.65 25.43
CA ASP B 160 -10.55 1.26 25.02
C ASP B 160 -11.55 0.33 25.68
N VAL B 161 -11.72 0.47 27.01
CA VAL B 161 -12.70 -0.35 27.72
C VAL B 161 -14.12 -0.04 27.25
N LEU B 162 -14.41 1.25 27.07
CA LEU B 162 -15.71 1.63 26.50
C LEU B 162 -15.86 1.09 25.09
N ALA B 163 -14.76 0.98 24.34
CA ALA B 163 -14.81 0.37 23.02
C ALA B 163 -15.19 -1.10 23.11
N ILE B 164 -14.61 -1.83 24.08
CA ILE B 164 -14.98 -3.23 24.28
C ILE B 164 -16.47 -3.34 24.58
N ASN B 165 -16.96 -2.53 25.51
CA ASN B 165 -18.37 -2.60 25.89
C ASN B 165 -19.28 -2.27 24.71
N ALA B 166 -18.94 -1.21 23.96
CA ALA B 166 -19.78 -0.80 22.84
C ALA B 166 -19.79 -1.86 21.73
N ALA B 167 -18.62 -2.44 21.42
CA ALA B 167 -18.57 -3.47 20.40
C ALA B 167 -19.38 -4.69 20.81
N SER B 168 -19.26 -5.11 22.07
CA SER B 168 -20.04 -6.25 22.54
C SER B 168 -21.54 -5.97 22.48
N ALA B 169 -21.95 -4.77 22.90
CA ALA B 169 -23.37 -4.42 22.87
C ALA B 169 -23.89 -4.39 21.44
N SER B 170 -23.13 -3.81 20.51
CA SER B 170 -23.56 -3.76 19.12
C SER B 170 -23.67 -5.16 18.53
N THR B 171 -22.69 -6.03 18.81
CA THR B 171 -22.75 -7.38 18.28
C THR B 171 -23.92 -8.16 18.89
N GLN B 172 -24.23 -7.91 20.15
CA GLN B 172 -25.40 -8.53 20.77
C GLN B 172 -26.68 -8.07 20.11
N LEU B 173 -26.78 -6.77 19.80
CA LEU B 173 -27.97 -6.25 19.13
C LEU B 173 -28.11 -6.82 17.72
N GLY B 174 -27.00 -6.96 17.00
CA GLY B 174 -27.04 -7.31 15.59
C GLY B 174 -27.71 -8.63 15.27
N GLY B 175 -27.80 -9.53 16.24
CA GLY B 175 -28.37 -10.84 15.99
C GLY B 175 -27.41 -11.84 15.41
N LEU B 176 -26.11 -11.55 15.40
CA LEU B 176 -25.11 -12.49 14.95
C LEU B 176 -24.93 -13.60 15.99
N PRO B 177 -24.34 -14.73 15.60
CA PRO B 177 -24.15 -15.82 16.57
C PRO B 177 -23.15 -15.46 17.66
N PHE B 178 -23.40 -14.34 18.33
CA PHE B 178 -22.56 -13.89 19.43
C PHE B 178 -22.90 -14.66 20.70
N SER B 179 -21.88 -14.85 21.54
CA SER B 179 -22.09 -15.44 22.85
C SER B 179 -22.62 -14.36 23.79
N GLY B 180 -22.64 -14.65 25.08
CA GLY B 180 -23.07 -13.69 26.08
C GLY B 180 -22.32 -12.37 25.95
N PRO B 181 -23.02 -11.27 26.21
CA PRO B 181 -22.42 -9.95 25.97
C PRO B 181 -21.20 -9.69 26.83
N ILE B 182 -20.05 -9.56 26.18
CA ILE B 182 -18.82 -9.29 26.91
C ILE B 182 -18.91 -7.93 27.58
N GLY B 183 -18.39 -7.84 28.78
CA GLY B 183 -18.30 -6.58 29.48
C GLY B 183 -16.89 -6.36 30.00
N GLY B 184 -16.39 -5.15 29.82
CA GLY B 184 -15.04 -4.82 30.21
C GLY B 184 -15.02 -3.68 31.20
N VAL B 185 -14.01 -3.67 32.06
CA VAL B 185 -13.83 -2.60 33.03
C VAL B 185 -12.33 -2.45 33.30
N ARG B 186 -11.88 -1.22 33.40
CA ARG B 186 -10.53 -0.92 33.87
C ARG B 186 -10.57 -0.64 35.36
N VAL B 187 -9.73 -1.36 36.11
CA VAL B 187 -9.68 -1.28 37.56
C VAL B 187 -8.26 -0.95 37.98
N ALA B 188 -8.13 -0.03 38.93
CA ALA B 188 -6.82 0.44 39.36
C ALA B 188 -6.74 0.41 40.89
N LEU B 189 -5.62 -0.08 41.40
CA LEU B 189 -5.31 -0.01 42.83
C LEU B 189 -5.00 1.41 43.24
N ILE B 190 -5.94 2.06 43.91
CA ILE B 190 -5.72 3.34 44.55
C ILE B 190 -5.79 3.12 46.06
N ASP B 191 -4.66 3.33 46.73
CA ASP B 191 -4.51 3.27 48.19
C ASP B 191 -5.24 2.10 48.84
N GLY B 192 -5.35 0.98 48.13
CA GLY B 192 -5.89 -0.26 48.68
C GLY B 192 -7.12 -0.76 47.95
N THR B 193 -7.94 0.14 47.42
CA THR B 193 -9.20 -0.25 46.79
C THR B 193 -9.07 -0.24 45.27
N TRP B 194 -9.87 -1.10 44.62
CA TRP B 194 -9.85 -1.18 43.16
C TRP B 194 -10.95 -0.29 42.61
N VAL B 195 -10.56 0.83 42.02
CA VAL B 195 -11.48 1.78 41.43
C VAL B 195 -11.71 1.42 39.97
N GLY B 196 -12.96 1.35 39.55
CA GLY B 196 -13.31 0.99 38.19
C GLY B 196 -13.50 2.21 37.31
N PHE B 197 -13.07 2.09 36.05
CA PHE B 197 -13.09 3.18 35.09
C PHE B 197 -12.43 4.44 35.65
N PRO B 198 -11.13 4.40 35.93
CA PRO B 198 -10.48 5.57 36.52
C PRO B 198 -10.18 6.66 35.51
N THR B 199 -10.28 7.89 35.98
CA THR B 199 -9.79 9.04 35.23
C THR B 199 -8.26 9.01 35.18
N VAL B 200 -7.69 9.62 34.14
CA VAL B 200 -6.24 9.60 33.97
C VAL B 200 -5.54 10.12 35.23
N ASP B 201 -6.08 11.18 35.84
CA ASP B 201 -5.54 11.67 37.09
C ASP B 201 -5.69 10.64 38.21
N GLN B 202 -6.75 9.83 38.19
CA GLN B 202 -6.93 8.81 39.21
C GLN B 202 -5.87 7.72 39.08
N ILE B 203 -5.67 7.19 37.87
CA ILE B 203 -4.66 6.15 37.68
C ILE B 203 -3.26 6.71 37.86
N GLU B 204 -3.08 8.02 37.71
CA GLU B 204 -1.78 8.63 37.98
C GLU B 204 -1.31 8.30 39.40
N ARG B 205 -2.22 8.28 40.35
CA ARG B 205 -1.91 7.90 41.73
C ARG B 205 -2.13 6.42 42.00
N ALA B 206 -2.56 5.65 40.99
CA ALA B 206 -2.74 4.22 41.16
C ALA B 206 -1.38 3.52 41.13
N VAL B 207 -1.40 2.21 41.40
CA VAL B 207 -0.18 1.41 41.42
C VAL B 207 -0.32 0.14 40.59
N PHE B 208 -1.48 -0.11 39.99
CA PHE B 208 -1.65 -1.29 39.14
C PHE B 208 -2.85 -1.05 38.25
N ASP B 209 -2.62 -0.97 36.94
CA ASP B 209 -3.70 -0.77 35.98
C ASP B 209 -4.11 -2.13 35.42
N MET B 210 -5.41 -2.39 35.39
CA MET B 210 -5.93 -3.67 34.93
C MET B 210 -7.11 -3.42 34.00
N VAL B 211 -7.20 -4.21 32.93
CA VAL B 211 -8.34 -4.21 32.04
C VAL B 211 -8.88 -5.63 32.02
N VAL B 212 -10.11 -5.80 32.50
CA VAL B 212 -10.72 -7.12 32.65
C VAL B 212 -11.96 -7.17 31.77
N ALA B 213 -12.03 -8.17 30.91
CA ALA B 213 -13.19 -8.42 30.06
C ALA B 213 -13.72 -9.81 30.36
N GLY B 214 -15.02 -9.90 30.60
CA GLY B 214 -15.60 -11.18 30.99
C GLY B 214 -17.08 -11.23 30.68
N ARG B 215 -17.67 -12.38 30.95
CA ARG B 215 -19.07 -12.63 30.69
C ARG B 215 -19.66 -13.45 31.83
N ILE B 216 -20.99 -13.42 31.93
CA ILE B 216 -21.72 -14.19 32.93
C ILE B 216 -22.15 -15.52 32.31
N VAL B 217 -22.03 -16.60 33.08
CA VAL B 217 -22.30 -17.95 32.59
C VAL B 217 -23.51 -18.58 33.30
N GLU B 218 -23.49 -18.60 34.64
CA GLU B 218 -24.58 -19.19 35.41
C GLU B 218 -24.90 -18.31 36.62
N GLY B 219 -24.97 -17.00 36.39
CA GLY B 219 -25.21 -16.06 37.46
C GLY B 219 -23.95 -15.52 38.11
N ASP B 220 -22.77 -16.03 37.74
CA ASP B 220 -21.50 -15.50 38.17
C ASP B 220 -20.64 -15.23 36.95
N VAL B 221 -19.71 -14.30 37.08
CA VAL B 221 -18.93 -13.86 35.94
C VAL B 221 -17.76 -14.80 35.72
N ALA B 222 -17.34 -14.90 34.45
CA ALA B 222 -16.18 -15.69 34.06
C ALA B 222 -15.17 -14.78 33.38
N ILE B 223 -13.93 -14.82 33.84
CA ILE B 223 -12.89 -13.94 33.32
C ILE B 223 -12.43 -14.44 31.97
N MET B 224 -12.44 -13.56 30.98
CA MET B 224 -12.05 -13.90 29.61
C MET B 224 -10.72 -13.30 29.18
N MET B 225 -10.47 -12.04 29.51
CA MET B 225 -9.25 -11.36 29.10
C MET B 225 -8.76 -10.44 30.20
N VAL B 226 -7.46 -10.48 30.47
CA VAL B 226 -6.84 -9.65 31.49
C VAL B 226 -5.63 -8.96 30.87
N GLU B 227 -5.54 -7.64 31.05
CA GLU B 227 -4.40 -6.86 30.58
C GLU B 227 -3.93 -5.98 31.73
N ALA B 228 -2.79 -6.31 32.33
CA ALA B 228 -2.31 -5.64 33.52
C ALA B 228 -0.96 -5.00 33.26
N GLU B 229 -0.85 -3.71 33.57
CA GLU B 229 0.41 -2.99 33.49
C GLU B 229 0.60 -2.21 34.78
N ALA B 230 1.80 -2.29 35.35
CA ALA B 230 2.10 -1.50 36.53
C ALA B 230 2.30 -0.04 36.16
N THR B 231 1.79 0.85 37.00
CA THR B 231 1.91 2.27 36.75
C THR B 231 3.37 2.71 36.82
N GLU B 232 3.72 3.72 36.00
CA GLU B 232 5.10 4.17 35.94
C GLU B 232 5.62 4.65 37.28
N ASN B 233 4.73 5.05 38.21
CA ASN B 233 5.13 5.50 39.53
C ASN B 233 4.95 4.40 40.58
N VAL B 234 5.12 3.13 40.20
CA VAL B 234 5.00 2.04 41.15
C VAL B 234 6.09 2.13 42.22
N VAL B 235 7.32 2.42 41.79
CA VAL B 235 8.44 2.46 42.74
C VAL B 235 8.22 3.56 43.75
N GLU B 236 7.86 4.76 43.29
CA GLU B 236 7.67 5.88 44.21
C GLU B 236 6.50 5.63 45.15
N LEU B 237 5.39 5.10 44.63
CA LEU B 237 4.24 4.83 45.48
C LEU B 237 4.55 3.78 46.53
N VAL B 238 5.25 2.71 46.14
CA VAL B 238 5.59 1.65 47.09
C VAL B 238 6.56 2.18 48.14
N GLU B 239 7.58 2.93 47.72
CA GLU B 239 8.53 3.50 48.68
C GLU B 239 7.85 4.52 49.59
N GLY B 240 6.77 5.14 49.12
CA GLY B 240 6.08 6.14 49.92
C GLY B 240 5.06 5.61 50.90
N GLY B 241 4.71 4.32 50.82
CA GLY B 241 3.78 3.75 51.76
C GLY B 241 2.79 2.76 51.18
N ALA B 242 2.64 2.75 49.87
CA ALA B 242 1.71 1.82 49.23
C ALA B 242 2.26 0.41 49.29
N GLN B 243 1.46 -0.55 48.81
CA GLN B 243 1.84 -1.95 48.80
C GLN B 243 2.03 -2.43 47.37
N ALA B 244 3.10 -3.20 47.15
CA ALA B 244 3.47 -3.61 45.81
C ALA B 244 2.45 -4.61 45.25
N PRO B 245 2.24 -4.61 43.94
CA PRO B 245 1.28 -5.55 43.35
C PRO B 245 1.81 -6.97 43.29
N THR B 246 1.69 -7.68 44.41
CA THR B 246 2.04 -9.09 44.46
C THR B 246 1.02 -9.90 43.64
N GLU B 247 1.32 -11.19 43.46
CA GLU B 247 0.38 -12.06 42.77
C GLU B 247 -0.92 -12.22 43.53
N SER B 248 -0.87 -12.25 44.88
CA SER B 248 -2.09 -12.31 45.66
C SER B 248 -2.95 -11.07 45.43
N VAL B 249 -2.32 -9.90 45.36
CA VAL B 249 -3.05 -8.67 45.05
C VAL B 249 -3.68 -8.76 43.67
N VAL B 250 -2.97 -9.36 42.72
CA VAL B 250 -3.51 -9.51 41.36
C VAL B 250 -4.74 -10.42 41.37
N ALA B 251 -4.68 -11.53 42.11
CA ALA B 251 -5.84 -12.40 42.20
C ALA B 251 -7.02 -11.72 42.87
N ALA B 252 -6.74 -10.96 43.95
CA ALA B 252 -7.81 -10.20 44.60
C ALA B 252 -8.42 -9.19 43.64
N GLY B 253 -7.60 -8.57 42.79
CA GLY B 253 -8.13 -7.65 41.80
C GLY B 253 -8.98 -8.34 40.74
N LEU B 254 -8.53 -9.52 40.29
CA LEU B 254 -9.38 -10.35 39.44
C LEU B 254 -10.74 -10.56 40.09
N GLU B 255 -10.75 -10.81 41.40
CA GLU B 255 -12.00 -10.93 42.14
C GLU B 255 -12.69 -9.59 42.37
N ALA B 256 -11.99 -8.48 42.13
CA ALA B 256 -12.55 -7.17 42.45
C ALA B 256 -13.38 -6.60 41.31
N ALA B 257 -12.95 -6.83 40.07
CA ALA B 257 -13.65 -6.27 38.91
C ALA B 257 -14.85 -7.09 38.49
N LYS B 258 -15.14 -8.20 39.16
CA LYS B 258 -16.26 -9.04 38.78
C LYS B 258 -17.61 -8.34 38.88
N PRO B 259 -17.94 -7.63 39.96
CA PRO B 259 -19.24 -6.93 40.00
C PRO B 259 -19.40 -5.90 38.90
N PHE B 260 -18.34 -5.21 38.50
CA PHE B 260 -18.45 -4.23 37.43
C PHE B 260 -18.77 -4.90 36.09
N ILE B 261 -18.10 -6.00 35.78
CA ILE B 261 -18.40 -6.73 34.56
C ILE B 261 -19.82 -7.28 34.60
N ALA B 262 -20.26 -7.75 35.78
CA ALA B 262 -21.63 -8.24 35.91
C ALA B 262 -22.64 -7.13 35.67
N ALA B 263 -22.40 -5.95 36.23
CA ALA B 263 -23.31 -4.83 36.04
C ALA B 263 -23.35 -4.39 34.57
N LEU B 264 -22.19 -4.36 33.92
CA LEU B 264 -22.16 -3.98 32.51
C LEU B 264 -22.82 -5.02 31.62
N CYS B 265 -22.70 -6.30 31.97
CA CYS B 265 -23.38 -7.34 31.22
C CYS B 265 -24.89 -7.27 31.41
N THR B 266 -25.34 -6.95 32.62
CA THR B 266 -26.78 -6.83 32.87
C THR B 266 -27.41 -5.73 32.03
N ALA B 267 -26.63 -4.71 31.68
CA ALA B 267 -27.13 -3.58 30.89
C ALA B 267 -27.14 -3.88 29.39
N GLN B 268 -27.11 -5.14 28.99
CA GLN B 268 -27.14 -5.46 27.57
C GLN B 268 -28.39 -6.20 27.14
N GLN B 269 -28.74 -7.31 27.81
CA GLN B 269 -29.97 -8.01 27.45
C GLN B 269 -30.79 -8.55 28.62
N GLU B 270 -30.29 -8.55 29.84
CA GLU B 270 -30.86 -9.39 30.90
C GLU B 270 -32.32 -9.02 31.20
N LEU B 271 -32.59 -7.74 31.46
CA LEU B 271 -33.88 -7.35 32.01
C LEU B 271 -34.63 -6.41 31.09
N ALA B 272 -34.73 -6.77 29.81
CA ALA B 272 -35.43 -5.98 28.80
C ALA B 272 -34.81 -4.59 28.68
N ASP B 273 -33.52 -4.59 28.34
CA ASP B 273 -32.76 -3.37 28.13
C ASP B 273 -31.83 -3.58 26.95
N ALA B 274 -31.54 -2.49 26.24
CA ALA B 274 -30.70 -2.52 25.05
C ALA B 274 -31.11 -3.65 24.13
N ALA B 275 -30.36 -4.75 24.14
CA ALA B 275 -30.74 -5.92 23.36
C ALA B 275 -31.92 -6.67 23.96
N GLY B 276 -32.30 -6.36 25.20
CA GLY B 276 -33.47 -7.02 25.78
C GLY B 276 -34.78 -6.45 25.33
N LYS B 277 -34.82 -5.17 24.96
CA LYS B 277 -36.04 -4.57 24.45
C LYS B 277 -36.46 -5.21 23.13
N SER B 278 -35.50 -5.46 22.24
CA SER B 278 -35.79 -6.06 20.95
C SER B 278 -35.73 -7.57 20.96
N GLY B 279 -35.30 -8.18 22.07
CA GLY B 279 -35.24 -9.64 22.15
C GLY B 279 -34.09 -10.23 21.35
N LYS B 280 -34.17 -10.11 20.03
CA LYS B 280 -33.15 -10.57 19.09
C LYS B 280 -32.86 -12.05 19.23
N PRO B 281 -33.76 -12.93 18.82
CA PRO B 281 -33.43 -14.35 18.73
C PRO B 281 -32.43 -14.62 17.61
N THR B 282 -31.79 -15.78 17.68
CA THR B 282 -30.72 -16.10 16.76
C THR B 282 -31.23 -16.23 15.33
N VAL B 283 -30.59 -15.52 14.40
CA VAL B 283 -30.92 -15.61 12.99
C VAL B 283 -30.05 -16.69 12.35
N ASP B 284 -30.45 -17.13 11.16
CA ASP B 284 -29.71 -18.17 10.46
C ASP B 284 -28.33 -17.68 10.05
N PHE B 285 -27.36 -18.59 10.07
CA PHE B 285 -25.99 -18.32 9.64
C PHE B 285 -25.27 -19.63 9.36
N PRO B 286 -24.63 -19.77 8.20
CA PRO B 286 -23.95 -21.02 7.89
C PRO B 286 -22.72 -21.25 8.74
N VAL B 287 -22.40 -22.52 8.94
CA VAL B 287 -21.21 -22.93 9.68
C VAL B 287 -20.54 -24.05 8.89
N PHE B 288 -19.21 -24.01 8.82
CA PHE B 288 -18.43 -24.96 8.02
C PHE B 288 -17.45 -25.68 8.94
N PRO B 289 -17.92 -26.69 9.69
CA PRO B 289 -17.00 -27.46 10.54
C PRO B 289 -16.07 -28.32 9.72
N ASP B 290 -14.91 -28.62 10.31
CA ASP B 290 -13.92 -29.43 9.61
C ASP B 290 -14.28 -30.92 9.60
N TYR B 291 -14.95 -31.40 10.64
CA TYR B 291 -15.24 -32.84 10.76
C TYR B 291 -16.59 -33.00 11.47
N GLY B 292 -17.65 -33.20 10.70
CA GLY B 292 -18.95 -33.33 11.32
C GLY B 292 -19.20 -34.62 12.07
N GLU B 293 -19.40 -35.72 11.35
CA GLU B 293 -19.54 -37.02 11.99
C GLU B 293 -18.90 -38.18 11.26
N ASP B 294 -18.53 -38.05 9.99
CA ASP B 294 -18.08 -39.20 9.20
C ASP B 294 -16.57 -39.36 9.25
N VAL B 295 -15.83 -38.32 8.84
CA VAL B 295 -14.37 -38.38 8.88
C VAL B 295 -13.89 -38.55 10.31
N TYR B 296 -14.53 -37.86 11.26
CA TYR B 296 -14.13 -37.95 12.66
C TYR B 296 -14.26 -39.37 13.19
N TYR B 297 -15.41 -40.01 12.93
CA TYR B 297 -15.59 -41.39 13.37
C TYR B 297 -14.62 -42.32 12.65
N SER B 298 -14.40 -42.10 11.35
CA SER B 298 -13.54 -42.98 10.58
C SER B 298 -12.08 -42.88 11.02
N VAL B 299 -11.66 -41.74 11.56
CA VAL B 299 -10.29 -41.66 12.06
C VAL B 299 -10.21 -42.12 13.51
N SER B 300 -11.25 -41.85 14.31
CA SER B 300 -11.23 -42.27 15.70
C SER B 300 -11.31 -43.79 15.84
N SER B 301 -11.97 -44.46 14.91
CA SER B 301 -12.09 -45.91 15.00
C SER B 301 -10.75 -46.60 14.83
N VAL B 302 -9.95 -46.17 13.85
CA VAL B 302 -8.70 -46.84 13.52
C VAL B 302 -7.49 -45.96 13.85
N ALA B 303 -7.64 -45.00 14.76
CA ALA B 303 -6.52 -44.17 15.18
C ALA B 303 -6.39 -44.00 16.69
N THR B 304 -7.45 -44.23 17.47
CA THR B 304 -7.38 -44.01 18.91
C THR B 304 -6.38 -44.94 19.58
N ASP B 305 -6.42 -46.23 19.22
CA ASP B 305 -5.52 -47.21 19.84
C ASP B 305 -4.10 -47.13 19.33
N GLU B 306 -3.84 -46.36 18.27
CA GLU B 306 -2.52 -46.28 17.66
C GLU B 306 -1.64 -45.21 18.28
N LEU B 307 -2.11 -44.52 19.31
CA LEU B 307 -1.34 -43.50 20.01
C LEU B 307 -1.19 -43.86 21.48
N ALA B 308 -0.93 -45.14 21.77
CA ALA B 308 -0.82 -45.59 23.15
C ALA B 308 0.46 -45.08 23.79
N ALA B 309 1.60 -45.26 23.13
CA ALA B 309 2.89 -44.88 23.67
C ALA B 309 3.76 -44.24 22.59
N ALA B 310 3.16 -43.40 21.76
CA ALA B 310 3.88 -42.77 20.66
C ALA B 310 4.62 -41.50 21.09
N LEU B 311 4.47 -41.07 22.34
CA LEU B 311 5.12 -39.86 22.85
C LEU B 311 5.89 -40.17 24.12
N THR B 312 6.68 -41.25 24.08
CA THR B 312 7.44 -41.68 25.26
C THR B 312 8.85 -41.13 25.27
N ILE B 313 9.51 -41.07 24.11
CA ILE B 313 10.87 -40.54 24.04
C ILE B 313 10.89 -39.06 24.41
N GLY B 314 9.95 -38.30 23.88
CA GLY B 314 9.92 -36.86 24.11
C GLY B 314 11.06 -36.10 23.47
N GLY B 315 11.45 -36.51 22.26
CA GLY B 315 12.54 -35.84 21.57
C GLY B 315 12.23 -35.68 20.10
N LYS B 316 12.82 -34.63 19.53
CA LYS B 316 12.62 -34.33 18.12
C LYS B 316 13.22 -35.40 17.20
N ALA B 317 14.18 -36.17 17.70
CA ALA B 317 14.86 -37.15 16.87
C ALA B 317 14.20 -38.52 16.86
N GLU B 318 13.59 -38.93 17.96
CA GLU B 318 13.05 -40.28 18.08
C GLU B 318 11.55 -40.34 18.33
N ARG B 319 11.02 -39.46 19.19
CA ARG B 319 9.61 -39.54 19.53
C ARG B 319 8.72 -39.25 18.32
N ASP B 320 9.08 -38.25 17.51
CA ASP B 320 8.29 -37.90 16.34
C ASP B 320 8.24 -39.02 15.31
N GLN B 321 9.25 -39.90 15.30
CA GLN B 321 9.36 -40.93 14.28
C GLN B 321 8.18 -41.89 14.29
N ARG B 322 7.46 -41.99 15.40
CA ARG B 322 6.28 -42.85 15.46
C ARG B 322 5.01 -42.09 15.07
N ILE B 323 4.83 -40.88 15.61
CA ILE B 323 3.60 -40.14 15.35
C ILE B 323 3.52 -39.74 13.88
N ASP B 324 4.62 -39.26 13.30
CA ASP B 324 4.58 -38.89 11.89
C ASP B 324 4.35 -40.11 11.00
N GLU B 325 4.97 -41.24 11.33
CA GLU B 325 4.80 -42.45 10.54
C GLU B 325 3.37 -42.96 10.60
N ILE B 326 2.76 -42.97 11.78
CA ILE B 326 1.37 -43.40 11.87
C ILE B 326 0.44 -42.39 11.21
N LYS B 327 0.79 -41.10 11.25
CA LYS B 327 0.01 -40.11 10.51
C LYS B 327 0.01 -40.41 9.02
N THR B 328 1.20 -40.71 8.47
CA THR B 328 1.27 -41.08 7.05
C THR B 328 0.51 -42.36 6.78
N GLN B 329 0.61 -43.34 7.68
CA GLN B 329 -0.09 -44.61 7.48
C GLN B 329 -1.59 -44.41 7.42
N VAL B 330 -2.16 -43.65 8.35
CA VAL B 330 -3.59 -43.43 8.35
C VAL B 330 -4.01 -42.53 7.20
N VAL B 331 -3.15 -41.60 6.77
CA VAL B 331 -3.47 -40.79 5.61
C VAL B 331 -3.58 -41.66 4.35
N GLN B 332 -2.63 -42.57 4.18
CA GLN B 332 -2.70 -43.48 3.04
C GLN B 332 -3.89 -44.43 3.14
N ARG B 333 -4.14 -44.97 4.33
CA ARG B 333 -5.21 -45.95 4.51
C ARG B 333 -6.58 -45.33 4.30
N LEU B 334 -6.80 -44.13 4.84
CA LEU B 334 -8.12 -43.49 4.76
C LEU B 334 -8.44 -42.97 3.37
N ALA B 335 -7.49 -42.97 2.44
CA ALA B 335 -7.73 -42.49 1.08
C ALA B 335 -8.44 -43.56 0.25
N ASP B 336 -9.60 -43.98 0.75
CA ASP B 336 -10.42 -44.98 0.09
C ASP B 336 -11.87 -44.57 -0.07
N THR B 337 -12.42 -43.70 0.78
CA THR B 337 -13.80 -43.28 0.65
C THR B 337 -13.90 -41.76 0.74
N TYR B 338 -12.92 -41.11 1.35
CA TYR B 338 -12.88 -39.65 1.44
C TYR B 338 -11.94 -39.09 0.36
N GLU B 339 -12.43 -39.18 -0.88
CA GLU B 339 -11.69 -38.63 -2.02
C GLU B 339 -11.94 -37.14 -2.12
N GLY B 340 -10.87 -36.35 -2.10
CA GLY B 340 -10.99 -34.91 -2.15
C GLY B 340 -11.24 -34.23 -0.83
N ARG B 341 -11.17 -34.95 0.28
CA ARG B 341 -11.39 -34.39 1.61
C ARG B 341 -10.15 -34.58 2.48
N GLU B 342 -8.98 -34.29 1.92
CA GLU B 342 -7.74 -34.46 2.67
C GLU B 342 -7.66 -33.47 3.84
N LYS B 343 -8.18 -32.25 3.66
CA LYS B 343 -8.17 -31.29 4.75
C LYS B 343 -9.05 -31.76 5.90
N GLU B 344 -10.19 -32.39 5.59
CA GLU B 344 -11.08 -32.88 6.64
C GLU B 344 -10.40 -33.92 7.51
N VAL B 345 -9.81 -34.94 6.88
CA VAL B 345 -9.16 -36.00 7.65
C VAL B 345 -7.93 -35.46 8.38
N GLY B 346 -7.22 -34.51 7.76
CA GLY B 346 -6.08 -33.92 8.45
C GLY B 346 -6.49 -33.17 9.71
N ALA B 347 -7.54 -32.36 9.62
CA ALA B 347 -8.02 -31.64 10.79
C ALA B 347 -8.55 -32.60 11.84
N ALA B 348 -9.23 -33.67 11.41
CA ALA B 348 -9.73 -34.65 12.37
C ALA B 348 -8.58 -35.33 13.10
N LEU B 349 -7.52 -35.69 12.38
CA LEU B 349 -6.35 -36.29 13.01
C LEU B 349 -5.70 -35.32 13.99
N ARG B 350 -5.60 -34.04 13.60
CA ARG B 350 -5.02 -33.05 14.50
C ARG B 350 -5.84 -32.91 15.77
N ALA B 351 -7.16 -32.87 15.65
CA ALA B 351 -8.02 -32.80 16.83
C ALA B 351 -7.86 -34.05 17.69
N LEU B 352 -7.79 -35.22 17.06
CA LEU B 352 -7.63 -36.46 17.80
C LEU B 352 -6.34 -36.45 18.62
N THR B 353 -5.23 -36.10 17.99
CA THR B 353 -3.97 -36.09 18.72
C THR B 353 -3.93 -34.99 19.77
N LYS B 354 -4.59 -33.86 19.52
CA LYS B 354 -4.67 -32.81 20.52
C LYS B 354 -5.40 -33.29 21.76
N LYS B 355 -6.58 -33.90 21.58
CA LYS B 355 -7.33 -34.42 22.72
C LYS B 355 -6.55 -35.52 23.44
N LEU B 356 -5.90 -36.40 22.67
CA LEU B 356 -5.14 -37.49 23.28
C LEU B 356 -4.00 -36.96 24.13
N VAL B 357 -3.24 -35.99 23.62
CA VAL B 357 -2.12 -35.49 24.40
C VAL B 357 -2.61 -34.65 25.58
N ARG B 358 -3.76 -33.98 25.44
CA ARG B 358 -4.35 -33.31 26.59
C ARG B 358 -4.67 -34.31 27.69
N GLN B 359 -5.28 -35.44 27.32
CA GLN B 359 -5.51 -36.50 28.29
C GLN B 359 -4.20 -37.03 28.87
N ARG B 360 -3.14 -37.08 28.05
CA ARG B 360 -1.84 -37.52 28.51
C ARG B 360 -1.35 -36.62 29.64
N ILE B 361 -1.44 -35.30 29.44
CA ILE B 361 -1.02 -34.37 30.48
C ILE B 361 -1.92 -34.49 31.71
N LEU B 362 -3.22 -34.65 31.51
CA LEU B 362 -4.13 -34.71 32.65
C LEU B 362 -3.88 -35.95 33.51
N THR B 363 -3.60 -37.09 32.89
CA THR B 363 -3.45 -38.34 33.64
C THR B 363 -2.00 -38.61 34.05
N ASP B 364 -1.11 -38.74 33.08
CA ASP B 364 0.28 -39.08 33.37
C ASP B 364 1.01 -37.90 34.01
N HIS B 365 0.57 -36.67 33.73
CA HIS B 365 1.22 -35.45 34.22
C HIS B 365 2.59 -35.29 33.56
N PHE B 366 2.63 -35.57 32.25
CA PHE B 366 3.85 -35.48 31.45
C PHE B 366 3.54 -34.75 30.15
N ARG B 367 4.50 -33.98 29.67
CA ARG B 367 4.32 -33.10 28.54
C ARG B 367 4.75 -33.76 27.23
N ILE B 368 4.46 -33.08 26.12
CA ILE B 368 4.87 -33.56 24.81
C ILE B 368 6.38 -33.43 24.64
N ASP B 369 6.96 -32.34 25.15
CA ASP B 369 8.39 -32.11 25.00
C ASP B 369 9.23 -33.02 25.91
N GLY B 370 8.60 -33.75 26.82
CA GLY B 370 9.32 -34.61 27.74
C GLY B 370 9.71 -33.98 29.06
N ARG B 371 9.37 -32.71 29.27
CA ARG B 371 9.70 -32.01 30.49
C ARG B 371 8.51 -32.00 31.45
N GLY B 372 8.78 -31.60 32.69
CA GLY B 372 7.74 -31.49 33.69
C GLY B 372 7.03 -30.15 33.62
N ILE B 373 6.15 -29.93 34.60
CA ILE B 373 5.35 -28.71 34.63
C ILE B 373 6.09 -27.51 35.20
N THR B 374 7.27 -27.71 35.78
CA THR B 374 8.06 -26.62 36.31
C THR B 374 9.45 -26.56 35.67
N ASP B 375 9.64 -27.25 34.54
CA ASP B 375 10.94 -27.32 33.88
C ASP B 375 11.08 -26.13 32.93
N ILE B 376 11.89 -25.16 33.33
CA ILE B 376 12.20 -24.03 32.47
C ILE B 376 13.17 -24.48 31.38
N ARG B 377 12.94 -24.02 30.15
CA ARG B 377 13.74 -24.45 29.02
C ARG B 377 15.20 -24.01 29.19
N ALA B 378 16.05 -24.52 28.29
CA ALA B 378 17.48 -24.25 28.36
C ALA B 378 17.74 -22.75 28.25
N LEU B 379 18.30 -22.17 29.30
CA LEU B 379 18.47 -20.73 29.43
C LEU B 379 19.90 -20.31 29.13
N SER B 380 20.05 -19.16 28.49
CA SER B 380 21.35 -18.55 28.29
C SER B 380 21.13 -17.08 27.98
N ALA B 381 22.10 -16.26 28.38
CA ALA B 381 21.97 -14.81 28.19
C ALA B 381 23.36 -14.21 28.08
N GLU B 382 23.74 -13.79 26.86
CA GLU B 382 25.00 -13.10 26.65
C GLU B 382 24.74 -11.62 26.47
N VAL B 383 25.74 -10.81 26.83
CA VAL B 383 25.58 -9.36 26.89
C VAL B 383 26.72 -8.71 26.11
N ALA B 384 26.39 -7.62 25.41
CA ALA B 384 27.34 -6.87 24.58
C ALA B 384 27.93 -7.76 23.48
N VAL B 385 27.04 -8.22 22.61
CA VAL B 385 27.45 -9.05 21.47
C VAL B 385 27.54 -8.25 20.17
N VAL B 386 26.94 -7.07 20.10
CA VAL B 386 26.99 -6.22 18.92
C VAL B 386 27.83 -4.99 19.25
N PRO B 387 28.99 -4.84 18.62
CA PRO B 387 29.83 -3.67 18.91
C PRO B 387 29.28 -2.41 18.25
N ARG B 388 29.77 -1.27 18.75
CA ARG B 388 29.41 0.08 18.29
C ARG B 388 27.97 0.45 18.64
N ALA B 389 27.21 -0.46 19.24
CA ALA B 389 25.86 -0.18 19.70
C ALA B 389 25.88 0.17 21.18
N HIS B 390 24.95 1.04 21.57
CA HIS B 390 24.93 1.53 22.95
C HIS B 390 24.70 0.38 23.93
N GLY B 391 23.79 -0.52 23.60
CA GLY B 391 23.59 -1.72 24.40
C GLY B 391 23.09 -2.87 23.57
N SER B 392 23.64 -4.07 23.77
CA SER B 392 23.25 -5.22 23.00
C SER B 392 23.20 -6.46 23.91
N ALA B 393 22.20 -7.30 23.69
CA ALA B 393 22.07 -8.52 24.46
C ALA B 393 21.43 -9.59 23.59
N LEU B 394 21.70 -10.85 23.95
CA LEU B 394 21.16 -11.99 23.22
C LEU B 394 20.69 -13.00 24.26
N PHE B 395 19.38 -13.23 24.30
CA PHE B 395 18.74 -14.09 25.28
C PHE B 395 18.13 -15.29 24.58
N GLU B 396 18.52 -16.49 25.02
CA GLU B 396 18.08 -17.73 24.38
C GLU B 396 17.39 -18.61 25.43
N ARG B 397 16.20 -19.11 25.08
CA ARG B 397 15.44 -20.05 25.88
C ARG B 397 15.05 -21.18 24.94
N GLY B 398 15.87 -22.23 24.91
CA GLY B 398 15.60 -23.34 24.02
C GLY B 398 15.64 -22.90 22.57
N GLU B 399 14.56 -23.20 21.84
CA GLU B 399 14.47 -22.75 20.46
C GLU B 399 14.35 -21.23 20.37
N THR B 400 13.74 -20.60 21.36
CA THR B 400 13.52 -19.16 21.30
C THR B 400 14.82 -18.41 21.50
N GLN B 401 14.97 -17.29 20.78
CA GLN B 401 16.21 -16.52 20.83
C GLN B 401 15.93 -15.11 20.34
N ILE B 402 16.19 -14.12 21.19
CA ILE B 402 15.92 -12.71 20.89
C ILE B 402 17.20 -11.92 21.06
N LEU B 403 17.51 -11.09 20.07
CA LEU B 403 18.60 -10.13 20.15
C LEU B 403 18.00 -8.74 20.35
N GLY B 404 18.35 -8.11 21.47
CA GLY B 404 17.84 -6.78 21.81
C GLY B 404 18.95 -5.75 21.74
N VAL B 405 18.69 -4.68 21.01
CA VAL B 405 19.64 -3.58 20.84
C VAL B 405 18.97 -2.29 21.28
N THR B 406 19.62 -1.56 22.18
CA THR B 406 19.11 -0.31 22.71
C THR B 406 20.09 0.82 22.44
N THR B 407 19.55 1.99 22.08
CA THR B 407 20.35 3.15 21.73
C THR B 407 19.77 4.37 22.44
N LEU B 408 20.63 5.37 22.67
CA LEU B 408 20.27 6.55 23.44
C LEU B 408 20.68 7.81 22.71
N ASP B 409 19.78 8.79 22.64
CA ASP B 409 20.10 10.12 22.14
C ASP B 409 19.51 11.19 23.04
N MET B 410 19.57 12.44 22.61
CA MET B 410 19.10 13.56 23.42
C MET B 410 17.59 13.50 23.62
N ILE B 411 17.11 14.33 24.55
CA ILE B 411 15.70 14.32 24.93
C ILE B 411 14.81 14.70 23.75
N LYS B 412 15.29 15.58 22.86
CA LYS B 412 14.47 16.02 21.73
C LYS B 412 14.11 14.88 20.79
N MET B 413 14.82 13.75 20.87
CA MET B 413 14.59 12.65 19.94
C MET B 413 13.45 11.73 20.36
N ALA B 414 12.86 11.94 21.53
CA ALA B 414 11.72 11.14 21.95
C ALA B 414 10.53 11.39 21.03
N GLN B 415 9.74 10.35 20.82
CA GLN B 415 8.61 10.44 19.90
C GLN B 415 7.58 11.44 20.41
N GLN B 416 7.14 12.34 19.53
CA GLN B 416 6.10 13.31 19.84
C GLN B 416 4.77 12.71 19.41
N ILE B 417 4.14 11.96 20.31
CA ILE B 417 2.90 11.27 20.00
C ILE B 417 1.74 12.25 20.09
N ASP B 418 0.96 12.35 19.01
CA ASP B 418 -0.28 13.10 19.00
C ASP B 418 -1.43 12.12 18.75
N SER B 419 -2.44 12.19 19.61
CA SER B 419 -3.55 11.24 19.57
C SER B 419 -4.59 11.70 20.59
N LEU B 420 -5.70 10.98 20.65
CA LEU B 420 -6.70 11.25 21.68
C LEU B 420 -6.20 10.89 23.06
N GLY B 421 -5.14 10.08 23.16
CA GLY B 421 -4.60 9.67 24.44
C GLY B 421 -4.02 10.83 25.22
N PRO B 422 -4.05 10.71 26.56
CA PRO B 422 -3.55 11.80 27.40
C PRO B 422 -2.09 12.14 27.19
N GLU B 423 -1.25 11.17 26.87
CA GLU B 423 0.18 11.42 26.75
C GLU B 423 0.47 12.28 25.52
N THR B 424 1.63 12.93 25.55
CA THR B 424 2.04 13.82 24.47
C THR B 424 3.43 13.47 23.97
N SER B 425 4.29 12.94 24.84
CA SER B 425 5.65 12.58 24.48
C SER B 425 5.97 11.20 25.04
N LYS B 426 6.50 10.33 24.19
CA LYS B 426 6.90 8.97 24.58
C LYS B 426 8.42 8.92 24.60
N ARG B 427 9.00 8.87 25.80
CA ARG B 427 10.44 8.90 25.95
C ARG B 427 11.08 7.53 25.93
N TYR B 428 10.30 6.46 25.90
CA TYR B 428 10.82 5.10 25.81
C TYR B 428 10.03 4.35 24.73
N MET B 429 10.67 4.09 23.60
CA MET B 429 10.04 3.38 22.50
C MET B 429 10.60 1.96 22.44
N HIS B 430 9.71 0.97 22.36
CA HIS B 430 10.12 -0.43 22.21
C HIS B 430 9.47 -0.98 20.95
N HIS B 431 10.30 -1.26 19.95
CA HIS B 431 9.83 -1.80 18.67
C HIS B 431 10.28 -3.24 18.54
N TYR B 432 9.32 -4.13 18.29
CA TYR B 432 9.55 -5.57 18.28
C TYR B 432 9.50 -6.05 16.83
N ASN B 433 10.67 -6.40 16.30
CA ASN B 433 10.78 -6.86 14.92
C ASN B 433 10.72 -8.39 14.89
N PHE B 434 9.91 -8.92 13.98
CA PHE B 434 9.68 -10.36 13.86
C PHE B 434 9.87 -10.77 12.41
N PRO B 435 11.12 -10.83 11.95
CA PRO B 435 11.37 -11.18 10.56
C PRO B 435 10.94 -12.61 10.28
N PRO B 436 10.51 -12.92 9.06
CA PRO B 436 9.98 -14.26 8.76
C PRO B 436 10.99 -15.39 8.95
N PHE B 437 12.29 -15.10 8.86
CA PHE B 437 13.26 -16.19 9.05
C PHE B 437 13.38 -16.62 10.50
N SER B 438 12.70 -15.95 11.43
CA SER B 438 12.73 -16.38 12.83
C SER B 438 12.14 -17.76 13.00
N THR B 439 11.04 -18.06 12.31
CA THR B 439 10.42 -19.37 12.37
C THR B 439 10.84 -20.27 11.21
N GLY B 440 11.73 -19.81 10.34
CA GLY B 440 12.20 -20.64 9.24
C GLY B 440 11.29 -20.71 8.04
N GLU B 441 10.41 -19.72 7.86
CA GLU B 441 9.53 -19.68 6.70
C GLU B 441 9.67 -18.35 5.99
N THR B 442 9.50 -18.37 4.68
CA THR B 442 9.59 -17.15 3.88
C THR B 442 8.32 -16.34 3.98
N GLY B 443 8.49 -15.02 4.09
CA GLY B 443 7.36 -14.12 4.21
C GLY B 443 7.64 -12.77 3.58
N ARG B 444 6.95 -11.74 4.06
CA ARG B 444 7.13 -10.38 3.56
C ARG B 444 7.70 -9.51 4.66
N VAL B 445 8.84 -8.88 4.40
CA VAL B 445 9.46 -7.95 5.34
C VAL B 445 8.93 -6.55 5.04
N GLY B 446 8.46 -5.86 6.08
CA GLY B 446 7.93 -4.53 5.90
C GLY B 446 7.25 -3.99 7.15
N SER B 447 6.07 -3.40 6.97
CA SER B 447 5.34 -2.87 8.11
C SER B 447 4.89 -4.01 9.01
N PRO B 448 5.18 -3.95 10.31
CA PRO B 448 4.76 -5.03 11.21
C PRO B 448 3.25 -5.12 11.34
N LYS B 449 2.77 -6.33 11.58
CA LYS B 449 1.34 -6.58 11.68
C LYS B 449 0.84 -6.12 13.05
N ARG B 450 -0.43 -6.42 13.34
CA ARG B 450 -1.01 -6.02 14.62
C ARG B 450 -0.34 -6.73 15.79
N ARG B 451 -0.04 -8.01 15.63
CA ARG B 451 0.49 -8.80 16.74
C ARG B 451 1.88 -8.31 17.15
N GLU B 452 2.69 -7.84 16.21
CA GLU B 452 4.00 -7.32 16.58
C GLU B 452 3.87 -6.04 17.38
N ILE B 453 2.94 -5.17 17.02
CA ILE B 453 2.71 -3.96 17.80
C ILE B 453 2.21 -4.31 19.18
N GLY B 454 1.32 -5.31 19.28
CA GLY B 454 0.85 -5.75 20.59
C GLY B 454 1.96 -6.29 21.47
N HIS B 455 2.84 -7.12 20.90
CA HIS B 455 3.96 -7.65 21.65
C HIS B 455 4.91 -6.54 22.09
N GLY B 456 5.20 -5.60 21.20
CA GLY B 456 6.03 -4.46 21.57
C GLY B 456 5.41 -3.64 22.69
N ALA B 457 4.10 -3.44 22.63
CA ALA B 457 3.41 -2.70 23.68
C ALA B 457 3.48 -3.45 25.01
N LEU B 458 3.33 -4.77 24.97
CA LEU B 458 3.41 -5.55 26.20
C LEU B 458 4.80 -5.44 26.82
N ALA B 459 5.85 -5.57 26.00
CA ALA B 459 7.21 -5.44 26.52
C ALA B 459 7.48 -4.03 27.03
N GLU B 460 6.99 -3.02 26.31
CA GLU B 460 7.19 -1.64 26.75
C GLU B 460 6.49 -1.39 28.08
N ARG B 461 5.27 -1.88 28.25
CA ARG B 461 4.57 -1.73 29.51
C ARG B 461 5.28 -2.50 30.62
N ALA B 462 5.89 -3.63 30.29
CA ALA B 462 6.68 -4.35 31.28
C ALA B 462 7.88 -3.53 31.74
N LEU B 463 8.52 -2.82 30.81
CA LEU B 463 9.76 -2.12 31.14
C LEU B 463 9.56 -0.69 31.63
N VAL B 464 8.38 -0.08 31.45
CA VAL B 464 8.16 1.29 31.91
C VAL B 464 8.32 1.44 33.43
N PRO B 465 7.69 0.62 34.27
CA PRO B 465 7.68 0.94 35.72
C PRO B 465 9.06 0.96 36.35
N VAL B 466 10.07 0.37 35.71
CA VAL B 466 11.39 0.25 36.30
C VAL B 466 12.39 1.25 35.73
N LEU B 467 12.02 1.98 34.67
CA LEU B 467 12.94 2.92 34.05
C LEU B 467 13.23 4.09 35.00
N PRO B 468 14.43 4.65 34.93
CA PRO B 468 14.72 5.87 35.69
C PRO B 468 13.93 7.05 35.17
N SER B 469 13.74 8.03 36.06
CA SER B 469 13.00 9.23 35.69
C SER B 469 13.82 10.07 34.70
N VAL B 470 13.13 10.99 34.04
CA VAL B 470 13.76 11.79 32.99
C VAL B 470 14.86 12.67 33.56
N GLU B 471 14.62 13.29 34.71
CA GLU B 471 15.64 14.16 35.31
C GLU B 471 16.86 13.35 35.74
N GLU B 472 16.64 12.19 36.34
CA GLU B 472 17.76 11.37 36.80
C GLU B 472 18.60 10.85 35.63
N PHE B 473 17.94 10.42 34.56
CA PHE B 473 18.62 9.83 33.40
C PHE B 473 18.10 10.53 32.15
N PRO B 474 18.71 11.64 31.76
CA PRO B 474 18.12 12.51 30.72
C PRO B 474 18.45 12.06 29.29
N TYR B 475 18.13 10.80 28.98
CA TYR B 475 18.35 10.25 27.65
C TYR B 475 17.09 9.56 27.17
N ALA B 476 16.67 9.87 25.94
CA ALA B 476 15.59 9.12 25.32
C ALA B 476 16.06 7.72 24.97
N ILE B 477 15.16 6.74 25.09
CA ILE B 477 15.51 5.34 24.98
C ILE B 477 14.70 4.72 23.84
N ARG B 478 15.39 4.04 22.94
CA ARG B 478 14.76 3.23 21.90
C ARG B 478 15.32 1.82 21.98
N GLN B 479 14.45 0.83 21.84
CA GLN B 479 14.84 -0.57 22.01
C GLN B 479 14.24 -1.38 20.89
N VAL B 480 15.08 -1.84 19.97
CA VAL B 480 14.66 -2.77 18.93
C VAL B 480 14.92 -4.18 19.42
N SER B 481 13.87 -5.00 19.41
CA SER B 481 13.96 -6.39 19.84
C SER B 481 13.74 -7.26 18.61
N GLU B 482 14.83 -7.78 18.05
CA GLU B 482 14.77 -8.59 16.83
C GLU B 482 14.66 -10.06 17.21
N ALA B 483 13.53 -10.67 16.87
CA ALA B 483 13.32 -12.10 17.16
C ALA B 483 14.10 -12.91 16.14
N LEU B 484 15.29 -13.39 16.55
CA LEU B 484 16.11 -14.19 15.66
C LEU B 484 15.71 -15.66 15.64
N GLY B 485 14.88 -16.10 16.60
CA GLY B 485 14.36 -17.45 16.57
C GLY B 485 13.12 -17.57 17.44
N SER B 486 12.07 -18.20 16.93
CA SER B 486 10.79 -18.21 17.62
C SER B 486 10.24 -19.63 17.73
N ASN B 487 9.68 -19.94 18.90
CA ASN B 487 8.90 -21.16 19.11
C ASN B 487 7.66 -20.84 19.93
N GLY B 488 7.01 -19.72 19.62
CA GLY B 488 5.81 -19.30 20.33
C GLY B 488 6.10 -18.50 21.58
N SER B 489 5.35 -17.42 21.77
CA SER B 489 5.45 -16.57 22.98
C SER B 489 6.86 -16.00 23.14
N THR B 490 7.27 -15.22 22.15
CA THR B 490 8.58 -14.58 22.15
C THR B 490 8.57 -13.22 22.83
N SER B 491 7.41 -12.71 23.22
CA SER B 491 7.34 -11.40 23.86
C SER B 491 8.09 -11.39 25.19
N MET B 492 7.98 -12.46 25.96
CA MET B 492 8.58 -12.46 27.29
C MET B 492 10.10 -12.57 27.19
N GLY B 493 10.59 -13.41 26.27
CA GLY B 493 12.01 -13.42 25.98
C GLY B 493 12.50 -12.08 25.46
N SER B 494 11.65 -11.38 24.70
CA SER B 494 11.98 -10.02 24.30
C SER B 494 12.13 -9.11 25.50
N VAL B 495 11.25 -9.27 26.50
CA VAL B 495 11.34 -8.48 27.73
C VAL B 495 12.67 -8.74 28.42
N CYS B 496 13.04 -10.01 28.58
CA CYS B 496 14.29 -10.35 29.25
C CYS B 496 15.49 -9.82 28.47
N ALA B 497 15.49 -9.99 27.16
CA ALA B 497 16.59 -9.48 26.34
C ALA B 497 16.68 -7.97 26.41
N SER B 498 15.53 -7.29 26.44
CA SER B 498 15.52 -5.84 26.47
C SER B 498 16.07 -5.32 27.80
N THR B 499 15.70 -5.95 28.91
CA THR B 499 16.26 -5.48 30.18
C THR B 499 17.75 -5.82 30.29
N LEU B 500 18.18 -6.95 29.73
CA LEU B 500 19.60 -7.25 29.66
C LEU B 500 20.35 -6.18 28.87
N ALA B 501 19.82 -5.81 27.71
CA ALA B 501 20.45 -4.79 26.88
C ALA B 501 20.45 -3.43 27.57
N LEU B 502 19.37 -3.09 28.27
CA LEU B 502 19.32 -1.84 29.00
C LEU B 502 20.38 -1.81 30.10
N LEU B 503 20.55 -2.91 30.82
CA LEU B 503 21.62 -3.00 31.79
C LEU B 503 22.98 -2.85 31.13
N ASN B 504 23.13 -3.42 29.93
CA ASN B 504 24.39 -3.29 29.20
C ASN B 504 24.68 -1.84 28.83
N ALA B 505 23.66 -1.10 28.39
CA ALA B 505 23.87 0.26 27.90
C ALA B 505 24.24 1.23 29.02
N GLY B 506 24.11 0.83 30.28
CA GLY B 506 24.47 1.67 31.39
C GLY B 506 23.34 2.44 32.03
N VAL B 507 22.09 2.14 31.69
CA VAL B 507 20.95 2.84 32.26
C VAL B 507 20.75 2.33 33.69
N PRO B 508 20.53 3.21 34.66
CA PRO B 508 20.25 2.77 36.04
C PRO B 508 18.80 2.37 36.22
N LEU B 509 18.55 1.08 36.35
CA LEU B 509 17.20 0.59 36.60
C LEU B 509 16.94 0.48 38.10
N LYS B 510 15.66 0.37 38.45
CA LYS B 510 15.31 0.11 39.84
C LYS B 510 15.59 -1.33 40.23
N ALA B 511 15.30 -2.28 39.32
CA ALA B 511 15.51 -3.70 39.55
C ALA B 511 15.38 -4.47 38.25
N PRO B 512 16.20 -5.49 38.02
CA PRO B 512 16.08 -6.28 36.79
C PRO B 512 14.72 -6.95 36.68
N VAL B 513 14.24 -7.09 35.45
CA VAL B 513 12.93 -7.64 35.16
C VAL B 513 13.10 -8.94 34.37
N ALA B 514 12.13 -9.84 34.52
CA ALA B 514 12.07 -11.05 33.73
C ALA B 514 10.63 -11.26 33.28
N GLY B 515 10.39 -12.33 32.54
CA GLY B 515 9.06 -12.64 32.08
C GLY B 515 9.01 -14.03 31.49
N ILE B 516 7.80 -14.60 31.47
CA ILE B 516 7.64 -15.98 31.04
C ILE B 516 6.16 -16.23 30.75
N ALA B 517 5.91 -17.03 29.71
CA ALA B 517 4.57 -17.49 29.37
C ALA B 517 4.23 -18.77 30.13
N MET B 518 2.95 -19.11 30.15
CA MET B 518 2.49 -20.19 31.01
C MET B 518 1.16 -20.71 30.48
N GLY B 519 0.92 -22.01 30.68
CA GLY B 519 -0.30 -22.62 30.22
C GLY B 519 -1.08 -23.29 31.32
N LEU B 520 -2.39 -23.41 31.15
CA LEU B 520 -3.25 -24.06 32.13
C LEU B 520 -4.25 -24.91 31.37
N VAL B 521 -4.12 -26.22 31.48
CA VAL B 521 -4.99 -27.18 30.81
C VAL B 521 -6.05 -27.63 31.80
N SER B 522 -7.31 -27.36 31.48
CA SER B 522 -8.43 -27.69 32.35
C SER B 522 -9.33 -28.68 31.61
N ASP B 523 -9.66 -29.79 32.27
CA ASP B 523 -10.56 -30.73 31.62
C ASP B 523 -11.21 -31.64 32.64
N ASP B 524 -12.34 -32.21 32.25
CA ASP B 524 -13.08 -33.15 33.08
C ASP B 524 -12.67 -34.57 32.72
N ILE B 525 -12.08 -35.28 33.69
CA ILE B 525 -11.61 -36.64 33.50
C ILE B 525 -12.34 -37.54 34.49
N GLN B 526 -12.72 -38.73 34.04
CA GLN B 526 -13.41 -39.68 34.91
C GLN B 526 -12.40 -40.44 35.76
N VAL B 527 -12.61 -40.43 37.07
CA VAL B 527 -11.80 -41.18 38.01
C VAL B 527 -12.61 -42.38 38.48
N GLU B 528 -11.94 -43.53 38.57
CA GLU B 528 -12.58 -44.79 38.95
C GLU B 528 -12.25 -45.17 40.39
N GLY B 529 -11.01 -44.98 40.80
CA GLY B 529 -10.58 -45.32 42.15
C GLY B 529 -11.37 -44.62 43.22
N ALA B 530 -11.57 -43.30 43.05
CA ALA B 530 -12.39 -42.54 43.98
C ALA B 530 -13.85 -42.93 43.84
N VAL B 531 -14.40 -43.62 44.85
CA VAL B 531 -15.76 -44.16 44.82
C VAL B 531 -15.96 -44.97 43.55
N ASP B 532 -16.65 -44.39 42.57
CA ASP B 532 -16.90 -45.07 41.31
C ASP B 532 -16.46 -44.17 40.15
N GLY B 533 -16.86 -44.49 38.93
CA GLY B 533 -16.42 -43.77 37.76
C GLY B 533 -17.03 -42.39 37.63
N VAL B 534 -16.64 -41.49 38.52
CA VAL B 534 -17.21 -40.14 38.61
C VAL B 534 -16.28 -39.17 37.89
N VAL B 535 -16.87 -38.25 37.13
CA VAL B 535 -16.09 -37.26 36.38
C VAL B 535 -15.75 -36.10 37.31
N GLU B 536 -14.46 -35.74 37.35
CA GLU B 536 -13.99 -34.60 38.13
C GLU B 536 -13.17 -33.70 37.22
N ARG B 537 -13.30 -32.39 37.42
CA ARG B 537 -12.54 -31.41 36.65
C ARG B 537 -11.18 -31.18 37.30
N ARG B 538 -10.12 -31.34 36.51
CA ARG B 538 -8.76 -31.17 36.99
C ARG B 538 -8.01 -30.16 36.13
N PHE B 539 -7.08 -29.46 36.78
CA PHE B 539 -6.28 -28.40 36.19
C PHE B 539 -4.80 -28.79 36.25
N VAL B 540 -4.07 -28.49 35.18
CA VAL B 540 -2.63 -28.68 35.14
C VAL B 540 -1.99 -27.37 34.69
N THR B 541 -1.17 -26.78 35.55
CA THR B 541 -0.47 -25.54 35.25
C THR B 541 0.97 -25.86 34.86
N LEU B 542 1.34 -25.54 33.63
CA LEU B 542 2.65 -25.88 33.10
C LEU B 542 3.40 -24.64 32.65
N THR B 543 4.72 -24.72 32.71
CA THR B 543 5.62 -23.59 32.47
C THR B 543 6.22 -23.66 31.07
N ASP B 544 6.62 -22.49 30.57
CA ASP B 544 7.28 -22.34 29.28
C ASP B 544 6.46 -22.96 28.15
N ILE B 545 5.30 -22.34 27.91
CA ILE B 545 4.45 -22.75 26.80
C ILE B 545 5.25 -22.74 25.52
N LEU B 546 5.22 -23.86 24.80
CA LEU B 546 5.89 -23.97 23.51
C LEU B 546 4.98 -23.46 22.40
N GLY B 547 5.44 -23.59 21.16
CA GLY B 547 4.62 -23.18 20.03
C GLY B 547 3.37 -24.02 19.90
N ALA B 548 3.51 -25.34 20.02
CA ALA B 548 2.36 -26.23 19.94
C ALA B 548 1.67 -26.41 21.27
N GLU B 549 2.24 -25.92 22.37
CA GLU B 549 1.59 -26.00 23.66
C GLU B 549 0.57 -24.89 23.87
N ASP B 550 0.61 -23.84 23.06
CA ASP B 550 -0.38 -22.76 23.17
C ASP B 550 -1.78 -23.25 22.84
N ALA B 551 -1.90 -24.09 21.81
CA ALA B 551 -3.18 -24.68 21.46
C ALA B 551 -3.53 -25.88 22.32
N PHE B 552 -2.61 -26.33 23.17
CA PHE B 552 -2.78 -27.54 23.94
C PHE B 552 -3.35 -27.30 25.33
N GLY B 553 -3.51 -26.03 25.72
CA GLY B 553 -4.10 -25.66 26.98
C GLY B 553 -5.34 -24.81 26.78
N ASP B 554 -5.90 -24.37 27.90
CA ASP B 554 -7.12 -23.57 27.88
C ASP B 554 -6.95 -22.15 28.40
N MET B 555 -6.11 -21.93 29.39
CA MET B 555 -5.81 -20.59 29.89
C MET B 555 -4.33 -20.34 29.71
N ASP B 556 -3.96 -19.57 28.70
CA ASP B 556 -2.56 -19.27 28.42
C ASP B 556 -2.30 -17.82 28.75
N PHE B 557 -1.33 -17.58 29.63
CA PHE B 557 -1.09 -16.25 30.17
C PHE B 557 0.39 -16.01 30.31
N LYS B 558 0.79 -14.74 30.13
CA LYS B 558 2.18 -14.33 30.24
C LYS B 558 2.34 -13.41 31.44
N VAL B 559 3.30 -13.72 32.31
CA VAL B 559 3.55 -12.96 33.52
C VAL B 559 4.99 -12.44 33.48
N ALA B 560 5.16 -11.15 33.75
CA ALA B 560 6.47 -10.53 33.78
C ALA B 560 6.57 -9.62 34.99
N GLY B 561 7.79 -9.45 35.48
CA GLY B 561 8.03 -8.52 36.57
C GLY B 561 9.40 -8.73 37.16
N THR B 562 9.65 -7.97 38.23
CA THR B 562 10.86 -8.15 39.02
C THR B 562 10.58 -9.20 40.10
N LYS B 563 11.51 -9.32 41.05
CA LYS B 563 11.30 -10.24 42.16
C LYS B 563 10.36 -9.68 43.23
N ASP B 564 10.00 -8.40 43.14
CA ASP B 564 9.13 -7.77 44.12
C ASP B 564 7.67 -7.71 43.68
N PHE B 565 7.41 -7.41 42.41
CA PHE B 565 6.04 -7.23 41.96
C PHE B 565 5.92 -7.60 40.49
N VAL B 566 4.69 -7.87 40.06
CA VAL B 566 4.40 -8.22 38.67
C VAL B 566 4.01 -6.95 37.92
N THR B 567 4.70 -6.69 36.81
CA THR B 567 4.46 -5.49 36.02
C THR B 567 3.49 -5.74 34.88
N ALA B 568 3.81 -6.69 34.01
CA ALA B 568 3.00 -6.98 32.83
C ALA B 568 2.34 -8.34 32.97
N LEU B 569 1.03 -8.39 32.73
CA LEU B 569 0.28 -9.63 32.81
C LEU B 569 -0.71 -9.66 31.66
N GLN B 570 -0.54 -10.60 30.75
CA GLN B 570 -1.46 -10.81 29.63
C GLN B 570 -2.13 -12.15 29.80
N LEU B 571 -3.46 -12.17 29.77
CA LEU B 571 -4.24 -13.37 30.02
C LEU B 571 -5.41 -13.42 29.06
N ASP B 572 -5.64 -14.59 28.48
CA ASP B 572 -6.73 -14.79 27.53
C ASP B 572 -7.21 -16.23 27.62
N THR B 573 -8.50 -16.43 27.84
CA THR B 573 -9.03 -17.77 28.01
C THR B 573 -10.49 -17.82 27.57
N LYS B 574 -11.08 -19.01 27.74
CA LYS B 574 -12.50 -19.20 27.48
C LYS B 574 -13.15 -20.07 28.56
N LEU B 575 -12.41 -20.44 29.60
CA LEU B 575 -12.95 -21.30 30.66
C LEU B 575 -14.07 -20.59 31.41
N ASP B 576 -15.01 -21.40 31.91
CA ASP B 576 -16.14 -20.86 32.65
C ASP B 576 -15.76 -20.62 34.11
N GLY B 577 -14.68 -19.88 34.34
CA GLY B 577 -14.25 -19.56 35.68
C GLY B 577 -13.32 -20.60 36.28
N ILE B 578 -12.31 -20.13 36.99
CA ILE B 578 -11.38 -21.03 37.70
C ILE B 578 -11.34 -20.61 39.16
N PRO B 579 -11.14 -21.53 40.10
CA PRO B 579 -11.08 -21.15 41.52
C PRO B 579 -9.89 -20.26 41.81
N SER B 580 -10.03 -19.43 42.84
CA SER B 580 -8.96 -18.53 43.23
C SER B 580 -7.72 -19.30 43.67
N GLN B 581 -7.90 -20.50 44.21
CA GLN B 581 -6.77 -21.28 44.70
C GLN B 581 -5.83 -21.67 43.56
N VAL B 582 -6.40 -22.20 42.47
CA VAL B 582 -5.55 -22.63 41.35
C VAL B 582 -4.93 -21.43 40.64
N LEU B 583 -5.65 -20.31 40.56
CA LEU B 583 -5.08 -19.11 39.97
C LEU B 583 -3.90 -18.61 40.80
N ALA B 584 -4.05 -18.62 42.13
CA ALA B 584 -2.95 -18.22 43.00
C ALA B 584 -1.77 -19.17 42.87
N GLY B 585 -2.05 -20.47 42.74
CA GLY B 585 -0.97 -21.44 42.55
C GLY B 585 -0.22 -21.22 41.24
N ALA B 586 -0.96 -20.96 40.16
CA ALA B 586 -0.33 -20.68 38.88
C ALA B 586 0.51 -19.42 38.95
N LEU B 587 0.02 -18.38 39.61
CA LEU B 587 0.80 -17.16 39.75
C LEU B 587 2.03 -17.37 40.62
N GLU B 588 1.94 -18.23 41.65
CA GLU B 588 3.10 -18.56 42.46
C GLU B 588 4.15 -19.30 41.65
N GLN B 589 3.71 -20.26 40.82
CA GLN B 589 4.63 -20.93 39.90
C GLN B 589 5.28 -19.94 38.95
N ALA B 590 4.50 -18.95 38.51
CA ALA B 590 5.04 -17.89 37.67
C ALA B 590 6.13 -17.12 38.40
N LYS B 591 5.89 -16.80 39.66
CA LYS B 591 6.90 -16.09 40.46
C LYS B 591 8.17 -16.92 40.57
N ASP B 592 8.03 -18.22 40.82
CA ASP B 592 9.19 -19.08 40.96
C ASP B 592 10.01 -19.12 39.66
N ALA B 593 9.33 -19.39 38.54
CA ALA B 593 10.04 -19.49 37.27
C ALA B 593 10.68 -18.16 36.87
N ARG B 594 9.97 -17.05 37.11
CA ARG B 594 10.54 -15.74 36.85
C ARG B 594 11.75 -15.47 37.73
N LEU B 595 11.75 -15.99 38.96
CA LEU B 595 12.93 -15.87 39.81
C LEU B 595 14.12 -16.65 39.24
N THR B 596 13.86 -17.86 38.72
CA THR B 596 14.96 -18.61 38.10
C THR B 596 15.52 -17.87 36.88
N ILE B 597 14.63 -17.31 36.06
CA ILE B 597 15.08 -16.54 34.90
C ILE B 597 15.86 -15.32 35.36
N LEU B 598 15.42 -14.68 36.44
CA LEU B 598 16.14 -13.54 36.99
C LEU B 598 17.54 -13.94 37.43
N GLU B 599 17.67 -15.10 38.07
CA GLU B 599 19.00 -15.56 38.48
C GLU B 599 19.89 -15.83 37.29
N VAL B 600 19.36 -16.48 36.25
CA VAL B 600 20.18 -16.77 35.07
C VAL B 600 20.54 -15.49 34.34
N MET B 601 19.73 -14.45 34.46
CA MET B 601 20.09 -13.16 33.89
C MET B 601 21.15 -12.46 34.71
N ALA B 602 21.03 -12.53 36.04
CA ALA B 602 21.91 -11.79 36.93
C ALA B 602 23.31 -12.41 37.01
N GLU B 603 23.42 -13.71 36.79
CA GLU B 603 24.74 -14.33 36.86
C GLU B 603 25.67 -13.77 35.79
N ALA B 604 25.16 -13.57 34.57
CA ALA B 604 25.98 -13.04 33.49
C ALA B 604 26.32 -11.58 33.72
N ILE B 605 25.33 -10.76 34.07
CA ILE B 605 25.54 -9.34 34.31
C ILE B 605 24.77 -8.96 35.57
N ASP B 606 25.45 -8.30 36.51
CA ASP B 606 24.84 -7.92 37.78
C ASP B 606 24.72 -6.42 37.96
N ARG B 607 25.59 -5.62 37.36
CA ARG B 607 25.58 -4.17 37.48
C ARG B 607 25.60 -3.55 36.09
N PRO B 608 25.01 -2.36 35.93
CA PRO B 608 25.14 -1.65 34.65
C PRO B 608 26.61 -1.37 34.34
N ASP B 609 26.98 -1.58 33.09
CA ASP B 609 28.35 -1.36 32.66
C ASP B 609 28.61 0.12 32.39
N GLU B 610 29.87 0.44 32.12
CA GLU B 610 30.22 1.80 31.73
C GLU B 610 29.56 2.16 30.42
N MET B 611 29.17 3.43 30.29
CA MET B 611 28.43 3.87 29.12
C MET B 611 29.30 3.82 27.87
N SER B 612 28.64 3.73 26.72
CA SER B 612 29.32 3.65 25.45
C SER B 612 30.07 4.96 25.16
N PRO B 613 31.09 4.93 24.31
CA PRO B 613 31.87 6.15 24.04
C PRO B 613 31.05 7.30 23.49
N TYR B 614 29.82 7.05 23.04
CA TYR B 614 28.95 8.13 22.61
C TYR B 614 28.43 8.98 23.76
N ALA B 615 28.66 8.56 25.00
CA ALA B 615 28.12 9.29 26.15
C ALA B 615 28.88 10.59 26.34
N PRO B 616 28.18 11.73 26.42
CA PRO B 616 28.87 13.00 26.68
C PRO B 616 29.36 13.10 28.12
N ARG B 617 30.32 13.98 28.32
CA ARG B 617 30.89 14.22 29.65
C ARG B 617 30.01 15.13 30.48
N ILE C 27 33.66 -20.93 26.68
CA ILE C 27 32.75 -20.56 25.61
C ILE C 27 31.89 -21.75 25.19
N ASP C 28 31.13 -21.57 24.12
CA ASP C 28 30.25 -22.62 23.59
C ASP C 28 30.67 -22.93 22.16
N GLU C 29 30.92 -24.21 21.89
CA GLU C 29 31.34 -24.64 20.56
C GLU C 29 30.16 -24.62 19.59
N GLY C 30 30.46 -24.34 18.33
CA GLY C 30 29.44 -24.23 17.30
C GLY C 30 29.50 -22.91 16.55
N VAL C 31 30.64 -22.23 16.62
CA VAL C 31 30.79 -20.95 15.97
C VAL C 31 31.24 -21.08 14.52
N PHE C 32 32.19 -21.97 14.25
CA PHE C 32 32.65 -22.25 12.89
C PHE C 32 33.08 -20.98 12.15
N GLU C 33 34.09 -20.32 12.70
CA GLU C 33 34.59 -19.09 12.10
C GLU C 33 35.49 -19.40 10.91
N THR C 34 35.49 -18.48 9.94
CA THR C 34 36.40 -18.57 8.79
C THR C 34 36.93 -17.16 8.51
N THR C 35 38.18 -17.07 8.10
CA THR C 35 38.84 -15.78 7.94
C THR C 35 39.41 -15.63 6.54
N ALA C 36 39.25 -14.42 5.98
CA ALA C 36 39.83 -14.03 4.71
C ALA C 36 40.62 -12.75 4.90
N THR C 37 41.78 -12.67 4.28
CA THR C 37 42.66 -11.52 4.40
C THR C 37 42.66 -10.74 3.09
N ILE C 38 42.45 -9.43 3.18
CA ILE C 38 42.48 -8.54 2.04
C ILE C 38 43.69 -7.64 2.22
N ASP C 39 44.76 -7.93 1.47
CA ASP C 39 45.98 -7.15 1.57
C ASP C 39 45.89 -5.91 0.68
N ASN C 40 46.35 -4.78 1.20
CA ASN C 40 46.24 -3.51 0.50
C ASN C 40 47.59 -2.79 0.42
N GLY C 41 48.69 -3.50 0.66
CA GLY C 41 49.99 -2.87 0.61
C GLY C 41 50.16 -1.84 1.71
N SER C 42 50.48 -0.61 1.31
CA SER C 42 50.72 0.46 2.28
C SER C 42 49.44 0.98 2.91
N PHE C 43 48.28 0.70 2.32
CA PHE C 43 47.02 1.27 2.81
C PHE C 43 46.47 0.51 4.01
N GLY C 44 46.95 -0.71 4.28
CA GLY C 44 46.51 -1.44 5.46
C GLY C 44 45.70 -2.68 5.14
N THR C 45 46.07 -3.79 5.77
CA THR C 45 45.36 -5.04 5.56
C THR C 45 44.03 -5.04 6.30
N ARG C 46 43.02 -5.65 5.68
CA ARG C 46 41.71 -5.83 6.29
C ARG C 46 41.38 -7.31 6.38
N THR C 47 40.39 -7.63 7.21
CA THR C 47 40.01 -9.02 7.42
C THR C 47 38.49 -9.15 7.34
N ILE C 48 38.04 -10.30 6.84
CA ILE C 48 36.63 -10.64 6.74
C ILE C 48 36.40 -11.96 7.48
N ARG C 49 35.45 -11.98 8.41
CA ARG C 49 35.18 -13.15 9.22
C ARG C 49 33.76 -13.64 8.97
N PHE C 50 33.60 -14.96 8.94
CA PHE C 50 32.31 -15.60 8.77
C PHE C 50 32.02 -16.47 9.99
N GLU C 51 30.85 -16.28 10.59
CA GLU C 51 30.42 -17.08 11.73
C GLU C 51 29.06 -17.70 11.40
N THR C 52 28.84 -18.92 11.87
CA THR C 52 27.59 -19.61 11.57
C THR C 52 27.22 -20.54 12.72
N GLY C 53 25.95 -20.92 12.74
CA GLY C 53 25.47 -21.83 13.77
C GLY C 53 25.21 -21.19 15.11
N ARG C 54 25.25 -19.87 15.20
CA ARG C 54 25.03 -19.17 16.46
C ARG C 54 23.78 -18.28 16.44
N LEU C 55 23.54 -17.57 15.35
CA LEU C 55 22.41 -16.66 15.24
C LEU C 55 21.43 -17.18 14.19
N ALA C 56 20.14 -17.03 14.47
CA ALA C 56 19.07 -17.39 13.55
C ALA C 56 19.19 -18.85 13.10
N LEU C 57 19.21 -19.75 14.08
CA LEU C 57 19.35 -21.17 13.78
C LEU C 57 18.14 -21.70 13.02
N GLN C 58 16.95 -21.21 13.35
CA GLN C 58 15.73 -21.73 12.72
C GLN C 58 15.67 -21.46 11.23
N ALA C 59 16.45 -20.51 10.72
CA ALA C 59 16.47 -20.25 9.30
C ALA C 59 17.17 -21.38 8.55
N ALA C 60 16.89 -21.47 7.26
CA ALA C 60 17.53 -22.49 6.43
C ALA C 60 19.05 -22.30 6.40
N GLY C 61 19.50 -21.05 6.28
CA GLY C 61 20.91 -20.76 6.37
C GLY C 61 21.16 -19.39 6.95
N ALA C 62 22.20 -19.25 7.76
CA ALA C 62 22.47 -17.97 8.41
C ALA C 62 23.98 -17.80 8.57
N VAL C 63 24.47 -16.62 8.23
CA VAL C 63 25.88 -16.28 8.39
C VAL C 63 25.98 -14.87 8.95
N VAL C 64 26.75 -14.73 10.02
CA VAL C 64 27.07 -13.43 10.59
C VAL C 64 28.44 -13.03 10.05
N ALA C 65 28.49 -11.94 9.29
CA ALA C 65 29.70 -11.49 8.63
C ALA C 65 30.30 -10.32 9.39
N TYR C 66 31.59 -10.43 9.70
CA TYR C 66 32.36 -9.41 10.40
C TYR C 66 33.39 -8.82 9.44
N LEU C 67 33.67 -7.54 9.62
CA LEU C 67 34.72 -6.84 8.89
C LEU C 67 35.41 -5.86 9.82
N ASP C 68 36.73 -5.99 9.91
CA ASP C 68 37.58 -5.09 10.69
C ASP C 68 37.18 -5.06 12.17
N ASP C 69 36.64 -6.17 12.67
CA ASP C 69 36.29 -6.36 14.07
C ASP C 69 35.28 -5.33 14.58
N ASP C 70 34.71 -4.52 13.68
CA ASP C 70 33.77 -3.48 14.09
C ASP C 70 32.52 -3.42 13.21
N ASN C 71 32.48 -4.14 12.10
CA ASN C 71 31.29 -4.17 11.25
C ASN C 71 30.70 -5.58 11.28
N MET C 72 29.41 -5.67 11.58
CA MET C 72 28.72 -6.96 11.63
C MET C 72 27.38 -6.84 10.91
N LEU C 73 27.09 -7.82 10.06
CA LEU C 73 25.76 -7.91 9.46
C LEU C 73 25.36 -9.36 9.33
N LEU C 74 24.10 -9.65 9.65
CA LEU C 74 23.56 -11.00 9.67
C LEU C 74 22.77 -11.23 8.38
N SER C 75 23.17 -12.23 7.60
CA SER C 75 22.48 -12.60 6.37
C SER C 75 21.85 -13.97 6.56
N ALA C 76 20.54 -14.05 6.36
CA ALA C 76 19.80 -15.27 6.56
C ALA C 76 18.92 -15.54 5.35
N THR C 77 18.99 -16.75 4.83
CA THR C 77 18.19 -17.18 3.69
C THR C 77 17.28 -18.33 4.10
N THR C 78 16.03 -18.26 3.71
CA THR C 78 15.05 -19.32 3.95
C THR C 78 14.42 -19.72 2.62
N ALA C 79 13.78 -20.88 2.63
CA ALA C 79 13.11 -21.40 1.45
C ALA C 79 11.69 -21.81 1.81
N SER C 80 10.75 -21.56 0.91
CA SER C 80 9.38 -21.99 1.12
C SER C 80 9.30 -23.50 1.11
N LYS C 81 8.51 -24.05 2.03
CA LYS C 81 8.36 -25.50 2.11
C LYS C 81 7.61 -26.07 0.90
N ASN C 82 6.92 -25.22 0.13
CA ASN C 82 6.19 -25.65 -1.04
C ASN C 82 6.49 -24.75 -2.22
N PRO C 83 6.62 -25.31 -3.41
CA PRO C 83 6.92 -24.48 -4.59
C PRO C 83 5.74 -23.61 -4.99
N LYS C 84 6.05 -22.49 -5.63
CA LYS C 84 5.05 -21.58 -6.19
C LYS C 84 4.86 -21.94 -7.66
N GLU C 85 4.04 -22.96 -7.91
CA GLU C 85 3.80 -23.42 -9.27
C GLU C 85 3.05 -22.37 -10.09
N HIS C 86 2.29 -21.49 -9.44
CA HIS C 86 1.51 -20.49 -10.16
C HIS C 86 2.42 -19.45 -10.82
N PHE C 87 3.51 -19.08 -10.16
CA PHE C 87 4.38 -18.04 -10.67
C PHE C 87 5.08 -18.48 -11.94
N ASP C 88 5.29 -17.53 -12.87
CA ASP C 88 5.94 -17.79 -14.14
C ASP C 88 7.43 -17.53 -14.11
N PHE C 89 7.97 -17.05 -12.98
CA PHE C 89 9.39 -16.76 -12.87
C PHE C 89 9.89 -17.21 -11.50
N PHE C 90 11.19 -17.44 -11.42
CA PHE C 90 11.85 -17.83 -10.18
C PHE C 90 11.71 -16.72 -9.15
N PRO C 91 10.92 -16.92 -8.09
CA PRO C 91 10.62 -15.85 -7.12
C PRO C 91 11.65 -15.71 -6.01
N LEU C 92 12.77 -15.08 -6.34
CA LEU C 92 13.80 -14.77 -5.36
C LEU C 92 13.67 -13.30 -4.96
N THR C 93 13.58 -13.05 -3.66
CA THR C 93 13.43 -11.71 -3.12
C THR C 93 14.57 -11.45 -2.15
N VAL C 94 15.34 -10.40 -2.41
CA VAL C 94 16.45 -10.00 -1.55
C VAL C 94 16.05 -8.70 -0.88
N ASP C 95 15.93 -8.73 0.45
CA ASP C 95 15.62 -7.54 1.23
C ASP C 95 16.74 -7.31 2.23
N VAL C 96 17.24 -6.07 2.27
CA VAL C 96 18.23 -5.66 3.25
C VAL C 96 17.57 -4.70 4.22
N GLU C 97 17.72 -4.98 5.50
CA GLU C 97 17.20 -4.13 6.57
C GLU C 97 18.40 -3.40 7.17
N GLU C 98 18.59 -2.15 6.74
CA GLU C 98 19.68 -1.31 7.33
C GLU C 98 19.13 -0.68 8.60
N ARG C 99 19.03 -1.46 9.67
CA ARG C 99 18.51 -0.99 10.94
C ARG C 99 19.27 0.24 11.40
N MET C 100 18.52 1.26 11.85
CA MET C 100 19.15 2.54 12.16
C MET C 100 20.02 2.49 13.40
N TYR C 101 19.76 1.56 14.32
CA TYR C 101 20.58 1.47 15.52
C TYR C 101 22.02 1.09 15.19
N ALA C 102 22.27 0.57 13.99
CA ALA C 102 23.64 0.32 13.56
C ALA C 102 24.46 1.59 13.54
N ALA C 103 23.82 2.73 13.27
CA ALA C 103 24.50 4.02 13.25
C ALA C 103 24.49 4.70 14.61
N GLY C 104 23.94 4.06 15.63
CA GLY C 104 23.89 4.66 16.95
C GLY C 104 23.04 5.91 17.06
N ARG C 105 21.85 5.90 16.45
CA ARG C 105 20.99 7.07 16.47
C ARG C 105 19.54 6.62 16.33
N ILE C 106 18.66 7.23 17.11
CA ILE C 106 17.22 6.99 16.95
C ILE C 106 16.78 7.57 15.61
N PRO C 107 15.98 6.85 14.82
CA PRO C 107 15.58 7.37 13.51
C PRO C 107 14.85 8.70 13.63
N GLY C 108 15.10 9.57 12.64
CA GLY C 108 14.51 10.89 12.62
C GLY C 108 13.09 10.95 12.09
N SER C 109 12.52 9.82 11.70
CA SER C 109 11.15 9.80 11.23
C SER C 109 10.19 10.16 12.36
N PHE C 110 9.03 10.69 11.98
CA PHE C 110 8.04 11.10 12.98
C PHE C 110 7.58 9.93 13.82
N PHE C 111 7.55 8.73 13.25
CA PHE C 111 7.17 7.53 13.99
C PHE C 111 8.35 6.88 14.70
N ARG C 112 9.55 7.45 14.56
CA ARG C 112 10.77 6.93 15.18
C ARG C 112 11.00 5.46 14.83
N ARG C 113 10.53 5.05 13.65
CA ARG C 113 10.71 3.70 13.16
C ARG C 113 11.20 3.74 11.73
N GLU C 114 11.97 2.73 11.33
CA GLU C 114 12.45 2.60 9.96
C GLU C 114 11.39 1.86 9.15
N GLY C 115 10.75 2.57 8.23
CA GLY C 115 9.68 2.00 7.44
C GLY C 115 10.12 1.55 6.06
N ARG C 116 9.81 2.36 5.05
CA ARG C 116 10.16 2.01 3.68
C ARG C 116 11.68 1.99 3.53
N PRO C 117 12.21 1.10 2.68
CA PRO C 117 13.65 1.10 2.43
C PRO C 117 14.10 2.38 1.78
N SER C 118 15.31 2.82 2.13
CA SER C 118 15.88 4.00 1.51
C SER C 118 16.45 3.64 0.13
N THR C 119 17.05 4.62 -0.54
CA THR C 119 17.62 4.36 -1.86
C THR C 119 18.84 3.45 -1.76
N ASP C 120 19.65 3.61 -0.71
CA ASP C 120 20.84 2.78 -0.56
C ASP C 120 20.48 1.32 -0.32
N ALA C 121 19.42 1.08 0.45
CA ALA C 121 18.98 -0.30 0.66
C ALA C 121 18.52 -0.93 -0.64
N ILE C 122 17.79 -0.19 -1.47
CA ILE C 122 17.36 -0.72 -2.76
C ILE C 122 18.56 -1.00 -3.65
N LEU C 123 19.54 -0.11 -3.65
CA LEU C 123 20.74 -0.33 -4.46
C LEU C 123 21.51 -1.56 -4.00
N THR C 124 21.62 -1.76 -2.68
CA THR C 124 22.28 -2.94 -2.17
C THR C 124 21.50 -4.20 -2.53
N CYS C 125 20.16 -4.12 -2.50
CA CYS C 125 19.34 -5.25 -2.92
C CYS C 125 19.61 -5.60 -4.38
N ARG C 126 19.71 -4.59 -5.24
CA ARG C 126 20.04 -4.85 -6.64
C ARG C 126 21.42 -5.47 -6.77
N LEU C 127 22.40 -4.95 -6.03
CA LEU C 127 23.76 -5.46 -6.11
C LEU C 127 23.84 -6.91 -5.68
N ILE C 128 23.08 -7.28 -4.64
CA ILE C 128 23.05 -8.69 -4.23
C ILE C 128 22.31 -9.53 -5.26
N ASP C 129 21.19 -9.03 -5.77
CA ASP C 129 20.32 -9.82 -6.62
C ASP C 129 20.98 -10.16 -7.96
N ARG C 130 21.67 -9.18 -8.55
CA ARG C 130 22.12 -9.34 -9.94
C ARG C 130 23.03 -10.54 -10.17
N PRO C 131 24.07 -10.79 -9.36
CA PRO C 131 24.90 -11.98 -9.61
C PRO C 131 24.32 -13.25 -8.98
N LEU C 132 23.56 -13.07 -7.91
CA LEU C 132 23.04 -14.21 -7.15
C LEU C 132 21.79 -14.81 -7.77
N ARG C 133 21.03 -14.03 -8.53
CA ARG C 133 19.84 -14.58 -9.18
C ARG C 133 20.16 -15.67 -10.20
N PRO C 134 21.08 -15.50 -11.15
CA PRO C 134 21.30 -16.55 -12.15
C PRO C 134 21.94 -17.81 -11.59
N SER C 135 22.57 -17.76 -10.42
CA SER C 135 23.25 -18.93 -9.88
C SER C 135 22.29 -20.03 -9.46
N PHE C 136 21.01 -19.71 -9.27
CA PHE C 136 20.05 -20.76 -8.99
C PHE C 136 19.70 -21.50 -10.28
N VAL C 137 19.37 -22.78 -10.14
CA VAL C 137 19.09 -23.61 -11.31
C VAL C 137 17.91 -23.04 -12.09
N ASP C 138 17.96 -23.21 -13.40
CA ASP C 138 16.89 -22.71 -14.26
C ASP C 138 15.62 -23.51 -14.03
N GLY C 139 14.50 -22.80 -13.94
CA GLY C 139 13.22 -23.42 -13.71
C GLY C 139 12.86 -23.68 -12.27
N LEU C 140 13.67 -23.23 -11.32
CA LEU C 140 13.33 -23.37 -9.91
C LEU C 140 12.11 -22.53 -9.57
N ARG C 141 11.18 -23.11 -8.81
CA ARG C 141 9.92 -22.46 -8.51
C ARG C 141 9.69 -22.19 -7.03
N ASN C 142 10.59 -22.63 -6.15
CA ASN C 142 10.47 -22.32 -4.75
C ASN C 142 10.63 -20.82 -4.50
N GLU C 143 9.92 -20.31 -3.51
CA GLU C 143 10.07 -18.93 -3.09
C GLU C 143 11.23 -18.85 -2.10
N ILE C 144 12.20 -18.01 -2.40
CA ILE C 144 13.41 -17.87 -1.58
C ILE C 144 13.59 -16.39 -1.26
N GLN C 145 13.85 -16.10 0.01
CA GLN C 145 14.04 -14.72 0.46
C GLN C 145 15.34 -14.64 1.24
N ILE C 146 16.18 -13.68 0.87
CA ILE C 146 17.43 -13.41 1.56
C ILE C 146 17.26 -12.10 2.31
N VAL C 147 17.23 -12.17 3.64
CA VAL C 147 17.06 -11.01 4.49
C VAL C 147 18.41 -10.71 5.13
N VAL C 148 19.03 -9.63 4.68
CA VAL C 148 20.35 -9.23 5.16
C VAL C 148 20.16 -8.05 6.10
N THR C 149 20.44 -8.24 7.39
CA THR C 149 20.22 -7.21 8.39
C THR C 149 21.56 -6.60 8.79
N ILE C 150 21.61 -5.27 8.80
CA ILE C 150 22.84 -4.54 9.10
C ILE C 150 22.85 -4.26 10.60
N LEU C 151 23.60 -5.07 11.36
CA LEU C 151 23.60 -4.97 12.80
C LEU C 151 24.46 -3.80 13.30
N SER C 152 25.74 -3.79 12.92
CA SER C 152 26.67 -2.76 13.35
C SER C 152 27.52 -2.33 12.17
N LEU C 153 27.77 -1.02 12.06
CA LEU C 153 28.50 -0.49 10.92
C LEU C 153 29.31 0.72 11.34
N ASP C 154 30.60 0.70 11.00
CA ASP C 154 31.46 1.84 11.24
C ASP C 154 31.04 3.00 10.34
N PRO C 155 31.05 4.24 10.84
CA PRO C 155 30.61 5.38 10.01
C PRO C 155 31.43 5.57 8.75
N GLY C 156 32.67 5.12 8.71
CA GLY C 156 33.53 5.28 7.56
C GLY C 156 33.68 4.07 6.67
N ASP C 157 32.84 3.05 6.81
CA ASP C 157 32.96 1.83 6.02
C ASP C 157 31.65 1.56 5.29
N LEU C 158 31.77 0.87 4.16
CA LEU C 158 30.63 0.53 3.31
C LEU C 158 30.27 -0.94 3.47
N TYR C 159 29.02 -1.28 3.22
CA TYR C 159 28.47 -2.58 3.57
C TYR C 159 27.86 -3.36 2.43
N ASP C 160 27.61 -2.74 1.27
CA ASP C 160 26.87 -3.43 0.21
C ASP C 160 27.65 -4.63 -0.33
N VAL C 161 28.95 -4.49 -0.52
CA VAL C 161 29.74 -5.61 -0.99
C VAL C 161 29.87 -6.68 0.09
N LEU C 162 30.04 -6.26 1.34
CA LEU C 162 29.96 -7.21 2.45
C LEU C 162 28.60 -7.89 2.48
N ALA C 163 27.55 -7.18 2.10
CA ALA C 163 26.23 -7.81 2.00
C ALA C 163 26.22 -8.87 0.91
N ILE C 164 26.87 -8.60 -0.22
CA ILE C 164 26.99 -9.62 -1.27
C ILE C 164 27.66 -10.87 -0.71
N ASN C 165 28.79 -10.68 -0.03
CA ASN C 165 29.53 -11.82 0.51
C ASN C 165 28.70 -12.61 1.51
N ALA C 166 28.05 -11.91 2.44
CA ALA C 166 27.27 -12.59 3.47
C ALA C 166 26.08 -13.32 2.88
N ALA C 167 25.40 -12.70 1.91
CA ALA C 167 24.27 -13.35 1.26
C ALA C 167 24.72 -14.60 0.53
N SER C 168 25.84 -14.53 -0.19
CA SER C 168 26.34 -15.71 -0.87
C SER C 168 26.70 -16.82 0.11
N ALA C 169 27.37 -16.47 1.22
CA ALA C 169 27.74 -17.48 2.20
C ALA C 169 26.51 -18.13 2.82
N SER C 170 25.52 -17.32 3.21
CA SER C 170 24.32 -17.87 3.81
C SER C 170 23.56 -18.76 2.85
N THR C 171 23.47 -18.34 1.58
CA THR C 171 22.82 -19.20 0.59
C THR C 171 23.57 -20.50 0.41
N GLN C 172 24.90 -20.45 0.44
CA GLN C 172 25.70 -21.66 0.32
C GLN C 172 25.43 -22.62 1.47
N LEU C 173 25.36 -22.11 2.71
CA LEU C 173 25.12 -22.97 3.85
C LEU C 173 23.67 -23.41 4.00
N GLY C 174 22.76 -22.87 3.19
CA GLY C 174 21.35 -23.17 3.34
C GLY C 174 20.88 -24.45 2.68
N GLY C 175 21.78 -25.20 2.05
CA GLY C 175 21.36 -26.41 1.36
C GLY C 175 20.42 -26.15 0.20
N LEU C 176 20.68 -25.11 -0.57
CA LEU C 176 19.86 -24.69 -1.69
C LEU C 176 20.56 -25.00 -3.00
N PRO C 177 19.82 -25.10 -4.11
CA PRO C 177 20.45 -25.38 -5.41
C PRO C 177 21.27 -24.20 -5.91
N PHE C 178 22.22 -23.75 -5.08
CA PHE C 178 23.08 -22.65 -5.43
C PHE C 178 24.26 -23.13 -6.28
N SER C 179 24.64 -22.33 -7.27
CA SER C 179 25.73 -22.72 -8.16
C SER C 179 27.06 -22.75 -7.43
N GLY C 180 27.37 -21.69 -6.68
CA GLY C 180 28.61 -21.60 -5.95
C GLY C 180 28.79 -20.25 -5.29
N PRO C 181 29.77 -20.15 -4.40
CA PRO C 181 30.01 -18.86 -3.72
C PRO C 181 30.26 -17.71 -4.69
N ILE C 182 29.71 -16.54 -4.39
CA ILE C 182 29.62 -15.44 -5.33
C ILE C 182 30.34 -14.25 -4.70
N GLY C 183 31.42 -14.52 -3.98
CA GLY C 183 32.17 -13.46 -3.33
C GLY C 183 32.46 -12.25 -4.18
N GLY C 184 32.54 -11.09 -3.55
CA GLY C 184 32.75 -9.85 -4.26
C GLY C 184 33.58 -8.89 -3.44
N VAL C 185 34.14 -7.90 -4.13
CA VAL C 185 35.06 -6.95 -3.51
C VAL C 185 34.87 -5.60 -4.19
N ARG C 186 34.99 -4.53 -3.41
CA ARG C 186 35.06 -3.18 -3.93
C ARG C 186 36.52 -2.75 -4.00
N VAL C 187 36.97 -2.39 -5.20
CA VAL C 187 38.34 -1.96 -5.44
C VAL C 187 38.32 -0.54 -5.94
N ALA C 188 39.11 0.32 -5.30
CA ALA C 188 39.23 1.72 -5.68
C ALA C 188 40.64 1.98 -6.19
N LEU C 189 40.74 2.80 -7.23
CA LEU C 189 42.04 3.09 -7.85
C LEU C 189 42.65 4.32 -7.18
N ILE C 190 43.68 4.11 -6.38
CA ILE C 190 44.39 5.19 -5.71
C ILE C 190 45.86 5.13 -6.12
N ASP C 191 46.34 6.18 -6.79
CA ASP C 191 47.76 6.33 -7.12
C ASP C 191 48.30 5.14 -7.90
N GLY C 192 47.45 4.55 -8.75
CA GLY C 192 47.85 3.42 -9.56
C GLY C 192 47.73 2.07 -8.88
N THR C 193 47.40 2.03 -7.60
CA THR C 193 47.20 0.80 -6.86
C THR C 193 45.70 0.59 -6.63
N TRP C 194 45.23 -0.63 -6.86
CA TRP C 194 43.81 -0.94 -6.73
C TRP C 194 43.59 -1.51 -5.33
N VAL C 195 43.24 -0.62 -4.40
CA VAL C 195 43.04 -0.99 -3.01
C VAL C 195 41.67 -1.64 -2.86
N GLY C 196 41.64 -2.82 -2.24
CA GLY C 196 40.39 -3.52 -2.04
C GLY C 196 39.73 -3.12 -0.72
N PHE C 197 38.40 -3.09 -0.75
CA PHE C 197 37.59 -2.74 0.40
C PHE C 197 38.00 -1.39 1.01
N PRO C 198 37.90 -0.31 0.25
CA PRO C 198 38.31 1.00 0.77
C PRO C 198 37.24 1.61 1.68
N THR C 199 37.72 2.46 2.59
CA THR C 199 36.83 3.21 3.44
C THR C 199 36.28 4.42 2.68
N VAL C 200 35.40 5.17 3.33
CA VAL C 200 34.90 6.41 2.72
C VAL C 200 36.01 7.44 2.62
N ASP C 201 36.93 7.47 3.59
CA ASP C 201 38.03 8.42 3.56
C ASP C 201 38.94 8.18 2.36
N GLN C 202 39.27 6.91 2.08
CA GLN C 202 40.15 6.59 0.96
C GLN C 202 39.51 6.90 -0.39
N ILE C 203 38.19 6.92 -0.46
CA ILE C 203 37.51 7.13 -1.73
C ILE C 203 37.74 8.55 -2.23
N GLU C 204 37.77 9.52 -1.32
CA GLU C 204 38.03 10.90 -1.72
C GLU C 204 39.42 11.06 -2.33
N ARG C 205 40.34 10.14 -2.05
CA ARG C 205 41.65 10.13 -2.66
C ARG C 205 41.74 9.18 -3.86
N ALA C 206 40.63 8.53 -4.23
CA ALA C 206 40.59 7.63 -5.35
C ALA C 206 39.91 8.29 -6.55
N VAL C 207 39.99 7.62 -7.70
CA VAL C 207 39.35 8.14 -8.91
C VAL C 207 38.39 7.15 -9.54
N PHE C 208 38.39 5.87 -9.15
CA PHE C 208 37.47 4.91 -9.76
C PHE C 208 37.06 3.86 -8.73
N ASP C 209 35.76 3.58 -8.70
CA ASP C 209 35.13 2.61 -7.81
C ASP C 209 34.64 1.43 -8.64
N MET C 210 35.05 0.22 -8.26
CA MET C 210 34.72 -1.00 -8.99
C MET C 210 34.18 -2.00 -7.98
N VAL C 211 32.86 -2.18 -7.96
CA VAL C 211 32.24 -3.25 -7.18
C VAL C 211 32.16 -4.45 -8.10
N VAL C 212 33.00 -5.45 -7.86
CA VAL C 212 33.12 -6.61 -8.74
C VAL C 212 32.77 -7.85 -7.93
N ALA C 213 31.81 -8.62 -8.43
CA ALA C 213 31.40 -9.86 -7.77
C ALA C 213 31.50 -11.00 -8.75
N GLY C 214 32.17 -12.09 -8.34
CA GLY C 214 32.37 -13.21 -9.24
C GLY C 214 32.67 -14.47 -8.45
N ARG C 215 32.81 -15.58 -9.19
CA ARG C 215 33.08 -16.88 -8.60
C ARG C 215 34.27 -17.53 -9.28
N ILE C 216 34.90 -18.47 -8.56
CA ILE C 216 35.99 -19.27 -9.10
C ILE C 216 35.40 -20.54 -9.71
N VAL C 217 35.99 -20.99 -10.81
CA VAL C 217 35.47 -22.16 -11.52
C VAL C 217 36.49 -23.29 -11.49
N GLU C 218 37.68 -23.06 -12.04
CA GLU C 218 38.80 -24.00 -11.90
C GLU C 218 40.02 -23.30 -11.33
N GLY C 219 39.81 -22.53 -10.26
CA GLY C 219 40.88 -21.77 -9.66
C GLY C 219 41.05 -20.37 -10.20
N ASP C 220 40.36 -20.02 -11.29
CA ASP C 220 40.34 -18.67 -11.83
C ASP C 220 38.96 -18.07 -11.66
N VAL C 221 38.90 -16.81 -11.26
CA VAL C 221 37.61 -16.17 -11.03
C VAL C 221 36.91 -15.96 -12.37
N ALA C 222 35.58 -16.02 -12.32
CA ALA C 222 34.73 -15.73 -13.46
C ALA C 222 33.81 -14.58 -13.05
N ILE C 223 34.15 -13.37 -13.49
CA ILE C 223 33.41 -12.19 -13.07
C ILE C 223 31.95 -12.33 -13.42
N MET C 224 31.08 -12.05 -12.45
CA MET C 224 29.63 -12.03 -12.69
C MET C 224 29.08 -10.64 -12.87
N MET C 225 29.33 -9.71 -11.96
CA MET C 225 28.78 -8.38 -12.09
C MET C 225 29.84 -7.33 -11.78
N VAL C 226 29.74 -6.20 -12.47
CA VAL C 226 30.63 -5.07 -12.32
C VAL C 226 29.79 -3.80 -12.23
N GLU C 227 30.04 -3.00 -11.20
CA GLU C 227 29.43 -1.67 -11.08
C GLU C 227 30.56 -0.67 -10.88
N ALA C 228 30.74 0.24 -11.83
CA ALA C 228 31.90 1.12 -11.87
C ALA C 228 31.43 2.56 -11.89
N GLU C 229 31.93 3.36 -10.95
CA GLU C 229 31.61 4.77 -10.84
C GLU C 229 32.89 5.57 -10.66
N ALA C 230 33.05 6.62 -11.47
CA ALA C 230 34.12 7.56 -11.24
C ALA C 230 33.74 8.50 -10.12
N THR C 231 34.65 8.69 -9.17
CA THR C 231 34.33 9.50 -8.00
C THR C 231 34.12 10.96 -8.40
N GLU C 232 33.49 11.72 -7.50
CA GLU C 232 33.15 13.11 -7.78
C GLU C 232 34.38 14.01 -7.89
N ASN C 233 35.56 13.54 -7.49
CA ASN C 233 36.79 14.31 -7.61
C ASN C 233 37.70 13.78 -8.70
N VAL C 234 37.15 13.05 -9.68
CA VAL C 234 37.99 12.47 -10.73
C VAL C 234 38.59 13.57 -11.59
N VAL C 235 37.83 14.63 -11.86
CA VAL C 235 38.32 15.69 -12.72
C VAL C 235 39.46 16.45 -12.02
N GLU C 236 39.25 16.81 -10.75
CA GLU C 236 40.25 17.56 -10.01
C GLU C 236 41.49 16.74 -9.68
N LEU C 237 41.44 15.42 -9.86
CA LEU C 237 42.60 14.57 -9.57
C LEU C 237 43.32 14.11 -10.83
N VAL C 238 42.60 13.94 -11.95
CA VAL C 238 43.26 13.58 -13.20
C VAL C 238 44.18 14.72 -13.65
N GLU C 239 43.70 15.96 -13.58
CA GLU C 239 44.55 17.10 -13.91
C GLU C 239 45.68 17.25 -12.91
N GLY C 240 45.49 16.79 -11.68
CA GLY C 240 46.49 16.93 -10.64
C GLY C 240 47.64 15.96 -10.72
N GLY C 241 47.60 15.00 -11.64
CA GLY C 241 48.68 14.05 -11.79
C GLY C 241 48.24 12.62 -11.96
N ALA C 242 47.11 12.26 -11.33
CA ALA C 242 46.60 10.90 -11.41
C ALA C 242 46.14 10.57 -12.83
N GLN C 243 46.28 9.30 -13.19
CA GLN C 243 45.89 8.86 -14.52
C GLN C 243 44.37 8.80 -14.63
N ALA C 244 43.86 9.09 -15.83
CA ALA C 244 42.44 9.09 -16.06
C ALA C 244 41.91 7.65 -16.10
N PRO C 245 40.64 7.45 -15.72
CA PRO C 245 40.03 6.11 -15.78
C PRO C 245 39.68 5.69 -17.21
N THR C 246 40.71 5.61 -18.05
CA THR C 246 40.54 5.11 -19.40
C THR C 246 40.23 3.61 -19.36
N GLU C 247 39.59 3.12 -20.43
CA GLU C 247 39.11 1.73 -20.45
C GLU C 247 40.23 0.73 -20.22
N SER C 248 41.46 1.06 -20.61
CA SER C 248 42.60 0.20 -20.26
C SER C 248 42.78 0.14 -18.75
N VAL C 249 42.65 1.27 -18.07
CA VAL C 249 42.74 1.28 -16.61
C VAL C 249 41.56 0.51 -16.01
N VAL C 250 40.40 0.58 -16.67
CA VAL C 250 39.24 -0.18 -16.20
C VAL C 250 39.51 -1.67 -16.30
N ALA C 251 40.11 -2.12 -17.40
CA ALA C 251 40.45 -3.54 -17.53
C ALA C 251 41.50 -3.94 -16.50
N ALA C 252 42.47 -3.06 -16.25
CA ALA C 252 43.47 -3.35 -15.22
C ALA C 252 42.82 -3.50 -13.85
N GLY C 253 41.84 -2.64 -13.55
CA GLY C 253 41.13 -2.76 -12.28
C GLY C 253 40.32 -4.03 -12.19
N LEU C 254 39.63 -4.39 -13.27
CA LEU C 254 38.87 -5.63 -13.27
C LEU C 254 39.79 -6.83 -13.11
N GLU C 255 41.03 -6.73 -13.59
CA GLU C 255 42.01 -7.78 -13.37
C GLU C 255 42.57 -7.74 -11.95
N ALA C 256 42.58 -6.57 -11.31
CA ALA C 256 43.20 -6.43 -10.00
C ALA C 256 42.35 -7.02 -8.88
N ALA C 257 41.02 -7.01 -9.02
CA ALA C 257 40.14 -7.51 -7.98
C ALA C 257 40.10 -9.03 -7.92
N LYS C 258 40.69 -9.71 -8.90
CA LYS C 258 40.59 -11.17 -8.96
C LYS C 258 41.19 -11.87 -7.74
N PRO C 259 42.38 -11.52 -7.25
CA PRO C 259 42.87 -12.18 -6.03
C PRO C 259 41.95 -12.01 -4.84
N PHE C 260 41.36 -10.83 -4.67
CA PHE C 260 40.42 -10.62 -3.58
C PHE C 260 39.18 -11.50 -3.75
N ILE C 261 38.69 -11.62 -4.98
CA ILE C 261 37.53 -12.48 -5.24
C ILE C 261 37.87 -13.92 -4.91
N ALA C 262 39.07 -14.37 -5.29
CA ALA C 262 39.47 -15.74 -5.00
C ALA C 262 39.56 -15.99 -3.50
N ALA C 263 40.17 -15.05 -2.76
CA ALA C 263 40.31 -15.21 -1.32
C ALA C 263 38.94 -15.24 -0.64
N LEU C 264 38.05 -14.33 -1.02
CA LEU C 264 36.73 -14.29 -0.39
C LEU C 264 35.89 -15.50 -0.77
N CYS C 265 36.02 -15.97 -2.01
CA CYS C 265 35.28 -17.16 -2.43
C CYS C 265 35.76 -18.40 -1.70
N THR C 266 37.07 -18.55 -1.51
CA THR C 266 37.55 -19.71 -0.77
C THR C 266 37.29 -19.60 0.72
N ALA C 267 37.19 -18.38 1.26
CA ALA C 267 36.77 -18.23 2.65
C ALA C 267 35.30 -18.61 2.81
N GLN C 268 34.45 -18.20 1.87
CA GLN C 268 33.05 -18.61 1.92
C GLN C 268 32.91 -20.11 1.77
N GLN C 269 33.72 -20.72 0.90
CA GLN C 269 33.68 -22.16 0.72
C GLN C 269 34.40 -22.87 1.85
N GLU C 270 35.71 -22.61 2.01
CA GLU C 270 36.55 -23.25 3.03
C GLU C 270 36.50 -24.75 2.81
N LEU C 271 36.14 -25.56 3.81
CA LEU C 271 35.96 -27.00 3.64
C LEU C 271 34.61 -27.27 3.01
N ALA C 272 34.13 -28.51 3.07
CA ALA C 272 32.81 -28.84 2.55
C ALA C 272 31.74 -27.91 3.12
N ASP C 273 31.91 -27.49 4.37
CA ASP C 273 31.14 -26.40 4.97
C ASP C 273 29.65 -26.70 5.02
N ALA C 274 29.00 -26.82 3.86
CA ALA C 274 27.55 -26.99 3.81
C ALA C 274 27.10 -28.20 4.60
N ALA C 275 27.92 -29.25 4.66
CA ALA C 275 27.61 -30.43 5.46
C ALA C 275 28.72 -30.76 6.45
N GLY C 276 29.98 -30.54 6.07
CA GLY C 276 31.07 -30.82 6.99
C GLY C 276 31.09 -29.87 8.18
N LYS C 277 30.87 -28.59 7.94
CA LYS C 277 30.94 -27.59 9.00
C LYS C 277 29.55 -27.18 9.51
N SER C 278 28.69 -26.69 8.62
CA SER C 278 27.41 -26.13 9.05
C SER C 278 26.38 -26.24 7.95
N GLY C 279 25.20 -26.71 8.29
CA GLY C 279 24.12 -26.82 7.32
C GLY C 279 23.03 -27.77 7.74
N LYS C 280 22.62 -28.65 6.82
CA LYS C 280 21.53 -29.59 7.05
C LYS C 280 21.57 -30.66 5.96
N PRO C 281 21.11 -31.89 6.24
CA PRO C 281 20.98 -32.87 5.16
C PRO C 281 20.09 -32.35 4.04
N THR C 282 20.49 -32.64 2.81
CA THR C 282 19.87 -32.01 1.65
C THR C 282 18.45 -32.53 1.43
N VAL C 283 17.52 -31.61 1.21
CA VAL C 283 16.16 -31.93 0.78
C VAL C 283 16.02 -31.42 -0.64
N ASP C 284 15.71 -32.32 -1.57
CA ASP C 284 15.66 -31.96 -2.98
C ASP C 284 14.57 -30.94 -3.23
N PHE C 285 14.86 -29.98 -4.10
CA PHE C 285 13.91 -28.94 -4.48
C PHE C 285 13.44 -29.19 -5.90
N PRO C 286 12.14 -29.24 -6.15
CA PRO C 286 11.67 -29.57 -7.50
C PRO C 286 11.94 -28.45 -8.48
N VAL C 287 12.10 -28.83 -9.75
CA VAL C 287 12.38 -27.91 -10.84
C VAL C 287 11.23 -27.98 -11.84
N PHE C 288 10.93 -26.85 -12.46
CA PHE C 288 9.81 -26.73 -13.39
C PHE C 288 10.31 -26.17 -14.71
N PRO C 289 10.96 -26.99 -15.53
CA PRO C 289 11.40 -26.51 -16.84
C PRO C 289 10.22 -26.22 -17.75
N ASP C 290 10.38 -25.19 -18.58
CA ASP C 290 9.30 -24.79 -19.48
C ASP C 290 9.16 -25.77 -20.65
N TYR C 291 10.29 -26.21 -21.22
CA TYR C 291 10.29 -27.17 -22.33
C TYR C 291 11.32 -28.25 -22.00
N GLY C 292 10.87 -29.35 -21.38
CA GLY C 292 11.82 -30.34 -20.93
C GLY C 292 12.47 -31.15 -22.04
N GLU C 293 11.72 -32.07 -22.64
CA GLU C 293 12.25 -32.86 -23.76
C GLU C 293 11.25 -33.17 -24.85
N ASP C 294 9.98 -32.80 -24.69
CA ASP C 294 8.95 -33.23 -25.63
C ASP C 294 8.72 -32.19 -26.74
N VAL C 295 8.33 -30.98 -26.36
CA VAL C 295 8.01 -29.96 -27.35
C VAL C 295 9.27 -29.48 -28.06
N TYR C 296 10.38 -29.38 -27.33
CA TYR C 296 11.61 -28.86 -27.91
C TYR C 296 12.11 -29.72 -29.06
N TYR C 297 12.12 -31.04 -28.86
CA TYR C 297 12.63 -31.94 -29.89
C TYR C 297 11.80 -31.85 -31.17
N SER C 298 10.47 -31.92 -31.02
CA SER C 298 9.60 -31.84 -32.19
C SER C 298 9.72 -30.50 -32.90
N VAL C 299 9.76 -29.40 -32.12
CA VAL C 299 9.84 -28.08 -32.72
C VAL C 299 11.15 -27.92 -33.49
N SER C 300 12.26 -28.39 -32.90
CA SER C 300 13.53 -28.32 -33.61
C SER C 300 13.52 -29.19 -34.86
N SER C 301 12.90 -30.37 -34.78
CA SER C 301 12.93 -31.30 -35.91
C SER C 301 12.06 -30.82 -37.07
N VAL C 302 10.97 -30.11 -36.79
CA VAL C 302 10.01 -29.75 -37.83
C VAL C 302 10.03 -28.28 -38.21
N ALA C 303 10.73 -27.42 -37.46
CA ALA C 303 10.70 -25.99 -37.69
C ALA C 303 12.10 -25.40 -37.65
N THR C 304 13.02 -25.99 -38.41
CA THR C 304 14.41 -25.54 -38.43
C THR C 304 14.75 -24.74 -39.68
N ASP C 305 14.52 -25.32 -40.86
CA ASP C 305 14.94 -24.67 -42.10
C ASP C 305 14.15 -23.40 -42.37
N GLU C 306 12.86 -23.39 -42.03
CA GLU C 306 12.04 -22.22 -42.28
C GLU C 306 12.55 -21.01 -41.49
N LEU C 307 12.98 -21.23 -40.26
CA LEU C 307 13.57 -20.14 -39.47
C LEU C 307 14.82 -19.59 -40.13
N ALA C 308 15.67 -20.48 -40.66
CA ALA C 308 16.88 -20.03 -41.34
C ALA C 308 16.53 -19.21 -42.58
N ALA C 309 15.55 -19.67 -43.36
CA ALA C 309 15.14 -18.91 -44.54
C ALA C 309 14.59 -17.54 -44.15
N ALA C 310 13.78 -17.48 -43.09
CA ALA C 310 13.24 -16.21 -42.64
C ALA C 310 14.34 -15.27 -42.17
N LEU C 311 15.33 -15.79 -41.45
CA LEU C 311 16.42 -14.95 -40.98
C LEU C 311 17.30 -14.49 -42.13
N THR C 312 17.47 -15.30 -43.16
CA THR C 312 18.25 -14.94 -44.33
C THR C 312 17.45 -14.20 -45.39
N ILE C 313 16.17 -13.93 -45.14
CA ILE C 313 15.38 -13.14 -46.08
C ILE C 313 15.96 -11.75 -46.29
N GLY C 314 16.77 -11.27 -45.37
CA GLY C 314 17.44 -9.98 -45.53
C GLY C 314 16.52 -8.78 -45.56
N GLY C 315 15.46 -8.80 -44.75
CA GLY C 315 14.56 -7.67 -44.69
C GLY C 315 13.97 -7.44 -43.31
N LYS C 316 14.15 -6.22 -42.78
CA LYS C 316 13.61 -5.89 -41.46
C LYS C 316 12.09 -5.81 -41.50
N ALA C 317 11.55 -5.07 -42.47
CA ALA C 317 10.10 -4.85 -42.53
C ALA C 317 9.35 -6.12 -42.89
N GLU C 318 9.94 -6.97 -43.75
CA GLU C 318 9.28 -8.19 -44.18
C GLU C 318 9.52 -9.36 -43.22
N ARG C 319 10.30 -9.16 -42.16
CA ARG C 319 10.64 -10.26 -41.28
C ARG C 319 9.43 -10.79 -40.52
N ASP C 320 8.56 -9.90 -40.05
CA ASP C 320 7.45 -10.30 -39.19
C ASP C 320 6.49 -11.22 -39.94
N GLN C 321 6.17 -10.88 -41.19
CA GLN C 321 5.21 -11.67 -41.96
C GLN C 321 5.66 -13.12 -42.13
N ARG C 322 6.97 -13.37 -42.02
CA ARG C 322 7.47 -14.74 -42.08
C ARG C 322 7.57 -15.37 -40.70
N ILE C 323 8.13 -14.66 -39.73
CA ILE C 323 8.39 -15.27 -38.43
C ILE C 323 7.08 -15.55 -37.69
N ASP C 324 6.15 -14.58 -37.68
CA ASP C 324 4.88 -14.80 -36.99
C ASP C 324 4.05 -15.87 -37.69
N GLU C 325 4.09 -15.90 -39.02
CA GLU C 325 3.38 -16.94 -39.75
C GLU C 325 3.95 -18.32 -39.43
N ILE C 326 5.28 -18.44 -39.36
CA ILE C 326 5.90 -19.70 -38.99
C ILE C 326 5.49 -20.10 -37.58
N LYS C 327 5.48 -19.15 -36.66
CA LYS C 327 5.08 -19.44 -35.29
C LYS C 327 3.66 -19.97 -35.24
N THR C 328 2.74 -19.30 -35.93
CA THR C 328 1.34 -19.72 -35.93
C THR C 328 1.16 -21.09 -36.56
N GLN C 329 1.82 -21.34 -37.70
CA GLN C 329 1.64 -22.64 -38.35
C GLN C 329 2.28 -23.76 -37.56
N VAL C 330 3.40 -23.48 -36.87
CA VAL C 330 4.00 -24.50 -36.01
C VAL C 330 3.09 -24.82 -34.84
N VAL C 331 2.50 -23.79 -34.22
CA VAL C 331 1.57 -24.03 -33.13
C VAL C 331 0.38 -24.85 -33.61
N GLN C 332 -0.14 -24.53 -34.79
CA GLN C 332 -1.28 -25.28 -35.33
C GLN C 332 -0.90 -26.73 -35.62
N ARG C 333 0.21 -26.95 -36.32
CA ARG C 333 0.57 -28.30 -36.74
C ARG C 333 0.93 -29.18 -35.55
N LEU C 334 1.61 -28.62 -34.55
CA LEU C 334 1.99 -29.40 -33.38
C LEU C 334 0.85 -29.60 -32.39
N ALA C 335 -0.27 -28.91 -32.56
CA ALA C 335 -1.38 -29.05 -31.63
C ALA C 335 -2.25 -30.24 -31.99
N ASP C 336 -1.63 -31.39 -32.22
CA ASP C 336 -2.33 -32.66 -32.39
C ASP C 336 -1.78 -33.75 -31.49
N THR C 337 -0.46 -33.77 -31.27
CA THR C 337 0.17 -34.72 -30.36
C THR C 337 0.23 -34.17 -28.94
N TYR C 338 0.59 -32.90 -28.79
CA TYR C 338 0.66 -32.25 -27.48
C TYR C 338 -0.60 -31.41 -27.27
N GLU C 339 -1.39 -31.78 -26.28
CA GLU C 339 -2.60 -31.06 -25.91
C GLU C 339 -2.41 -30.42 -24.55
N GLY C 340 -2.78 -29.14 -24.43
CA GLY C 340 -2.53 -28.41 -23.21
C GLY C 340 -1.10 -27.94 -23.04
N ARG C 341 -0.27 -28.07 -24.08
CA ARG C 341 1.13 -27.67 -24.03
C ARG C 341 1.41 -26.53 -25.02
N GLU C 342 0.42 -25.68 -25.27
CA GLU C 342 0.62 -24.56 -26.18
C GLU C 342 1.66 -23.59 -25.66
N LYS C 343 1.65 -23.32 -24.35
CA LYS C 343 2.71 -22.51 -23.76
C LYS C 343 4.06 -23.19 -23.91
N GLU C 344 4.09 -24.51 -23.75
CA GLU C 344 5.35 -25.24 -23.89
C GLU C 344 5.88 -25.17 -25.32
N VAL C 345 5.01 -25.34 -26.31
CA VAL C 345 5.48 -25.24 -27.70
C VAL C 345 5.89 -23.82 -28.03
N GLY C 346 5.22 -22.82 -27.46
CA GLY C 346 5.64 -21.44 -27.68
C GLY C 346 7.01 -21.17 -27.10
N ALA C 347 7.26 -21.66 -25.88
CA ALA C 347 8.57 -21.49 -25.27
C ALA C 347 9.66 -22.23 -26.05
N ALA C 348 9.34 -23.43 -26.53
CA ALA C 348 10.30 -24.19 -27.34
C ALA C 348 10.61 -23.47 -28.64
N LEU C 349 9.59 -22.88 -29.27
CA LEU C 349 9.82 -22.11 -30.49
C LEU C 349 10.68 -20.90 -30.21
N ARG C 350 10.44 -20.23 -29.08
CA ARG C 350 11.28 -19.09 -28.71
C ARG C 350 12.73 -19.53 -28.51
N ALA C 351 12.93 -20.69 -27.86
CA ALA C 351 14.29 -21.20 -27.67
C ALA C 351 14.95 -21.55 -29.01
N LEU C 352 14.20 -22.16 -29.92
CA LEU C 352 14.74 -22.46 -31.24
C LEU C 352 15.16 -21.19 -31.96
N THR C 353 14.29 -20.17 -31.91
CA THR C 353 14.61 -18.89 -32.54
C THR C 353 15.86 -18.29 -31.90
N LYS C 354 15.99 -18.40 -30.58
CA LYS C 354 17.17 -17.89 -29.90
C LYS C 354 18.44 -18.59 -30.39
N LYS C 355 18.38 -19.92 -30.50
CA LYS C 355 19.55 -20.67 -30.95
C LYS C 355 19.94 -20.27 -32.37
N LEU C 356 18.97 -20.21 -33.28
CA LEU C 356 19.30 -19.86 -34.66
C LEU C 356 19.73 -18.41 -34.79
N VAL C 357 19.18 -17.50 -33.97
CA VAL C 357 19.62 -16.10 -34.03
C VAL C 357 21.04 -15.97 -33.54
N ARG C 358 21.40 -16.68 -32.47
CA ARG C 358 22.79 -16.67 -32.01
C ARG C 358 23.71 -17.23 -33.08
N GLN C 359 23.31 -18.32 -33.72
CA GLN C 359 24.14 -18.89 -34.79
C GLN C 359 24.30 -17.91 -35.94
N ARG C 360 23.22 -17.21 -36.31
CA ARG C 360 23.29 -16.23 -37.39
C ARG C 360 24.22 -15.08 -37.04
N ILE C 361 24.16 -14.61 -35.79
CA ILE C 361 25.05 -13.52 -35.40
C ILE C 361 26.50 -13.97 -35.41
N LEU C 362 26.76 -15.19 -34.93
CA LEU C 362 28.14 -15.67 -34.87
C LEU C 362 28.72 -15.91 -36.27
N THR C 363 27.97 -16.61 -37.13
CA THR C 363 28.50 -17.00 -38.44
C THR C 363 28.25 -15.91 -39.49
N ASP C 364 26.97 -15.60 -39.74
CA ASP C 364 26.63 -14.63 -40.77
C ASP C 364 26.98 -13.19 -40.39
N HIS C 365 27.23 -12.92 -39.10
CA HIS C 365 27.65 -11.60 -38.64
C HIS C 365 26.61 -10.53 -38.96
N PHE C 366 25.33 -10.88 -38.80
CA PHE C 366 24.22 -9.98 -39.08
C PHE C 366 23.38 -9.79 -37.83
N ARG C 367 22.86 -8.58 -37.66
CA ARG C 367 21.93 -8.27 -36.58
C ARG C 367 20.50 -8.26 -37.12
N ILE C 368 19.54 -8.56 -36.24
CA ILE C 368 18.14 -8.63 -36.65
C ILE C 368 17.62 -7.27 -37.10
N ASP C 369 18.23 -6.19 -36.61
CA ASP C 369 17.85 -4.85 -37.04
C ASP C 369 18.27 -4.54 -38.47
N GLY C 370 19.11 -5.36 -39.08
CA GLY C 370 19.71 -5.03 -40.35
C GLY C 370 20.88 -4.09 -40.26
N ARG C 371 21.31 -3.74 -39.06
CA ARG C 371 22.45 -2.85 -38.86
C ARG C 371 23.73 -3.65 -38.67
N GLY C 372 24.86 -2.99 -38.91
CA GLY C 372 26.14 -3.61 -38.64
C GLY C 372 26.43 -3.68 -37.14
N ILE C 373 27.43 -4.50 -36.81
CA ILE C 373 27.78 -4.71 -35.41
C ILE C 373 28.32 -3.45 -34.74
N THR C 374 28.65 -2.41 -35.52
CA THR C 374 29.10 -1.14 -34.98
C THR C 374 28.19 0.02 -35.39
N ASP C 375 26.94 -0.28 -35.75
CA ASP C 375 26.04 0.72 -36.28
C ASP C 375 25.01 1.12 -35.23
N ILE C 376 24.97 2.41 -34.91
CA ILE C 376 23.97 2.95 -34.00
C ILE C 376 22.68 3.19 -34.77
N ARG C 377 21.55 3.13 -34.07
CA ARG C 377 20.26 3.31 -34.69
C ARG C 377 20.06 4.76 -35.13
N ALA C 378 18.88 5.05 -35.67
CA ALA C 378 18.55 6.41 -36.08
C ALA C 378 18.59 7.33 -34.86
N LEU C 379 19.58 8.22 -34.81
CA LEU C 379 19.88 8.98 -33.62
C LEU C 379 19.55 10.46 -33.84
N SER C 380 19.03 11.10 -32.81
CA SER C 380 18.66 12.51 -32.89
C SER C 380 18.57 13.08 -31.48
N ALA C 381 18.80 14.39 -31.37
CA ALA C 381 18.81 15.06 -30.08
C ALA C 381 18.28 16.48 -30.24
N GLU C 382 17.11 16.74 -29.67
CA GLU C 382 16.51 18.06 -29.68
C GLU C 382 16.69 18.71 -28.31
N VAL C 383 16.78 20.04 -28.30
CA VAL C 383 17.03 20.80 -27.10
C VAL C 383 15.94 21.86 -26.95
N ALA C 384 15.54 22.13 -25.71
CA ALA C 384 14.53 23.14 -25.39
C ALA C 384 13.20 22.82 -26.07
N VAL C 385 12.64 21.67 -25.69
CA VAL C 385 11.36 21.23 -26.22
C VAL C 385 10.21 21.59 -25.29
N VAL C 386 10.42 21.49 -23.98
CA VAL C 386 9.40 21.78 -22.98
C VAL C 386 9.51 23.26 -22.61
N PRO C 387 8.45 24.06 -22.81
CA PRO C 387 8.52 25.46 -22.44
C PRO C 387 8.32 25.65 -20.94
N ARG C 388 8.70 26.84 -20.47
CA ARG C 388 8.53 27.24 -19.08
C ARG C 388 9.23 26.28 -18.12
N ALA C 389 10.30 25.65 -18.56
CA ALA C 389 11.11 24.77 -17.73
C ALA C 389 12.54 25.29 -17.71
N HIS C 390 13.20 25.12 -16.56
CA HIS C 390 14.56 25.64 -16.41
C HIS C 390 15.52 24.98 -17.39
N GLY C 391 15.26 23.74 -17.76
CA GLY C 391 16.02 23.08 -18.81
C GLY C 391 15.33 21.83 -19.30
N SER C 392 15.37 21.56 -20.59
CA SER C 392 14.68 20.39 -21.12
C SER C 392 15.37 19.93 -22.39
N ALA C 393 15.29 18.63 -22.65
CA ALA C 393 15.88 18.06 -23.85
C ALA C 393 15.16 16.76 -24.18
N LEU C 394 15.29 16.32 -25.42
CA LEU C 394 14.70 15.10 -25.90
C LEU C 394 15.74 14.34 -26.71
N PHE C 395 15.79 13.02 -26.52
CA PHE C 395 16.79 12.18 -27.17
C PHE C 395 16.09 10.99 -27.79
N GLU C 396 16.43 10.68 -29.05
CA GLU C 396 15.81 9.57 -29.76
C GLU C 396 16.88 8.69 -30.37
N ARG C 397 16.73 7.38 -30.19
CA ARG C 397 17.57 6.38 -30.83
C ARG C 397 16.64 5.27 -31.32
N GLY C 398 16.26 5.33 -32.59
CA GLY C 398 15.33 4.36 -33.14
C GLY C 398 13.97 4.48 -32.48
N GLU C 399 13.62 3.48 -31.67
CA GLU C 399 12.37 3.54 -30.91
C GLU C 399 12.55 4.20 -29.56
N THR C 400 13.76 4.17 -29.01
CA THR C 400 14.00 4.78 -27.70
C THR C 400 13.84 6.29 -27.78
N GLN C 401 13.17 6.86 -26.79
CA GLN C 401 12.89 8.29 -26.77
C GLN C 401 12.72 8.73 -25.33
N ILE C 402 13.59 9.64 -24.88
CA ILE C 402 13.64 10.07 -23.49
C ILE C 402 13.53 11.59 -23.44
N LEU C 403 12.61 12.09 -22.63
CA LEU C 403 12.41 13.52 -22.42
C LEU C 403 12.94 13.87 -21.03
N GLY C 404 14.11 14.47 -20.98
CA GLY C 404 14.75 14.82 -19.73
C GLY C 404 14.57 16.28 -19.39
N VAL C 405 14.00 16.55 -18.23
CA VAL C 405 13.73 17.90 -17.75
C VAL C 405 14.48 18.12 -16.45
N THR C 406 15.28 19.18 -16.41
CA THR C 406 16.00 19.59 -15.21
C THR C 406 15.49 20.94 -14.73
N THR C 407 15.38 21.09 -13.41
CA THR C 407 14.94 22.32 -12.79
C THR C 407 15.94 22.75 -11.74
N LEU C 408 16.16 24.05 -11.64
CA LEU C 408 17.15 24.62 -10.74
C LEU C 408 16.44 25.36 -9.61
N ASP C 409 16.65 24.92 -8.39
CA ASP C 409 16.10 25.57 -7.21
C ASP C 409 17.24 25.92 -6.25
N MET C 410 16.86 26.56 -5.14
CA MET C 410 17.83 27.05 -4.18
C MET C 410 18.62 25.89 -3.58
N ILE C 411 19.74 26.24 -2.93
CA ILE C 411 20.60 25.23 -2.31
C ILE C 411 19.87 24.51 -1.19
N LYS C 412 19.02 25.24 -0.46
CA LYS C 412 18.30 24.64 0.67
C LYS C 412 17.36 23.52 0.25
N MET C 413 17.00 23.45 -1.04
CA MET C 413 16.05 22.46 -1.51
C MET C 413 16.70 21.15 -1.94
N ALA C 414 17.95 20.92 -1.57
CA ALA C 414 18.56 19.63 -1.80
C ALA C 414 17.98 18.59 -0.85
N GLN C 415 18.05 17.33 -1.27
CA GLN C 415 17.51 16.24 -0.45
C GLN C 415 18.36 16.05 0.79
N GLN C 416 17.70 16.04 1.95
CA GLN C 416 18.40 15.85 3.23
C GLN C 416 18.33 14.38 3.62
N ILE C 417 19.06 13.56 2.87
CA ILE C 417 18.99 12.11 3.05
C ILE C 417 19.76 11.72 4.29
N ASP C 418 19.11 10.95 5.17
CA ASP C 418 19.75 10.41 6.37
C ASP C 418 19.55 8.90 6.41
N SER C 419 20.63 8.17 6.62
CA SER C 419 20.61 6.72 6.66
C SER C 419 21.94 6.26 7.26
N LEU C 420 22.19 4.95 7.21
CA LEU C 420 23.48 4.43 7.66
C LEU C 420 24.61 4.96 6.81
N GLY C 421 24.34 5.26 5.54
CA GLY C 421 25.35 5.77 4.64
C GLY C 421 25.92 7.09 5.11
N PRO C 422 27.23 7.29 4.89
CA PRO C 422 27.88 8.52 5.36
C PRO C 422 27.39 9.78 4.65
N GLU C 423 26.75 9.65 3.49
CA GLU C 423 26.22 10.83 2.82
C GLU C 423 25.08 11.42 3.63
N THR C 424 25.10 12.74 3.82
CA THR C 424 24.10 13.44 4.60
C THR C 424 23.33 14.46 3.79
N SER C 425 23.49 14.45 2.47
CA SER C 425 22.76 15.36 1.59
C SER C 425 22.84 14.82 0.17
N LYS C 426 22.17 15.52 -0.74
CA LYS C 426 22.17 15.13 -2.15
C LYS C 426 21.96 16.40 -2.98
N ARG C 427 23.07 16.97 -3.47
CA ARG C 427 22.98 18.16 -4.29
C ARG C 427 22.32 17.87 -5.63
N TYR C 428 22.64 16.74 -6.23
CA TYR C 428 22.13 16.35 -7.54
C TYR C 428 21.32 15.08 -7.40
N MET C 429 20.06 15.12 -7.82
CA MET C 429 19.16 13.97 -7.72
C MET C 429 18.57 13.68 -9.09
N HIS C 430 18.75 12.46 -9.56
CA HIS C 430 18.23 12.03 -10.84
C HIS C 430 17.07 11.07 -10.60
N HIS C 431 15.89 11.44 -11.11
CA HIS C 431 14.68 10.65 -10.94
C HIS C 431 14.25 10.11 -12.30
N TYR C 432 14.17 8.79 -12.40
CA TYR C 432 13.91 8.09 -13.66
C TYR C 432 12.47 7.60 -13.63
N ASN C 433 11.61 8.25 -14.40
CA ASN C 433 10.21 7.85 -14.52
C ASN C 433 10.03 7.00 -15.76
N PHE C 434 9.35 5.86 -15.60
CA PHE C 434 9.14 4.90 -16.66
C PHE C 434 7.64 4.63 -16.75
N PRO C 435 6.89 5.56 -17.36
CA PRO C 435 5.44 5.39 -17.42
C PRO C 435 5.07 4.18 -18.25
N PRO C 436 3.93 3.54 -17.96
CA PRO C 436 3.58 2.30 -18.67
C PRO C 436 3.42 2.47 -20.17
N PHE C 437 3.06 3.66 -20.64
CA PHE C 437 2.88 3.86 -22.08
C PHE C 437 4.20 3.99 -22.82
N SER C 438 5.34 3.88 -22.13
CA SER C 438 6.63 3.93 -22.81
C SER C 438 6.78 2.77 -23.79
N THR C 439 6.35 1.58 -23.39
CA THR C 439 6.39 0.41 -24.26
C THR C 439 4.99 -0.05 -24.68
N GLY C 440 3.98 0.78 -24.47
CA GLY C 440 2.62 0.47 -24.86
C GLY C 440 1.83 -0.35 -23.87
N GLU C 441 2.43 -0.75 -22.75
CA GLU C 441 1.73 -1.57 -21.77
C GLU C 441 0.80 -0.70 -20.93
N THR C 442 -0.29 -1.32 -20.45
CA THR C 442 -1.24 -0.67 -19.57
C THR C 442 -0.95 -1.13 -18.14
N GLY C 443 0.05 -0.52 -17.53
CA GLY C 443 0.47 -0.87 -16.19
C GLY C 443 -0.13 0.03 -15.14
N ARG C 444 0.54 0.11 -14.01
CA ARG C 444 0.09 0.89 -12.87
C ARG C 444 1.04 2.06 -12.63
N VAL C 445 0.48 3.26 -12.58
CA VAL C 445 1.25 4.47 -12.30
C VAL C 445 1.25 4.71 -10.80
N GLY C 446 2.44 4.92 -10.24
CA GLY C 446 2.54 5.19 -8.82
C GLY C 446 3.97 5.21 -8.30
N SER C 447 4.21 4.55 -7.18
CA SER C 447 5.53 4.54 -6.59
C SER C 447 6.51 3.83 -7.52
N PRO C 448 7.73 4.35 -7.68
CA PRO C 448 8.69 3.71 -8.57
C PRO C 448 9.10 2.34 -8.07
N LYS C 449 9.41 1.45 -9.01
CA LYS C 449 9.85 0.10 -8.68
C LYS C 449 11.34 0.13 -8.33
N ARG C 450 11.93 -1.04 -8.15
CA ARG C 450 13.37 -1.11 -7.91
C ARG C 450 14.16 -0.89 -9.19
N ARG C 451 13.61 -1.32 -10.33
CA ARG C 451 14.29 -1.12 -11.61
C ARG C 451 14.58 0.34 -11.86
N GLU C 452 13.58 1.20 -11.70
CA GLU C 452 13.75 2.61 -12.02
C GLU C 452 14.61 3.31 -10.99
N ILE C 453 14.57 2.87 -9.73
CA ILE C 453 15.49 3.42 -8.74
C ILE C 453 16.93 3.10 -9.11
N GLY C 454 17.19 1.85 -9.51
CA GLY C 454 18.53 1.49 -9.94
C GLY C 454 18.99 2.24 -11.16
N HIS C 455 18.10 2.39 -12.15
CA HIS C 455 18.45 3.13 -13.36
C HIS C 455 18.74 4.59 -13.06
N GLY C 456 17.92 5.22 -12.21
CA GLY C 456 18.18 6.59 -11.82
C GLY C 456 19.49 6.74 -11.07
N ALA C 457 19.80 5.77 -10.21
CA ALA C 457 21.08 5.80 -9.50
C ALA C 457 22.24 5.68 -10.48
N LEU C 458 22.12 4.81 -11.48
CA LEU C 458 23.17 4.68 -12.49
C LEU C 458 23.36 5.98 -13.26
N ALA C 459 22.26 6.62 -13.66
CA ALA C 459 22.37 7.87 -14.40
C ALA C 459 22.97 8.97 -13.53
N GLU C 460 22.58 9.05 -12.26
CA GLU C 460 23.14 10.06 -11.38
C GLU C 460 24.61 9.82 -11.13
N ARG C 461 25.02 8.55 -11.03
CA ARG C 461 26.44 8.24 -10.88
C ARG C 461 27.21 8.60 -12.13
N ALA C 462 26.60 8.43 -13.31
CA ALA C 462 27.23 8.86 -14.55
C ALA C 462 27.42 10.37 -14.58
N LEU C 463 26.42 11.13 -14.13
CA LEU C 463 26.47 12.59 -14.28
C LEU C 463 27.13 13.32 -13.12
N VAL C 464 27.38 12.67 -11.99
CA VAL C 464 28.03 13.35 -10.87
C VAL C 464 29.44 13.84 -11.19
N PRO C 465 30.33 13.03 -11.79
CA PRO C 465 31.73 13.49 -11.93
C PRO C 465 31.92 14.74 -12.76
N VAL C 466 30.95 15.09 -13.61
CA VAL C 466 31.10 16.22 -14.52
C VAL C 466 30.25 17.39 -14.05
N LEU C 467 30.03 17.48 -12.76
CA LEU C 467 29.18 18.54 -12.22
C LEU C 467 30.01 19.71 -11.71
N PRO C 468 29.47 20.92 -11.81
CA PRO C 468 30.18 22.09 -11.26
C PRO C 468 30.27 22.03 -9.74
N SER C 469 31.34 22.63 -9.23
CA SER C 469 31.54 22.68 -7.78
C SER C 469 30.46 23.52 -7.11
N VAL C 470 30.15 23.17 -5.86
CA VAL C 470 29.06 23.83 -5.15
C VAL C 470 29.39 25.30 -4.89
N GLU C 471 30.67 25.60 -4.61
CA GLU C 471 31.05 26.98 -4.38
C GLU C 471 30.95 27.80 -5.65
N GLU C 472 31.42 27.25 -6.77
CA GLU C 472 31.33 27.96 -8.05
C GLU C 472 29.90 28.07 -8.53
N PHE C 473 29.08 27.04 -8.28
CA PHE C 473 27.70 27.00 -8.76
C PHE C 473 26.85 26.44 -7.63
N PRO C 474 26.22 27.31 -6.83
CA PRO C 474 25.46 26.91 -5.63
C PRO C 474 23.97 26.64 -5.86
N TYR C 475 23.66 25.49 -6.45
CA TYR C 475 22.27 25.12 -6.66
C TYR C 475 22.08 23.63 -6.44
N ALA C 476 20.84 23.25 -6.18
CA ALA C 476 20.43 21.85 -6.11
C ALA C 476 19.70 21.49 -7.40
N ILE C 477 20.14 20.42 -8.05
CA ILE C 477 19.67 20.04 -9.37
C ILE C 477 18.81 18.80 -9.24
N ARG C 478 17.61 18.84 -9.83
CA ARG C 478 16.67 17.72 -9.82
C ARG C 478 16.39 17.35 -11.27
N GLN C 479 17.12 16.37 -11.78
CA GLN C 479 17.02 15.96 -13.17
C GLN C 479 15.98 14.86 -13.30
N VAL C 480 14.89 15.15 -13.98
CA VAL C 480 13.84 14.17 -14.25
C VAL C 480 14.04 13.62 -15.65
N SER C 481 14.07 12.29 -15.77
CA SER C 481 14.17 11.62 -17.06
C SER C 481 12.93 10.76 -17.24
N GLU C 482 12.05 11.15 -18.14
CA GLU C 482 10.78 10.47 -18.38
C GLU C 482 10.89 9.69 -19.67
N ALA C 483 10.88 8.36 -19.56
CA ALA C 483 11.00 7.50 -20.74
C ALA C 483 9.70 7.54 -21.52
N LEU C 484 9.69 8.33 -22.60
CA LEU C 484 8.48 8.48 -23.41
C LEU C 484 8.28 7.35 -24.41
N GLY C 485 9.35 6.67 -24.82
CA GLY C 485 9.23 5.52 -25.69
C GLY C 485 10.39 4.57 -25.45
N SER C 486 10.14 3.27 -25.39
CA SER C 486 11.14 2.34 -24.93
C SER C 486 11.27 1.15 -25.88
N ASN C 487 12.51 0.67 -26.00
CA ASN C 487 12.81 -0.62 -26.62
C ASN C 487 13.80 -1.41 -25.77
N GLY C 488 13.87 -1.11 -24.49
CA GLY C 488 14.83 -1.72 -23.57
C GLY C 488 16.12 -0.93 -23.49
N SER C 489 16.74 -0.98 -22.32
CA SER C 489 18.04 -0.34 -22.06
C SER C 489 17.98 1.17 -22.34
N THR C 490 17.16 1.85 -21.55
CA THR C 490 16.97 3.29 -21.69
C THR C 490 17.70 4.10 -20.65
N SER C 491 18.59 3.47 -19.87
CA SER C 491 19.36 4.22 -18.88
C SER C 491 20.39 5.13 -19.52
N MET C 492 21.16 4.62 -20.50
CA MET C 492 22.20 5.43 -21.11
C MET C 492 21.62 6.54 -21.96
N GLY C 493 20.50 6.26 -22.65
CA GLY C 493 19.77 7.34 -23.30
C GLY C 493 19.30 8.39 -22.33
N SER C 494 18.92 7.96 -21.13
CA SER C 494 18.57 8.91 -20.08
C SER C 494 19.77 9.75 -19.69
N VAL C 495 20.97 9.15 -19.70
CA VAL C 495 22.19 9.90 -19.40
C VAL C 495 22.42 10.97 -20.47
N CYS C 496 22.29 10.59 -21.74
CA CYS C 496 22.47 11.54 -22.83
C CYS C 496 21.46 12.68 -22.73
N ALA C 497 20.19 12.35 -22.52
CA ALA C 497 19.17 13.39 -22.41
C ALA C 497 19.43 14.27 -21.19
N SER C 498 19.92 13.68 -20.11
CA SER C 498 20.20 14.45 -18.90
C SER C 498 21.32 15.44 -19.13
N THR C 499 22.40 15.03 -19.82
CA THR C 499 23.48 15.98 -20.04
C THR C 499 23.07 17.06 -21.05
N LEU C 500 22.25 16.70 -22.05
CA LEU C 500 21.73 17.71 -22.96
C LEU C 500 20.89 18.74 -22.21
N ALA C 501 19.98 18.27 -21.36
CA ALA C 501 19.12 19.19 -20.63
C ALA C 501 19.92 20.01 -19.61
N LEU C 502 20.97 19.43 -19.03
CA LEU C 502 21.83 20.18 -18.12
C LEU C 502 22.55 21.30 -18.87
N LEU C 503 23.07 21.01 -20.06
CA LEU C 503 23.68 22.07 -20.86
C LEU C 503 22.65 23.15 -21.20
N ASN C 504 21.42 22.74 -21.54
CA ASN C 504 20.38 23.71 -21.86
C ASN C 504 20.04 24.59 -20.66
N ALA C 505 19.97 24.01 -19.47
CA ALA C 505 19.62 24.78 -18.28
C ALA C 505 20.65 25.87 -17.99
N GLY C 506 21.93 25.54 -18.12
CA GLY C 506 22.97 26.53 -17.91
C GLY C 506 24.03 26.12 -16.91
N VAL C 507 23.95 24.90 -16.41
CA VAL C 507 25.01 24.44 -15.49
C VAL C 507 26.29 24.23 -16.28
N PRO C 508 27.41 24.77 -15.84
CA PRO C 508 28.66 24.54 -16.57
C PRO C 508 29.17 23.12 -16.38
N LEU C 509 29.02 22.30 -17.42
CA LEU C 509 29.51 20.93 -17.36
C LEU C 509 31.03 20.90 -17.43
N LYS C 510 31.64 19.99 -16.68
CA LYS C 510 33.08 19.78 -16.82
C LYS C 510 33.42 19.29 -18.21
N ALA C 511 32.62 18.37 -18.74
CA ALA C 511 32.72 17.86 -20.10
C ALA C 511 31.46 17.06 -20.41
N PRO C 512 30.89 17.20 -21.61
CA PRO C 512 29.69 16.42 -21.95
C PRO C 512 29.97 14.93 -21.81
N VAL C 513 28.99 14.20 -21.29
CA VAL C 513 29.09 12.77 -21.04
C VAL C 513 27.97 12.06 -21.78
N ALA C 514 28.32 11.08 -22.59
CA ALA C 514 27.34 10.28 -23.30
C ALA C 514 27.30 8.87 -22.70
N GLY C 515 26.49 8.02 -23.30
CA GLY C 515 26.36 6.65 -22.83
C GLY C 515 25.90 5.75 -23.95
N ILE C 516 26.11 4.46 -23.75
CA ILE C 516 25.80 3.46 -24.77
C ILE C 516 25.48 2.13 -24.08
N ALA C 517 24.55 1.39 -24.66
CA ALA C 517 24.18 0.07 -24.11
C ALA C 517 24.89 -1.01 -24.94
N MET C 518 26.12 -1.36 -24.56
CA MET C 518 26.91 -2.34 -25.37
C MET C 518 26.43 -3.77 -25.07
N GLY C 519 27.24 -4.76 -25.46
CA GLY C 519 26.86 -6.17 -25.26
C GLY C 519 27.50 -7.06 -26.31
N LEU C 520 27.59 -8.37 -26.04
CA LEU C 520 28.22 -9.28 -26.98
C LEU C 520 27.65 -10.68 -26.79
N VAL C 521 27.75 -11.46 -27.87
CA VAL C 521 27.34 -12.86 -27.90
C VAL C 521 28.59 -13.72 -27.96
N SER C 522 28.71 -14.65 -27.02
CA SER C 522 29.87 -15.53 -26.93
C SER C 522 29.41 -16.98 -26.97
N ASP C 523 30.00 -17.77 -27.86
CA ASP C 523 29.62 -19.17 -27.95
C ASP C 523 30.79 -19.96 -28.51
N ASP C 524 30.53 -21.21 -28.86
CA ASP C 524 31.54 -22.09 -29.44
C ASP C 524 31.05 -22.61 -30.79
N ILE C 525 31.94 -22.65 -31.77
CA ILE C 525 31.62 -23.13 -33.10
C ILE C 525 32.59 -24.24 -33.47
N GLN C 526 32.06 -25.37 -33.90
CA GLN C 526 32.88 -26.50 -34.31
C GLN C 526 32.99 -26.54 -35.83
N VAL C 527 34.21 -26.73 -36.31
CA VAL C 527 34.47 -26.85 -37.74
C VAL C 527 35.25 -28.13 -38.00
N GLU C 528 35.12 -28.65 -39.21
CA GLU C 528 35.89 -29.81 -39.66
C GLU C 528 37.11 -29.42 -40.47
N GLY C 529 37.47 -28.14 -40.50
CA GLY C 529 38.65 -27.68 -41.22
C GLY C 529 39.95 -28.24 -40.69
N ALA C 530 39.96 -28.78 -39.47
CA ALA C 530 41.14 -29.45 -38.93
C ALA C 530 40.76 -30.82 -38.39
N VAL C 531 40.02 -31.60 -39.19
CA VAL C 531 39.59 -32.95 -38.85
C VAL C 531 38.73 -32.94 -37.60
N ASP C 532 37.63 -32.19 -37.65
CA ASP C 532 36.63 -32.01 -36.60
C ASP C 532 37.22 -31.78 -35.21
N GLY C 533 36.34 -31.66 -34.21
CA GLY C 533 36.78 -31.40 -32.86
C GLY C 533 37.39 -30.02 -32.69
N VAL C 534 37.31 -29.22 -33.75
CA VAL C 534 37.84 -27.86 -33.73
C VAL C 534 36.74 -26.94 -33.22
N VAL C 535 36.64 -26.82 -31.90
CA VAL C 535 35.62 -26.02 -31.26
C VAL C 535 36.27 -24.72 -30.80
N GLU C 536 36.06 -23.66 -31.57
CA GLU C 536 36.64 -22.35 -31.28
C GLU C 536 35.63 -21.49 -30.53
N ARG C 537 36.12 -20.79 -29.52
CA ARG C 537 35.29 -19.90 -28.71
C ARG C 537 35.26 -18.53 -29.38
N ARG C 538 34.11 -18.17 -29.93
CA ARG C 538 33.95 -16.95 -30.71
C ARG C 538 33.13 -15.93 -29.92
N PHE C 539 33.63 -14.70 -29.88
CA PHE C 539 32.94 -13.56 -29.28
C PHE C 539 32.63 -12.54 -30.38
N VAL C 540 31.38 -12.08 -30.43
CA VAL C 540 30.99 -11.04 -31.36
C VAL C 540 30.34 -9.91 -30.56
N THR C 541 30.91 -8.71 -30.64
CA THR C 541 30.39 -7.57 -29.90
C THR C 541 29.51 -6.73 -30.81
N LEU C 542 28.27 -6.49 -30.37
CA LEU C 542 27.26 -5.79 -31.16
C LEU C 542 26.73 -4.59 -30.40
N THR C 543 26.49 -3.50 -31.11
CA THR C 543 26.18 -2.20 -30.55
C THR C 543 24.69 -1.87 -30.69
N ASP C 544 24.18 -1.04 -29.77
CA ASP C 544 22.76 -0.69 -29.69
C ASP C 544 21.89 -1.94 -29.54
N ILE C 545 22.07 -2.59 -28.39
CA ILE C 545 21.25 -3.73 -28.07
C ILE C 545 19.80 -3.30 -27.84
N LEU C 546 18.90 -4.26 -27.96
CA LEU C 546 17.48 -4.04 -27.70
C LEU C 546 16.99 -5.05 -26.68
N GLY C 547 15.67 -5.11 -26.47
CA GLY C 547 15.13 -6.17 -25.64
C GLY C 547 15.43 -7.55 -26.20
N ALA C 548 15.27 -7.71 -27.52
CA ALA C 548 15.63 -8.97 -28.15
C ALA C 548 17.13 -9.24 -28.01
N GLU C 549 17.96 -8.22 -28.27
CA GLU C 549 19.40 -8.40 -28.15
C GLU C 549 19.79 -8.76 -26.72
N ASP C 550 19.12 -8.15 -25.74
CA ASP C 550 19.32 -8.57 -24.35
C ASP C 550 18.95 -10.03 -24.15
N ALA C 551 17.85 -10.47 -24.78
CA ALA C 551 17.44 -11.86 -24.67
C ALA C 551 18.40 -12.81 -25.37
N PHE C 552 19.20 -12.31 -26.33
CA PHE C 552 20.10 -13.16 -27.09
C PHE C 552 21.54 -13.06 -26.59
N GLY C 553 21.99 -11.87 -26.22
CA GLY C 553 23.38 -11.69 -25.84
C GLY C 553 23.72 -12.44 -24.56
N ASP C 554 24.91 -13.04 -24.55
CA ASP C 554 25.34 -13.79 -23.38
C ASP C 554 25.72 -12.86 -22.23
N MET C 555 26.46 -11.79 -22.51
CA MET C 555 26.78 -10.80 -21.50
C MET C 555 26.49 -9.42 -22.08
N ASP C 556 25.76 -8.62 -21.31
CA ASP C 556 25.31 -7.29 -21.74
C ASP C 556 25.83 -6.25 -20.76
N PHE C 557 26.46 -5.21 -21.28
CA PHE C 557 27.04 -4.18 -20.43
C PHE C 557 26.75 -2.80 -21.02
N LYS C 558 26.80 -1.79 -20.16
CA LYS C 558 26.51 -0.42 -20.52
C LYS C 558 27.68 0.46 -20.09
N VAL C 559 28.15 1.32 -21.00
CA VAL C 559 29.30 2.16 -20.72
C VAL C 559 28.93 3.61 -20.99
N ALA C 560 29.27 4.50 -20.06
CA ALA C 560 29.03 5.92 -20.21
C ALA C 560 30.28 6.68 -19.80
N GLY C 561 30.48 7.84 -20.40
CA GLY C 561 31.62 8.66 -20.06
C GLY C 561 31.74 9.85 -20.99
N THR C 562 32.75 10.66 -20.71
CA THR C 562 33.07 11.81 -21.53
C THR C 562 33.94 11.36 -22.70
N LYS C 563 34.49 12.31 -23.45
CA LYS C 563 35.39 11.96 -24.54
C LYS C 563 36.75 11.49 -24.03
N ASP C 564 37.11 11.83 -22.79
CA ASP C 564 38.40 11.46 -22.23
C ASP C 564 38.33 10.14 -21.46
N PHE C 565 37.48 10.08 -20.44
CA PHE C 565 37.40 8.94 -19.55
C PHE C 565 35.95 8.51 -19.39
N VAL C 566 35.77 7.36 -18.73
CA VAL C 566 34.44 6.81 -18.47
C VAL C 566 34.00 7.20 -17.07
N THR C 567 32.70 7.41 -16.91
CA THR C 567 32.11 7.78 -15.63
C THR C 567 31.28 6.67 -15.01
N ALA C 568 30.53 5.92 -15.80
CA ALA C 568 29.72 4.83 -15.31
C ALA C 568 29.92 3.60 -16.18
N LEU C 569 29.88 2.42 -15.55
CA LEU C 569 30.03 1.17 -16.29
C LEU C 569 29.29 0.07 -15.53
N GLN C 570 28.28 -0.51 -16.17
CA GLN C 570 27.50 -1.58 -15.57
C GLN C 570 27.65 -2.83 -16.42
N LEU C 571 27.99 -3.95 -15.78
CA LEU C 571 28.22 -5.21 -16.47
C LEU C 571 27.53 -6.32 -15.70
N ASP C 572 26.80 -7.17 -16.42
CA ASP C 572 26.15 -8.33 -15.83
C ASP C 572 26.33 -9.51 -16.78
N THR C 573 26.89 -10.60 -16.29
CA THR C 573 27.24 -11.71 -17.15
C THR C 573 27.08 -13.03 -16.41
N LYS C 574 27.26 -14.12 -17.17
CA LYS C 574 27.26 -15.46 -16.62
C LYS C 574 28.36 -16.32 -17.22
N LEU C 575 29.23 -15.74 -18.06
CA LEU C 575 30.25 -16.52 -18.75
C LEU C 575 31.31 -17.02 -17.77
N ASP C 576 31.92 -18.14 -18.12
CA ASP C 576 32.97 -18.74 -17.30
C ASP C 576 34.33 -18.07 -17.49
N GLY C 577 34.43 -17.10 -18.40
CA GLY C 577 35.68 -16.39 -18.60
C GLY C 577 35.84 -15.81 -19.99
N ILE C 578 36.36 -14.59 -20.06
CA ILE C 578 36.61 -13.92 -21.34
C ILE C 578 38.00 -13.30 -21.28
N PRO C 579 38.86 -13.54 -22.28
CA PRO C 579 40.21 -12.98 -22.24
C PRO C 579 40.20 -11.47 -22.40
N SER C 580 41.31 -10.85 -21.98
CA SER C 580 41.42 -9.39 -22.03
C SER C 580 41.37 -8.86 -23.44
N GLN C 581 41.64 -9.69 -24.45
CA GLN C 581 41.59 -9.22 -25.84
C GLN C 581 40.18 -8.77 -26.20
N VAL C 582 39.17 -9.61 -25.96
CA VAL C 582 37.81 -9.24 -26.33
C VAL C 582 37.27 -8.15 -25.41
N LEU C 583 37.68 -8.15 -24.13
CA LEU C 583 37.23 -7.11 -23.23
C LEU C 583 37.73 -5.74 -23.69
N ALA C 584 39.01 -5.67 -24.06
CA ALA C 584 39.56 -4.42 -24.57
C ALA C 584 38.91 -4.03 -25.89
N GLY C 585 38.69 -5.00 -26.78
CA GLY C 585 38.06 -4.67 -28.06
C GLY C 585 36.65 -4.14 -27.90
N ALA C 586 35.84 -4.80 -27.06
CA ALA C 586 34.48 -4.34 -26.82
C ALA C 586 34.47 -2.98 -26.14
N LEU C 587 35.38 -2.76 -25.19
CA LEU C 587 35.47 -1.46 -24.54
C LEU C 587 35.83 -0.36 -25.54
N GLU C 588 36.78 -0.63 -26.44
CA GLU C 588 37.17 0.37 -27.42
C GLU C 588 36.03 0.67 -28.39
N GLN C 589 35.30 -0.38 -28.81
CA GLN C 589 34.13 -0.15 -29.65
C GLN C 589 33.09 0.68 -28.94
N ALA C 590 32.89 0.43 -27.64
CA ALA C 590 32.00 1.25 -26.84
C ALA C 590 32.47 2.70 -26.82
N LYS C 591 33.77 2.91 -26.69
CA LYS C 591 34.31 4.27 -26.68
C LYS C 591 34.05 4.97 -28.02
N ASP C 592 34.20 4.25 -29.13
CA ASP C 592 33.92 4.84 -30.43
C ASP C 592 32.45 5.22 -30.56
N ALA C 593 31.55 4.35 -30.11
CA ALA C 593 30.12 4.68 -30.15
C ALA C 593 29.82 5.89 -29.29
N ARG C 594 30.41 5.95 -28.10
CA ARG C 594 30.25 7.11 -27.22
C ARG C 594 30.75 8.37 -27.90
N LEU C 595 31.87 8.28 -28.62
CA LEU C 595 32.42 9.46 -29.28
C LEU C 595 31.49 9.96 -30.38
N THR C 596 30.91 9.05 -31.16
CA THR C 596 29.97 9.48 -32.19
C THR C 596 28.72 10.12 -31.59
N ILE C 597 28.19 9.51 -30.52
CA ILE C 597 27.02 10.08 -29.86
C ILE C 597 27.36 11.44 -29.26
N LEU C 598 28.57 11.58 -28.71
CA LEU C 598 29.02 12.85 -28.16
C LEU C 598 29.11 13.92 -29.25
N GLU C 599 29.59 13.53 -30.44
CA GLU C 599 29.64 14.47 -31.56
C GLU C 599 28.24 14.95 -31.94
N VAL C 600 27.28 14.03 -31.98
CA VAL C 600 25.91 14.45 -32.31
C VAL C 600 25.36 15.38 -31.23
N MET C 601 25.57 15.05 -29.96
CA MET C 601 25.11 15.91 -28.89
C MET C 601 25.77 17.29 -28.95
N ALA C 602 27.05 17.32 -29.31
CA ALA C 602 27.75 18.60 -29.44
C ALA C 602 27.18 19.43 -30.57
N GLU C 603 26.88 18.80 -31.70
CA GLU C 603 26.27 19.55 -32.81
C GLU C 603 24.85 19.97 -32.47
N ALA C 604 24.20 19.32 -31.51
CA ALA C 604 22.91 19.80 -31.02
C ALA C 604 23.10 21.05 -30.16
N ILE C 605 23.82 20.91 -29.05
CA ILE C 605 24.17 22.03 -28.19
C ILE C 605 25.63 21.87 -27.77
N ASP C 606 26.36 22.98 -27.71
CA ASP C 606 27.80 22.94 -27.50
C ASP C 606 28.23 23.46 -26.13
N ARG C 607 27.71 24.60 -25.71
CA ARG C 607 28.18 25.29 -24.52
C ARG C 607 27.01 25.59 -23.60
N PRO C 608 27.27 25.73 -22.30
CA PRO C 608 26.20 26.14 -21.38
C PRO C 608 25.69 27.54 -21.70
N ASP C 609 24.44 27.63 -22.13
CA ASP C 609 23.87 28.92 -22.53
C ASP C 609 23.38 29.67 -21.30
N GLU C 610 22.67 30.77 -21.52
CA GLU C 610 22.22 31.62 -20.42
C GLU C 610 21.18 30.91 -19.57
N MET C 611 21.12 31.30 -18.30
CA MET C 611 20.13 30.75 -17.39
C MET C 611 18.72 31.10 -17.86
N SER C 612 17.78 30.19 -17.65
CA SER C 612 16.41 30.44 -18.03
C SER C 612 15.85 31.61 -17.23
N PRO C 613 14.98 32.42 -17.83
CA PRO C 613 14.45 33.59 -17.12
C PRO C 613 13.70 33.25 -15.84
N TYR C 614 13.02 32.10 -15.81
CA TYR C 614 12.27 31.72 -14.62
C TYR C 614 13.16 31.22 -13.49
N ALA C 615 14.35 30.73 -13.80
CA ALA C 615 15.25 30.23 -12.77
C ALA C 615 15.74 31.38 -11.89
N PRO C 616 15.95 31.12 -10.59
CA PRO C 616 16.37 32.18 -9.68
C PRO C 616 17.88 32.35 -9.64
N ARG C 617 18.29 33.57 -9.29
CA ARG C 617 19.70 33.91 -9.09
C ARG C 617 19.89 34.31 -7.64
N VAL C 618 20.82 33.63 -6.96
CA VAL C 618 21.05 33.86 -5.55
C VAL C 618 22.29 34.73 -5.36
N THR C 619 23.30 34.53 -6.19
CA THR C 619 24.53 35.30 -6.10
C THR C 619 24.70 36.20 -7.32
#